data_8PFX
# 
_entry.id   8PFX 
# 
_audit_conform.dict_name       mmcif_pdbx.dic 
_audit_conform.dict_version    5.398 
_audit_conform.dict_location   http://mmcif.pdb.org/dictionaries/ascii/mmcif_pdbx.dic 
# 
loop_
_database_2.database_id 
_database_2.database_code 
_database_2.pdbx_database_accession 
_database_2.pdbx_DOI 
PDB   8PFX         pdb_00008pfx 10.2210/pdb8pfx/pdb 
WWPDB D_1292131273 ?            ?                   
# 
loop_
_pdbx_audit_revision_history.ordinal 
_pdbx_audit_revision_history.data_content_type 
_pdbx_audit_revision_history.major_revision 
_pdbx_audit_revision_history.minor_revision 
_pdbx_audit_revision_history.revision_date 
1 'Structure model' 1 0 2023-07-19 
2 'Structure model' 1 1 2024-11-13 
# 
_pdbx_audit_revision_details.ordinal             1 
_pdbx_audit_revision_details.revision_ordinal    1 
_pdbx_audit_revision_details.data_content_type   'Structure model' 
_pdbx_audit_revision_details.provider            repository 
_pdbx_audit_revision_details.type                'Initial release' 
_pdbx_audit_revision_details.description         ? 
_pdbx_audit_revision_details.details             ? 
# 
loop_
_pdbx_audit_revision_group.ordinal 
_pdbx_audit_revision_group.revision_ordinal 
_pdbx_audit_revision_group.data_content_type 
_pdbx_audit_revision_group.group 
1 2 'Structure model' 'Data collection'     
2 2 'Structure model' 'Database references' 
3 2 'Structure model' 'Structure summary'   
# 
loop_
_pdbx_audit_revision_category.ordinal 
_pdbx_audit_revision_category.revision_ordinal 
_pdbx_audit_revision_category.data_content_type 
_pdbx_audit_revision_category.category 
1 2 'Structure model' chem_comp_atom            
2 2 'Structure model' chem_comp_bond            
3 2 'Structure model' citation                  
4 2 'Structure model' pdbx_entry_details        
5 2 'Structure model' pdbx_modification_feature 
6 2 'Structure model' pdbx_validate_planes      
# 
loop_
_pdbx_audit_revision_item.ordinal 
_pdbx_audit_revision_item.revision_ordinal 
_pdbx_audit_revision_item.data_content_type 
_pdbx_audit_revision_item.item 
1 2 'Structure model' '_citation.country'                            
2 2 'Structure model' '_citation.journal_id_ISSN'                    
3 2 'Structure model' '_pdbx_entry_details.has_protein_modification' 
4 2 'Structure model' '_pdbx_validate_planes.type'                   
# 
_pdbx_database_status.status_code                     REL 
_pdbx_database_status.status_code_sf                  REL 
_pdbx_database_status.status_code_mr                  ? 
_pdbx_database_status.entry_id                        8PFX 
_pdbx_database_status.recvd_initial_deposition_date   2023-06-16 
_pdbx_database_status.SG_entry                        N 
_pdbx_database_status.deposit_site                    PDBE 
_pdbx_database_status.process_site                    PDBE 
_pdbx_database_status.status_code_cs                  ? 
_pdbx_database_status.status_code_nmr_data            ? 
_pdbx_database_status.methods_development_category    ? 
_pdbx_database_status.pdb_format_compatible           Y 
# 
_pdbx_contact_author.id                 4 
_pdbx_contact_author.email              aaronter@ucm.es 
_pdbx_contact_author.name_first         Aaron 
_pdbx_contact_author.name_last          Teran 
_pdbx_contact_author.name_mi            ? 
_pdbx_contact_author.role               'principal investigator/group leader' 
_pdbx_contact_author.identifier_ORCID   0000-0001-6126-6230 
# 
loop_
_audit_author.name 
_audit_author.pdbx_ordinal 
_audit_author.identifier_ORCID 
'Teran, A.'   1 ? 
'Ferraro, G.' 2 ? 
'Merlino, A.' 3 ? 
# 
_citation.abstract                  ? 
_citation.abstract_id_CAS           ? 
_citation.book_id_ISBN              ? 
_citation.book_publisher            ? 
_citation.book_publisher_city       ? 
_citation.book_title                ? 
_citation.coordinate_linkage        ? 
_citation.country                   UK 
_citation.database_id_Medline       ? 
_citation.details                   ? 
_citation.id                        primary 
_citation.journal_abbrev            'Inorg Chem Front' 
_citation.journal_id_ASTM           ? 
_citation.journal_id_CSD            ? 
_citation.journal_id_ISSN           2052-1553 
_citation.journal_full              ? 
_citation.journal_issue             ? 
_citation.journal_volume            ? 
_citation.language                  ? 
_citation.page_first                ? 
_citation.page_last                 ? 
_citation.title                     'Charge effect in protein metalation reactions by diruthenium complexes' 
_citation.year                      2023 
_citation.database_id_CSD           ? 
_citation.pdbx_database_id_DOI      10.1039/D3QI01192E 
_citation.pdbx_database_id_PubMed   ? 
_citation.pdbx_database_id_patent   ? 
_citation.unpublished_flag          ? 
# 
loop_
_citation_author.citation_id 
_citation_author.name 
_citation_author.ordinal 
_citation_author.identifier_ORCID 
primary 'Herrero Dominguez, S.' 1 ? 
primary 'Teran, A.'             2 ? 
primary 'Ferraro, G.'           3 ? 
primary 'Sanchez-Pelaez, A.E.'  4 ? 
primary 'Merlino, A.'           5 ? 
# 
loop_
_entity.id 
_entity.type 
_entity.src_method 
_entity.pdbx_description 
_entity.formula_weight 
_entity.pdbx_number_of_molecules 
_entity.pdbx_ec 
_entity.pdbx_mutation 
_entity.pdbx_fragment 
_entity.details 
1 polymer     nat 'Lysozyme C' 14331.160 1   3.2.1.17 ? ? ? 
2 non-polymer syn 'SODIUM ION' 22.990    1   ?        ? ? ? 
3 non-polymer syn '4-(2-HYDROXYETHYL)-1-PIPERAZINE ETHANESULFONIC ACID' 238.305   1   ?        ? ? ? 
4 non-polymer syn 'FORMIC ACID' 46.025    2   ?        ? ? ? 
5 non-polymer syn 
'6,8-bis(4-fluorophenyl)-1,5-bis(oxidanyl)-2,4-dioxa-6,8-diaza-1$l^{4},5$l^{4}-diruthenabicyclo[3.3.0]octan-3-one' 528.392   3   ? 
? ? ? 
6 water       nat water 18.015    137 ?        ? ? ? 
# 
_entity_name_com.entity_id   1 
_entity_name_com.name        '1,4-beta-N-acetylmuramidase C,Allergen Gal d IV' 
# 
_entity_poly.entity_id                      1 
_entity_poly.type                           'polypeptide(L)' 
_entity_poly.nstd_linkage                   no 
_entity_poly.nstd_monomer                   no 
_entity_poly.pdbx_seq_one_letter_code       
;KVFGRCELAAAMKRHGLDNYRGYSLGNWVCAAKFESNFNTQATNRNTDGSTDYGILQINSRWWCNDGRTPGSRNLCNIPC
SALLSSDITASVNCAKKIVSDGNGMNAWVAWRNRCKGTDVQAWIRGCRL
;
_entity_poly.pdbx_seq_one_letter_code_can   
;KVFGRCELAAAMKRHGLDNYRGYSLGNWVCAAKFESNFNTQATNRNTDGSTDYGILQINSRWWCNDGRTPGSRNLCNIPC
SALLSSDITASVNCAKKIVSDGNGMNAWVAWRNRCKGTDVQAWIRGCRL
;
_entity_poly.pdbx_strand_id                 A 
_entity_poly.pdbx_target_identifier         ? 
# 
loop_
_pdbx_entity_nonpoly.entity_id 
_pdbx_entity_nonpoly.name 
_pdbx_entity_nonpoly.comp_id 
2 'SODIUM ION'                                                                                                       NA  
3 '4-(2-HYDROXYETHYL)-1-PIPERAZINE ETHANESULFONIC ACID'                                                              EPE 
4 'FORMIC ACID'                                                                                                      FMT 
5 '6,8-bis(4-fluorophenyl)-1,5-bis(oxidanyl)-2,4-dioxa-6,8-diaza-1$l^{4},5$l^{4}-diruthenabicyclo[3.3.0]octan-3-one' YJT 
6 water                                                                                                              HOH 
# 
loop_
_entity_poly_seq.entity_id 
_entity_poly_seq.num 
_entity_poly_seq.mon_id 
_entity_poly_seq.hetero 
1 1   LYS n 
1 2   VAL n 
1 3   PHE n 
1 4   GLY n 
1 5   ARG n 
1 6   CYS n 
1 7   GLU n 
1 8   LEU n 
1 9   ALA n 
1 10  ALA n 
1 11  ALA n 
1 12  MET n 
1 13  LYS n 
1 14  ARG n 
1 15  HIS n 
1 16  GLY n 
1 17  LEU n 
1 18  ASP n 
1 19  ASN n 
1 20  TYR n 
1 21  ARG n 
1 22  GLY n 
1 23  TYR n 
1 24  SER n 
1 25  LEU n 
1 26  GLY n 
1 27  ASN n 
1 28  TRP n 
1 29  VAL n 
1 30  CYS n 
1 31  ALA n 
1 32  ALA n 
1 33  LYS n 
1 34  PHE n 
1 35  GLU n 
1 36  SER n 
1 37  ASN n 
1 38  PHE n 
1 39  ASN n 
1 40  THR n 
1 41  GLN n 
1 42  ALA n 
1 43  THR n 
1 44  ASN n 
1 45  ARG n 
1 46  ASN n 
1 47  THR n 
1 48  ASP n 
1 49  GLY n 
1 50  SER n 
1 51  THR n 
1 52  ASP n 
1 53  TYR n 
1 54  GLY n 
1 55  ILE n 
1 56  LEU n 
1 57  GLN n 
1 58  ILE n 
1 59  ASN n 
1 60  SER n 
1 61  ARG n 
1 62  TRP n 
1 63  TRP n 
1 64  CYS n 
1 65  ASN n 
1 66  ASP n 
1 67  GLY n 
1 68  ARG n 
1 69  THR n 
1 70  PRO n 
1 71  GLY n 
1 72  SER n 
1 73  ARG n 
1 74  ASN n 
1 75  LEU n 
1 76  CYS n 
1 77  ASN n 
1 78  ILE n 
1 79  PRO n 
1 80  CYS n 
1 81  SER n 
1 82  ALA n 
1 83  LEU n 
1 84  LEU n 
1 85  SER n 
1 86  SER n 
1 87  ASP n 
1 88  ILE n 
1 89  THR n 
1 90  ALA n 
1 91  SER n 
1 92  VAL n 
1 93  ASN n 
1 94  CYS n 
1 95  ALA n 
1 96  LYS n 
1 97  LYS n 
1 98  ILE n 
1 99  VAL n 
1 100 SER n 
1 101 ASP n 
1 102 GLY n 
1 103 ASN n 
1 104 GLY n 
1 105 MET n 
1 106 ASN n 
1 107 ALA n 
1 108 TRP n 
1 109 VAL n 
1 110 ALA n 
1 111 TRP n 
1 112 ARG n 
1 113 ASN n 
1 114 ARG n 
1 115 CYS n 
1 116 LYS n 
1 117 GLY n 
1 118 THR n 
1 119 ASP n 
1 120 VAL n 
1 121 GLN n 
1 122 ALA n 
1 123 TRP n 
1 124 ILE n 
1 125 ARG n 
1 126 GLY n 
1 127 CYS n 
1 128 ARG n 
1 129 LEU n 
# 
_entity_src_nat.entity_id                  1 
_entity_src_nat.pdbx_src_id                1 
_entity_src_nat.pdbx_alt_source_flag       sample 
_entity_src_nat.pdbx_beg_seq_num           1 
_entity_src_nat.pdbx_end_seq_num           129 
_entity_src_nat.common_name                chicken 
_entity_src_nat.pdbx_organism_scientific   'Gallus gallus' 
_entity_src_nat.pdbx_ncbi_taxonomy_id      9031 
_entity_src_nat.genus                      ? 
_entity_src_nat.species                    ? 
_entity_src_nat.strain                     ? 
_entity_src_nat.tissue                     ? 
_entity_src_nat.tissue_fraction            ? 
_entity_src_nat.pdbx_secretion             ? 
_entity_src_nat.pdbx_fragment              ? 
_entity_src_nat.pdbx_variant               ? 
_entity_src_nat.pdbx_cell_line             ? 
_entity_src_nat.pdbx_atcc                  ? 
_entity_src_nat.pdbx_cellular_location     ? 
_entity_src_nat.pdbx_organ                 ? 
_entity_src_nat.pdbx_organelle             ? 
_entity_src_nat.pdbx_cell                  ? 
_entity_src_nat.pdbx_plasmid_name          ? 
_entity_src_nat.pdbx_plasmid_details       ? 
_entity_src_nat.details                    ? 
# 
loop_
_chem_comp.id 
_chem_comp.type 
_chem_comp.mon_nstd_flag 
_chem_comp.name 
_chem_comp.pdbx_synonyms 
_chem_comp.formula 
_chem_comp.formula_weight 
ALA 'L-peptide linking' y ALANINE ?     'C3 H7 N O2'           89.093  
ARG 'L-peptide linking' y ARGININE ?     'C6 H15 N4 O2 1'       175.209 
ASN 'L-peptide linking' y ASPARAGINE ?     'C4 H8 N2 O3'          132.118 
ASP 'L-peptide linking' y 'ASPARTIC ACID' ?     'C4 H7 N O4'           133.103 
CYS 'L-peptide linking' y CYSTEINE ?     'C3 H7 N O2 S'         121.158 
EPE non-polymer         . '4-(2-HYDROXYETHYL)-1-PIPERAZINE ETHANESULFONIC ACID' HEPES 'C8 H18 N2 O4 S'       238.305 
FMT non-polymer         . 'FORMIC ACID' ?     'C H2 O2'              46.025  
GLN 'L-peptide linking' y GLUTAMINE ?     'C5 H10 N2 O3'         146.144 
GLU 'L-peptide linking' y 'GLUTAMIC ACID' ?     'C5 H9 N O4'           147.129 
GLY 'peptide linking'   y GLYCINE ?     'C2 H5 N O2'           75.067  
HIS 'L-peptide linking' y HISTIDINE ?     'C6 H10 N3 O2 1'       156.162 
HOH non-polymer         . WATER ?     'H2 O'                 18.015  
ILE 'L-peptide linking' y ISOLEUCINE ?     'C6 H13 N O2'          131.173 
LEU 'L-peptide linking' y LEUCINE ?     'C6 H13 N O2'          131.173 
LYS 'L-peptide linking' y LYSINE ?     'C6 H15 N2 O2 1'       147.195 
MET 'L-peptide linking' y METHIONINE ?     'C5 H11 N O2 S'        149.211 
NA  non-polymer         . 'SODIUM ION' ?     'Na 1'                 22.990  
PHE 'L-peptide linking' y PHENYLALANINE ?     'C9 H11 N O2'          165.189 
PRO 'L-peptide linking' y PROLINE ?     'C5 H9 N O2'           115.130 
SER 'L-peptide linking' y SERINE ?     'C3 H7 N O3'           105.093 
THR 'L-peptide linking' y THREONINE ?     'C4 H9 N O3'           119.119 
TRP 'L-peptide linking' y TRYPTOPHAN ?     'C11 H12 N2 O2'        204.225 
TYR 'L-peptide linking' y TYROSINE ?     'C9 H11 N O3'          181.189 
VAL 'L-peptide linking' y VALINE ?     'C5 H11 N O2'          117.146 
YJT non-polymer         . 
'6,8-bis(4-fluorophenyl)-1,5-bis(oxidanyl)-2,4-dioxa-6,8-diaza-1$l^{4},5$l^{4}-diruthenabicyclo[3.3.0]octan-3-one' ?     
'C14 H12 F2 N2 O5 Ru2' 528.392 
# 
loop_
_pdbx_poly_seq_scheme.asym_id 
_pdbx_poly_seq_scheme.entity_id 
_pdbx_poly_seq_scheme.seq_id 
_pdbx_poly_seq_scheme.mon_id 
_pdbx_poly_seq_scheme.ndb_seq_num 
_pdbx_poly_seq_scheme.pdb_seq_num 
_pdbx_poly_seq_scheme.auth_seq_num 
_pdbx_poly_seq_scheme.pdb_mon_id 
_pdbx_poly_seq_scheme.auth_mon_id 
_pdbx_poly_seq_scheme.pdb_strand_id 
_pdbx_poly_seq_scheme.pdb_ins_code 
_pdbx_poly_seq_scheme.hetero 
A 1 1   LYS 1   1   1   LYS LYS A . n 
A 1 2   VAL 2   2   2   VAL VAL A . n 
A 1 3   PHE 3   3   3   PHE PHE A . n 
A 1 4   GLY 4   4   4   GLY GLY A . n 
A 1 5   ARG 5   5   5   ARG ARG A . n 
A 1 6   CYS 6   6   6   CYS CYS A . n 
A 1 7   GLU 7   7   7   GLU GLU A . n 
A 1 8   LEU 8   8   8   LEU LEU A . n 
A 1 9   ALA 9   9   9   ALA ALA A . n 
A 1 10  ALA 10  10  10  ALA ALA A . n 
A 1 11  ALA 11  11  11  ALA ALA A . n 
A 1 12  MET 12  12  12  MET MET A . n 
A 1 13  LYS 13  13  13  LYS LYS A . n 
A 1 14  ARG 14  14  14  ARG ARG A . n 
A 1 15  HIS 15  15  15  HIS HIS A . n 
A 1 16  GLY 16  16  16  GLY GLY A . n 
A 1 17  LEU 17  17  17  LEU LEU A . n 
A 1 18  ASP 18  18  18  ASP ASP A . n 
A 1 19  ASN 19  19  19  ASN ASN A . n 
A 1 20  TYR 20  20  20  TYR TYR A . n 
A 1 21  ARG 21  21  21  ARG ARG A . n 
A 1 22  GLY 22  22  22  GLY GLY A . n 
A 1 23  TYR 23  23  23  TYR TYR A . n 
A 1 24  SER 24  24  24  SER SER A . n 
A 1 25  LEU 25  25  25  LEU LEU A . n 
A 1 26  GLY 26  26  26  GLY GLY A . n 
A 1 27  ASN 27  27  27  ASN ASN A . n 
A 1 28  TRP 28  28  28  TRP TRP A . n 
A 1 29  VAL 29  29  29  VAL VAL A . n 
A 1 30  CYS 30  30  30  CYS CYS A . n 
A 1 31  ALA 31  31  31  ALA ALA A . n 
A 1 32  ALA 32  32  32  ALA ALA A . n 
A 1 33  LYS 33  33  33  LYS LYS A . n 
A 1 34  PHE 34  34  34  PHE PHE A . n 
A 1 35  GLU 35  35  35  GLU GLU A . n 
A 1 36  SER 36  36  36  SER SER A . n 
A 1 37  ASN 37  37  37  ASN ASN A . n 
A 1 38  PHE 38  38  38  PHE PHE A . n 
A 1 39  ASN 39  39  39  ASN ASN A . n 
A 1 40  THR 40  40  40  THR THR A . n 
A 1 41  GLN 41  41  41  GLN GLN A . n 
A 1 42  ALA 42  42  42  ALA ALA A . n 
A 1 43  THR 43  43  43  THR THR A . n 
A 1 44  ASN 44  44  44  ASN ASN A . n 
A 1 45  ARG 45  45  45  ARG ARG A . n 
A 1 46  ASN 46  46  46  ASN ASN A . n 
A 1 47  THR 47  47  47  THR THR A . n 
A 1 48  ASP 48  48  48  ASP ASP A . n 
A 1 49  GLY 49  49  49  GLY GLY A . n 
A 1 50  SER 50  50  50  SER SER A . n 
A 1 51  THR 51  51  51  THR THR A . n 
A 1 52  ASP 52  52  52  ASP ASP A . n 
A 1 53  TYR 53  53  53  TYR TYR A . n 
A 1 54  GLY 54  54  54  GLY GLY A . n 
A 1 55  ILE 55  55  55  ILE ILE A . n 
A 1 56  LEU 56  56  56  LEU LEU A . n 
A 1 57  GLN 57  57  57  GLN GLN A . n 
A 1 58  ILE 58  58  58  ILE ILE A . n 
A 1 59  ASN 59  59  59  ASN ASN A . n 
A 1 60  SER 60  60  60  SER SER A . n 
A 1 61  ARG 61  61  61  ARG ARG A . n 
A 1 62  TRP 62  62  62  TRP TRP A . n 
A 1 63  TRP 63  63  63  TRP TRP A . n 
A 1 64  CYS 64  64  64  CYS CYS A . n 
A 1 65  ASN 65  65  65  ASN ASN A . n 
A 1 66  ASP 66  66  66  ASP ASP A . n 
A 1 67  GLY 67  67  67  GLY GLY A . n 
A 1 68  ARG 68  68  68  ARG ARG A . n 
A 1 69  THR 69  69  69  THR THR A . n 
A 1 70  PRO 70  70  70  PRO PRO A . n 
A 1 71  GLY 71  71  71  GLY GLY A . n 
A 1 72  SER 72  72  72  SER SER A . n 
A 1 73  ARG 73  73  73  ARG ARG A . n 
A 1 74  ASN 74  74  74  ASN ASN A . n 
A 1 75  LEU 75  75  75  LEU LEU A . n 
A 1 76  CYS 76  76  76  CYS CYS A . n 
A 1 77  ASN 77  77  77  ASN ASN A . n 
A 1 78  ILE 78  78  78  ILE ILE A . n 
A 1 79  PRO 79  79  79  PRO PRO A . n 
A 1 80  CYS 80  80  80  CYS CYS A . n 
A 1 81  SER 81  81  81  SER SER A . n 
A 1 82  ALA 82  82  82  ALA ALA A . n 
A 1 83  LEU 83  83  83  LEU LEU A . n 
A 1 84  LEU 84  84  84  LEU LEU A . n 
A 1 85  SER 85  85  85  SER SER A . n 
A 1 86  SER 86  86  86  SER SER A . n 
A 1 87  ASP 87  87  87  ASP ASP A . n 
A 1 88  ILE 88  88  88  ILE ILE A . n 
A 1 89  THR 89  89  89  THR THR A . n 
A 1 90  ALA 90  90  90  ALA ALA A . n 
A 1 91  SER 91  91  91  SER SER A . n 
A 1 92  VAL 92  92  92  VAL VAL A . n 
A 1 93  ASN 93  93  93  ASN ASN A . n 
A 1 94  CYS 94  94  94  CYS CYS A . n 
A 1 95  ALA 95  95  95  ALA ALA A . n 
A 1 96  LYS 96  96  96  LYS LYS A . n 
A 1 97  LYS 97  97  97  LYS LYS A . n 
A 1 98  ILE 98  98  98  ILE ILE A . n 
A 1 99  VAL 99  99  99  VAL VAL A . n 
A 1 100 SER 100 100 100 SER SER A . n 
A 1 101 ASP 101 101 101 ASP ASP A . n 
A 1 102 GLY 102 102 102 GLY GLY A . n 
A 1 103 ASN 103 103 103 ASN ASN A . n 
A 1 104 GLY 104 104 104 GLY GLY A . n 
A 1 105 MET 105 105 105 MET MET A . n 
A 1 106 ASN 106 106 106 ASN ASN A . n 
A 1 107 ALA 107 107 107 ALA ALA A . n 
A 1 108 TRP 108 108 108 TRP TRP A . n 
A 1 109 VAL 109 109 109 VAL VAL A . n 
A 1 110 ALA 110 110 110 ALA ALA A . n 
A 1 111 TRP 111 111 111 TRP TRP A . n 
A 1 112 ARG 112 112 112 ARG ARG A . n 
A 1 113 ASN 113 113 113 ASN ASN A . n 
A 1 114 ARG 114 114 114 ARG ARG A . n 
A 1 115 CYS 115 115 115 CYS CYS A . n 
A 1 116 LYS 116 116 116 LYS LYS A . n 
A 1 117 GLY 117 117 117 GLY GLY A . n 
A 1 118 THR 118 118 118 THR THR A . n 
A 1 119 ASP 119 119 119 ASP ASP A . n 
A 1 120 VAL 120 120 120 VAL VAL A . n 
A 1 121 GLN 121 121 121 GLN GLN A . n 
A 1 122 ALA 122 122 122 ALA ALA A . n 
A 1 123 TRP 123 123 123 TRP TRP A . n 
A 1 124 ILE 124 124 124 ILE ILE A . n 
A 1 125 ARG 125 125 125 ARG ARG A . n 
A 1 126 GLY 126 126 126 GLY GLY A . n 
A 1 127 CYS 127 127 127 CYS CYS A . n 
A 1 128 ARG 128 128 128 ARG ARG A . n 
A 1 129 LEU 129 129 129 LEU LEU A . n 
# 
_pdbx_entity_instance_feature.ordinal        1 
_pdbx_entity_instance_feature.comp_id        YJT 
_pdbx_entity_instance_feature.asym_id        ? 
_pdbx_entity_instance_feature.seq_num        ? 
_pdbx_entity_instance_feature.auth_comp_id   YJT 
_pdbx_entity_instance_feature.auth_asym_id   ? 
_pdbx_entity_instance_feature.auth_seq_num   ? 
_pdbx_entity_instance_feature.feature_type   'SUBJECT OF INVESTIGATION' 
_pdbx_entity_instance_feature.details        ? 
# 
loop_
_pdbx_nonpoly_scheme.asym_id 
_pdbx_nonpoly_scheme.entity_id 
_pdbx_nonpoly_scheme.mon_id 
_pdbx_nonpoly_scheme.ndb_seq_num 
_pdbx_nonpoly_scheme.pdb_seq_num 
_pdbx_nonpoly_scheme.auth_seq_num 
_pdbx_nonpoly_scheme.pdb_mon_id 
_pdbx_nonpoly_scheme.auth_mon_id 
_pdbx_nonpoly_scheme.pdb_strand_id 
_pdbx_nonpoly_scheme.pdb_ins_code 
B 2 NA  1   201 131 NA  NA  A . 
C 3 EPE 1   202 132 EPE EPE A . 
D 4 FMT 1   203 133 FMT FMT A . 
E 4 FMT 1   204 135 FMT FMT A . 
F 5 YJT 1   205 1   YJT TM9 A . 
G 5 YJT 1   206 1   YJT TM9 A . 
H 5 YJT 1   207 1   YJT TM9 A . 
I 6 HOH 1   301 94  HOH HOH A . 
I 6 HOH 2   302 160 HOH HOH A . 
I 6 HOH 3   303 28  HOH HOH A . 
I 6 HOH 4   304 45  HOH HOH A . 
I 6 HOH 5   305 71  HOH HOH A . 
I 6 HOH 6   306 128 HOH HOH A . 
I 6 HOH 7   307 133 HOH HOH A . 
I 6 HOH 8   308 116 HOH HOH A . 
I 6 HOH 9   309 77  HOH HOH A . 
I 6 HOH 10  310 109 HOH HOH A . 
I 6 HOH 11  311 122 HOH HOH A . 
I 6 HOH 12  312 15  HOH HOH A . 
I 6 HOH 13  313 104 HOH HOH A . 
I 6 HOH 14  314 124 HOH HOH A . 
I 6 HOH 15  315 93  HOH HOH A . 
I 6 HOH 16  316 42  HOH HOH A . 
I 6 HOH 17  317 61  HOH HOH A . 
I 6 HOH 18  318 22  HOH HOH A . 
I 6 HOH 19  319 16  HOH HOH A . 
I 6 HOH 20  320 34  HOH HOH A . 
I 6 HOH 21  321 17  HOH HOH A . 
I 6 HOH 22  322 3   HOH HOH A . 
I 6 HOH 23  323 37  HOH HOH A . 
I 6 HOH 24  324 149 HOH HOH A . 
I 6 HOH 25  325 19  HOH HOH A . 
I 6 HOH 26  326 48  HOH HOH A . 
I 6 HOH 27  327 101 HOH HOH A . 
I 6 HOH 28  328 50  HOH HOH A . 
I 6 HOH 29  329 65  HOH HOH A . 
I 6 HOH 30  330 1   HOH HOH A . 
I 6 HOH 31  331 84  HOH HOH A . 
I 6 HOH 32  332 120 HOH HOH A . 
I 6 HOH 33  333 43  HOH HOH A . 
I 6 HOH 34  334 103 HOH HOH A . 
I 6 HOH 35  335 32  HOH HOH A . 
I 6 HOH 36  336 73  HOH HOH A . 
I 6 HOH 37  337 46  HOH HOH A . 
I 6 HOH 38  338 5   HOH HOH A . 
I 6 HOH 39  339 54  HOH HOH A . 
I 6 HOH 40  340 14  HOH HOH A . 
I 6 HOH 41  341 31  HOH HOH A . 
I 6 HOH 42  342 41  HOH HOH A . 
I 6 HOH 43  343 10  HOH HOH A . 
I 6 HOH 44  344 107 HOH HOH A . 
I 6 HOH 45  345 24  HOH HOH A . 
I 6 HOH 46  346 29  HOH HOH A . 
I 6 HOH 47  347 98  HOH HOH A . 
I 6 HOH 48  348 138 HOH HOH A . 
I 6 HOH 49  349 145 HOH HOH A . 
I 6 HOH 50  350 62  HOH HOH A . 
I 6 HOH 51  351 158 HOH HOH A . 
I 6 HOH 52  352 115 HOH HOH A . 
I 6 HOH 53  353 140 HOH HOH A . 
I 6 HOH 54  354 75  HOH HOH A . 
I 6 HOH 55  355 36  HOH HOH A . 
I 6 HOH 56  356 74  HOH HOH A . 
I 6 HOH 57  357 40  HOH HOH A . 
I 6 HOH 58  358 25  HOH HOH A . 
I 6 HOH 59  359 82  HOH HOH A . 
I 6 HOH 60  360 99  HOH HOH A . 
I 6 HOH 61  361 26  HOH HOH A . 
I 6 HOH 62  362 39  HOH HOH A . 
I 6 HOH 63  363 7   HOH HOH A . 
I 6 HOH 64  364 67  HOH HOH A . 
I 6 HOH 65  365 2   HOH HOH A . 
I 6 HOH 66  366 119 HOH HOH A . 
I 6 HOH 67  367 21  HOH HOH A . 
I 6 HOH 68  368 8   HOH HOH A . 
I 6 HOH 69  369 33  HOH HOH A . 
I 6 HOH 70  370 78  HOH HOH A . 
I 6 HOH 71  371 30  HOH HOH A . 
I 6 HOH 72  372 86  HOH HOH A . 
I 6 HOH 73  373 12  HOH HOH A . 
I 6 HOH 74  374 129 HOH HOH A . 
I 6 HOH 75  375 80  HOH HOH A . 
I 6 HOH 76  376 23  HOH HOH A . 
I 6 HOH 77  377 152 HOH HOH A . 
I 6 HOH 78  378 83  HOH HOH A . 
I 6 HOH 79  379 70  HOH HOH A . 
I 6 HOH 80  380 118 HOH HOH A . 
I 6 HOH 81  381 6   HOH HOH A . 
I 6 HOH 82  382 49  HOH HOH A . 
I 6 HOH 83  383 141 HOH HOH A . 
I 6 HOH 84  384 153 HOH HOH A . 
I 6 HOH 85  385 72  HOH HOH A . 
I 6 HOH 86  386 137 HOH HOH A . 
I 6 HOH 87  387 58  HOH HOH A . 
I 6 HOH 88  388 53  HOH HOH A . 
I 6 HOH 89  389 20  HOH HOH A . 
I 6 HOH 90  390 59  HOH HOH A . 
I 6 HOH 91  391 18  HOH HOH A . 
I 6 HOH 92  392 56  HOH HOH A . 
I 6 HOH 93  393 4   HOH HOH A . 
I 6 HOH 94  394 47  HOH HOH A . 
I 6 HOH 95  395 131 HOH HOH A . 
I 6 HOH 96  396 161 HOH HOH A . 
I 6 HOH 97  397 64  HOH HOH A . 
I 6 HOH 98  398 162 HOH HOH A . 
I 6 HOH 99  399 60  HOH HOH A . 
I 6 HOH 100 400 143 HOH HOH A . 
I 6 HOH 101 401 117 HOH HOH A . 
I 6 HOH 102 402 87  HOH HOH A . 
I 6 HOH 103 403 110 HOH HOH A . 
I 6 HOH 104 404 106 HOH HOH A . 
I 6 HOH 105 405 112 HOH HOH A . 
I 6 HOH 106 406 13  HOH HOH A . 
I 6 HOH 107 407 108 HOH HOH A . 
I 6 HOH 108 408 123 HOH HOH A . 
I 6 HOH 109 409 85  HOH HOH A . 
I 6 HOH 110 410 121 HOH HOH A . 
I 6 HOH 111 411 68  HOH HOH A . 
I 6 HOH 112 412 105 HOH HOH A . 
I 6 HOH 113 413 136 HOH HOH A . 
I 6 HOH 114 414 146 HOH HOH A . 
I 6 HOH 115 415 111 HOH HOH A . 
I 6 HOH 116 416 139 HOH HOH A . 
I 6 HOH 117 417 156 HOH HOH A . 
I 6 HOH 118 418 114 HOH HOH A . 
I 6 HOH 119 419 154 HOH HOH A . 
I 6 HOH 120 420 148 HOH HOH A . 
I 6 HOH 121 421 35  HOH HOH A . 
I 6 HOH 122 422 79  HOH HOH A . 
I 6 HOH 123 423 151 HOH HOH A . 
I 6 HOH 124 424 57  HOH HOH A . 
I 6 HOH 125 425 135 HOH HOH A . 
I 6 HOH 126 426 125 HOH HOH A . 
I 6 HOH 127 427 159 HOH HOH A . 
I 6 HOH 128 428 134 HOH HOH A . 
I 6 HOH 129 429 142 HOH HOH A . 
I 6 HOH 130 430 97  HOH HOH A . 
I 6 HOH 131 431 127 HOH HOH A . 
I 6 HOH 132 432 66  HOH HOH A . 
I 6 HOH 133 433 157 HOH HOH A . 
I 6 HOH 134 434 130 HOH HOH A . 
I 6 HOH 135 435 113 HOH HOH A . 
I 6 HOH 136 436 126 HOH HOH A . 
I 6 HOH 137 437 144 HOH HOH A . 
# 
loop_
_pdbx_unobs_or_zero_occ_atoms.id 
_pdbx_unobs_or_zero_occ_atoms.PDB_model_num 
_pdbx_unobs_or_zero_occ_atoms.polymer_flag 
_pdbx_unobs_or_zero_occ_atoms.occupancy_flag 
_pdbx_unobs_or_zero_occ_atoms.auth_asym_id 
_pdbx_unobs_or_zero_occ_atoms.auth_comp_id 
_pdbx_unobs_or_zero_occ_atoms.auth_seq_id 
_pdbx_unobs_or_zero_occ_atoms.PDB_ins_code 
_pdbx_unobs_or_zero_occ_atoms.auth_atom_id 
_pdbx_unobs_or_zero_occ_atoms.label_alt_id 
_pdbx_unobs_or_zero_occ_atoms.label_asym_id 
_pdbx_unobs_or_zero_occ_atoms.label_comp_id 
_pdbx_unobs_or_zero_occ_atoms.label_seq_id 
_pdbx_unobs_or_zero_occ_atoms.label_atom_id 
1  1 N 1 A YJT 206 ? O4  ? G YJT 1 O4  
2  1 N 1 A YJT 207 ? C2  ? H YJT 1 C2  
3  1 N 1 A YJT 207 ? C4  ? H YJT 1 C4  
4  1 N 1 A YJT 207 ? O4  ? H YJT 1 O4  
5  1 N 1 A YJT 207 ? C5  ? H YJT 1 C5  
6  1 N 1 A YJT 207 ? C6  ? H YJT 1 C6  
7  1 N 1 A YJT 207 ? N2  ? H YJT 1 N2  
8  1 N 1 A YJT 207 ? C3  ? H YJT 1 C3  
9  1 N 1 A YJT 207 ? O3  ? H YJT 1 O3  
10 1 N 1 A YJT 207 ? C1  ? H YJT 1 C1  
11 1 N 1 A YJT 207 ? O1  ? H YJT 1 O1  
12 1 N 1 A YJT 207 ? F1  ? H YJT 1 F1  
13 1 N 1 A YJT 207 ? F2  ? H YJT 1 F2  
14 1 N 1 A YJT 207 ? O2  ? H YJT 1 O2  
15 1 N 1 A YJT 207 ? N1  ? H YJT 1 N1  
16 1 N 1 A YJT 207 ? C7  ? H YJT 1 C7  
17 1 N 1 A YJT 207 ? C14 ? H YJT 1 C14 
18 1 N 1 A YJT 207 ? C11 ? H YJT 1 C11 
19 1 N 1 A YJT 207 ? C8  ? H YJT 1 C8  
20 1 N 1 A YJT 207 ? C10 ? H YJT 1 C10 
21 1 N 1 A YJT 207 ? C9  ? H YJT 1 C9  
22 1 N 1 A YJT 207 ? C12 ? H YJT 1 C12 
23 1 N 1 A YJT 207 ? C13 ? H YJT 1 C13 
24 1 N 1 A YJT 207 ? O7  ? H YJT 1 O7  
# 
loop_
_software.citation_id 
_software.classification 
_software.compiler_name 
_software.compiler_version 
_software.contact_author 
_software.contact_author_email 
_software.date 
_software.description 
_software.dependencies 
_software.hardware 
_software.language 
_software.location 
_software.mods 
_software.name 
_software.os 
_software.os_version 
_software.type 
_software.version 
_software.pdbx_ordinal 
? refinement       ? ? ? ? ? ? ? ? ? ? ? REFMAC   ? ? ? 5.8.0403 1 
? 'data reduction' ? ? ? ? ? ? ? ? ? ? ? autoPROC ? ? ? .        2 
? 'data scaling'   ? ? ? ? ? ? ? ? ? ? ? autoPROC ? ? ? .        3 
? phasing          ? ? ? ? ? ? ? ? ? ? ? PHASER   ? ? ? .        4 
# 
_cell.angle_alpha                  90.000 
_cell.angle_alpha_esd              ? 
_cell.angle_beta                   90.000 
_cell.angle_beta_esd               ? 
_cell.angle_gamma                  90.000 
_cell.angle_gamma_esd              ? 
_cell.entry_id                     8PFX 
_cell.details                      ? 
_cell.formula_units_Z              ? 
_cell.length_a                     76.720 
_cell.length_a_esd                 ? 
_cell.length_b                     76.720 
_cell.length_b_esd                 ? 
_cell.length_c                     38.390 
_cell.length_c_esd                 ? 
_cell.volume                       ? 
_cell.volume_esd                   ? 
_cell.Z_PDB                        8 
_cell.reciprocal_angle_alpha       ? 
_cell.reciprocal_angle_beta        ? 
_cell.reciprocal_angle_gamma       ? 
_cell.reciprocal_angle_alpha_esd   ? 
_cell.reciprocal_angle_beta_esd    ? 
_cell.reciprocal_angle_gamma_esd   ? 
_cell.reciprocal_length_a          ? 
_cell.reciprocal_length_b          ? 
_cell.reciprocal_length_c          ? 
_cell.reciprocal_length_a_esd      ? 
_cell.reciprocal_length_b_esd      ? 
_cell.reciprocal_length_c_esd      ? 
_cell.pdbx_unique_axis             ? 
_cell.pdbx_esd_method              ? 
# 
_symmetry.entry_id                         8PFX 
_symmetry.cell_setting                     ? 
_symmetry.Int_Tables_number                96 
_symmetry.space_group_name_Hall            ? 
_symmetry.space_group_name_H-M             'P 43 21 2' 
_symmetry.pdbx_full_space_group_name_H-M   ? 
# 
_exptl.absorpt_coefficient_mu     ? 
_exptl.absorpt_correction_T_max   ? 
_exptl.absorpt_correction_T_min   ? 
_exptl.absorpt_correction_type    ? 
_exptl.absorpt_process_details    ? 
_exptl.entry_id                   8PFX 
_exptl.crystals_number            1 
_exptl.details                    ? 
_exptl.method                     'X-RAY DIFFRACTION' 
_exptl.method_details             ? 
# 
_exptl_crystal.colour                       ? 
_exptl_crystal.density_diffrn               ? 
_exptl_crystal.density_Matthews             2.01 
_exptl_crystal.density_method               ? 
_exptl_crystal.density_percent_sol          38.72 
_exptl_crystal.description                  ? 
_exptl_crystal.F_000                        ? 
_exptl_crystal.id                           1 
_exptl_crystal.preparation                  ? 
_exptl_crystal.size_max                     ? 
_exptl_crystal.size_mid                     ? 
_exptl_crystal.size_min                     ? 
_exptl_crystal.size_rad                     ? 
_exptl_crystal.colour_lustre                ? 
_exptl_crystal.colour_modifier              ? 
_exptl_crystal.colour_primary               ? 
_exptl_crystal.density_meas                 ? 
_exptl_crystal.density_meas_esd             ? 
_exptl_crystal.density_meas_gt              ? 
_exptl_crystal.density_meas_lt              ? 
_exptl_crystal.density_meas_temp            ? 
_exptl_crystal.density_meas_temp_esd        ? 
_exptl_crystal.density_meas_temp_gt         ? 
_exptl_crystal.density_meas_temp_lt         ? 
_exptl_crystal.pdbx_crystal_image_url       ? 
_exptl_crystal.pdbx_crystal_image_format    ? 
_exptl_crystal.pdbx_mosaicity               ? 
_exptl_crystal.pdbx_mosaicity_esd           ? 
_exptl_crystal.pdbx_mosaic_method           ? 
_exptl_crystal.pdbx_mosaic_block_size       ? 
_exptl_crystal.pdbx_mosaic_block_size_esd   ? 
# 
_exptl_crystal_grow.apparatus       ? 
_exptl_crystal_grow.atmosphere      ? 
_exptl_crystal_grow.crystal_id      1 
_exptl_crystal_grow.details         ? 
_exptl_crystal_grow.method          'VAPOR DIFFUSION, HANGING DROP' 
_exptl_crystal_grow.method_ref      ? 
_exptl_crystal_grow.pH              7.5 
_exptl_crystal_grow.pressure        ? 
_exptl_crystal_grow.pressure_esd    ? 
_exptl_crystal_grow.seeding         ? 
_exptl_crystal_grow.seeding_ref     ? 
_exptl_crystal_grow.temp_details    ? 
_exptl_crystal_grow.temp_esd        ? 
_exptl_crystal_grow.time            ? 
_exptl_crystal_grow.pdbx_details    '2 M sodium formate and 0.1 M Hepes, pH 7.5' 
_exptl_crystal_grow.pdbx_pH_range   ? 
_exptl_crystal_grow.temp            293 
# 
_diffrn.ambient_environment              ? 
_diffrn.ambient_temp                     100 
_diffrn.ambient_temp_details             ? 
_diffrn.ambient_temp_esd                 ? 
_diffrn.crystal_id                       1 
_diffrn.crystal_support                  ? 
_diffrn.crystal_treatment                ? 
_diffrn.details                          ? 
_diffrn.id                               1 
_diffrn.ambient_pressure                 ? 
_diffrn.ambient_pressure_esd             ? 
_diffrn.ambient_pressure_gt              ? 
_diffrn.ambient_pressure_lt              ? 
_diffrn.ambient_temp_gt                  ? 
_diffrn.ambient_temp_lt                  ? 
_diffrn.pdbx_serial_crystal_experiment   N 
# 
_diffrn_detector.details                      ? 
_diffrn_detector.detector                     PIXEL 
_diffrn_detector.diffrn_id                    1 
_diffrn_detector.type                         'DECTRIS PILATUS 6M' 
_diffrn_detector.area_resol_mean              ? 
_diffrn_detector.dtime                        ? 
_diffrn_detector.pdbx_frames_total            ? 
_diffrn_detector.pdbx_collection_time_total   ? 
_diffrn_detector.pdbx_collection_date         2022-06-13 
_diffrn_detector.pdbx_frequency               ? 
_diffrn_detector.id                           ? 
_diffrn_detector.number_of_axes               ? 
# 
_diffrn_radiation.collimation                      ? 
_diffrn_radiation.diffrn_id                        1 
_diffrn_radiation.filter_edge                      ? 
_diffrn_radiation.inhomogeneity                    ? 
_diffrn_radiation.monochromator                    ? 
_diffrn_radiation.polarisn_norm                    ? 
_diffrn_radiation.polarisn_ratio                   ? 
_diffrn_radiation.probe                            ? 
_diffrn_radiation.type                             ? 
_diffrn_radiation.xray_symbol                      ? 
_diffrn_radiation.wavelength_id                    1 
_diffrn_radiation.pdbx_monochromatic_or_laue_m_l   M 
_diffrn_radiation.pdbx_wavelength_list             ? 
_diffrn_radiation.pdbx_wavelength                  ? 
_diffrn_radiation.pdbx_diffrn_protocol             'SINGLE WAVELENGTH' 
_diffrn_radiation.pdbx_analyzer                    ? 
_diffrn_radiation.pdbx_scattering_type             x-ray 
# 
_diffrn_radiation_wavelength.id           1 
_diffrn_radiation_wavelength.wavelength   1 
_diffrn_radiation_wavelength.wt           1.0 
# 
_diffrn_source.current                     ? 
_diffrn_source.details                     ? 
_diffrn_source.diffrn_id                   1 
_diffrn_source.power                       ? 
_diffrn_source.size                        ? 
_diffrn_source.source                      SYNCHROTRON 
_diffrn_source.target                      ? 
_diffrn_source.type                        'ELETTRA BEAMLINE 11.2C' 
_diffrn_source.voltage                     ? 
_diffrn_source.take-off_angle              ? 
_diffrn_source.pdbx_wavelength_list        1 
_diffrn_source.pdbx_wavelength             ? 
_diffrn_source.pdbx_synchrotron_beamline   11.2C 
_diffrn_source.pdbx_synchrotron_site       ELETTRA 
# 
_reflns.B_iso_Wilson_estimate                          ? 
_reflns.entry_id                                       8PFX 
_reflns.data_reduction_details                         ? 
_reflns.data_reduction_method                          ? 
_reflns.d_resolution_high                              1.03 
_reflns.d_resolution_low                               38.36 
_reflns.details                                        ? 
_reflns.limit_h_max                                    ? 
_reflns.limit_h_min                                    ? 
_reflns.limit_k_max                                    ? 
_reflns.limit_k_min                                    ? 
_reflns.limit_l_max                                    ? 
_reflns.limit_l_min                                    ? 
_reflns.number_all                                     ? 
_reflns.number_obs                                     57486 
_reflns.observed_criterion                             ? 
_reflns.observed_criterion_F_max                       ? 
_reflns.observed_criterion_F_min                       ? 
_reflns.observed_criterion_I_max                       ? 
_reflns.observed_criterion_I_min                       ? 
_reflns.observed_criterion_sigma_F                     ? 
_reflns.observed_criterion_sigma_I                     ? 
_reflns.percent_possible_obs                           100 
_reflns.R_free_details                                 ? 
_reflns.Rmerge_F_all                                   ? 
_reflns.Rmerge_F_obs                                   ? 
_reflns.Friedel_coverage                               ? 
_reflns.number_gt                                      ? 
_reflns.threshold_expression                           ? 
_reflns.pdbx_redundancy                                11.4 
_reflns.pdbx_netI_over_av_sigmaI                       ? 
_reflns.pdbx_netI_over_sigmaI                          33.7 
_reflns.pdbx_res_netI_over_av_sigmaI_2                 ? 
_reflns.pdbx_res_netI_over_sigmaI_2                    ? 
_reflns.pdbx_chi_squared                               ? 
_reflns.pdbx_scaling_rejects                           ? 
_reflns.pdbx_d_res_high_opt                            ? 
_reflns.pdbx_d_res_low_opt                             ? 
_reflns.pdbx_d_res_opt_method                          ? 
_reflns.phase_calculation_details                      ? 
_reflns.pdbx_Rrim_I_all                                ? 
_reflns.pdbx_Rpim_I_all                                ? 
_reflns.pdbx_d_opt                                     ? 
_reflns.pdbx_number_measured_all                       ? 
_reflns.pdbx_diffrn_id                                 1 
_reflns.pdbx_ordinal                                   1 
_reflns.pdbx_CC_half                                   1.000 
_reflns.pdbx_CC_star                                   ? 
_reflns.pdbx_R_split                                   ? 
_reflns.pdbx_Rmerge_I_obs                              0.034 
_reflns.pdbx_Rmerge_I_all                              ? 
_reflns.pdbx_Rsym_value                                ? 
_reflns.pdbx_CC_split_method                           ? 
_reflns.pdbx_aniso_diffraction_limit_axis_1_ortho[1]   ? 
_reflns.pdbx_aniso_diffraction_limit_axis_1_ortho[2]   ? 
_reflns.pdbx_aniso_diffraction_limit_axis_1_ortho[3]   ? 
_reflns.pdbx_aniso_diffraction_limit_axis_2_ortho[1]   ? 
_reflns.pdbx_aniso_diffraction_limit_axis_2_ortho[2]   ? 
_reflns.pdbx_aniso_diffraction_limit_axis_2_ortho[3]   ? 
_reflns.pdbx_aniso_diffraction_limit_axis_3_ortho[1]   ? 
_reflns.pdbx_aniso_diffraction_limit_axis_3_ortho[2]   ? 
_reflns.pdbx_aniso_diffraction_limit_axis_3_ortho[3]   ? 
_reflns.pdbx_aniso_diffraction_limit_1                 ? 
_reflns.pdbx_aniso_diffraction_limit_2                 ? 
_reflns.pdbx_aniso_diffraction_limit_3                 ? 
_reflns.pdbx_aniso_B_tensor_eigenvector_1_ortho[1]     ? 
_reflns.pdbx_aniso_B_tensor_eigenvector_1_ortho[2]     ? 
_reflns.pdbx_aniso_B_tensor_eigenvector_1_ortho[3]     ? 
_reflns.pdbx_aniso_B_tensor_eigenvector_2_ortho[1]     ? 
_reflns.pdbx_aniso_B_tensor_eigenvector_2_ortho[2]     ? 
_reflns.pdbx_aniso_B_tensor_eigenvector_2_ortho[3]     ? 
_reflns.pdbx_aniso_B_tensor_eigenvector_3_ortho[1]     ? 
_reflns.pdbx_aniso_B_tensor_eigenvector_3_ortho[2]     ? 
_reflns.pdbx_aniso_B_tensor_eigenvector_3_ortho[3]     ? 
_reflns.pdbx_aniso_B_tensor_eigenvalue_1               ? 
_reflns.pdbx_aniso_B_tensor_eigenvalue_2               ? 
_reflns.pdbx_aniso_B_tensor_eigenvalue_3               ? 
_reflns.pdbx_orthogonalization_convention              ? 
_reflns.pdbx_percent_possible_ellipsoidal              ? 
_reflns.pdbx_percent_possible_spherical                ? 
_reflns.pdbx_percent_possible_ellipsoidal_anomalous    ? 
_reflns.pdbx_percent_possible_spherical_anomalous      ? 
_reflns.pdbx_redundancy_anomalous                      ? 
_reflns.pdbx_CC_half_anomalous                         ? 
_reflns.pdbx_absDiff_over_sigma_anomalous              ? 
_reflns.pdbx_percent_possible_anomalous                ? 
_reflns.pdbx_observed_signal_threshold                 ? 
_reflns.pdbx_signal_type                               ? 
_reflns.pdbx_signal_details                            ? 
_reflns.pdbx_signal_software_id                        ? 
# 
_reflns_shell.d_res_high                                    1.03 
_reflns_shell.d_res_low                                     1.04 
_reflns_shell.meanI_over_sigI_all                           ? 
_reflns_shell.meanI_over_sigI_obs                           2.3 
_reflns_shell.number_measured_all                           ? 
_reflns_shell.number_measured_obs                           ? 
_reflns_shell.number_possible                               ? 
_reflns_shell.number_unique_all                             ? 
_reflns_shell.number_unique_obs                             2835 
_reflns_shell.percent_possible_obs                          ? 
_reflns_shell.Rmerge_F_all                                  ? 
_reflns_shell.Rmerge_F_obs                                  ? 
_reflns_shell.meanI_over_sigI_gt                            ? 
_reflns_shell.meanI_over_uI_all                             ? 
_reflns_shell.meanI_over_uI_gt                              ? 
_reflns_shell.number_measured_gt                            ? 
_reflns_shell.number_unique_gt                              ? 
_reflns_shell.percent_possible_gt                           ? 
_reflns_shell.Rmerge_F_gt                                   ? 
_reflns_shell.Rmerge_I_gt                                   ? 
_reflns_shell.pdbx_redundancy                               ? 
_reflns_shell.pdbx_chi_squared                              ? 
_reflns_shell.pdbx_netI_over_sigmaI_all                     ? 
_reflns_shell.pdbx_netI_over_sigmaI_obs                     ? 
_reflns_shell.pdbx_Rrim_I_all                               ? 
_reflns_shell.pdbx_Rpim_I_all                               ? 
_reflns_shell.pdbx_rejects                                  ? 
_reflns_shell.pdbx_ordinal                                  1 
_reflns_shell.pdbx_diffrn_id                                1 
_reflns_shell.pdbx_CC_half                                  0.858 
_reflns_shell.pdbx_CC_star                                  ? 
_reflns_shell.pdbx_R_split                                  ? 
_reflns_shell.percent_possible_all                          ? 
_reflns_shell.Rmerge_I_all                                  ? 
_reflns_shell.Rmerge_I_obs                                  0.753 
_reflns_shell.pdbx_Rsym_value                               ? 
_reflns_shell.pdbx_percent_possible_ellipsoidal             ? 
_reflns_shell.pdbx_percent_possible_spherical               ? 
_reflns_shell.pdbx_percent_possible_ellipsoidal_anomalous   ? 
_reflns_shell.pdbx_percent_possible_spherical_anomalous     ? 
_reflns_shell.pdbx_redundancy_anomalous                     ? 
_reflns_shell.pdbx_CC_half_anomalous                        ? 
_reflns_shell.pdbx_absDiff_over_sigma_anomalous             ? 
_reflns_shell.pdbx_percent_possible_anomalous               ? 
# 
_refine.aniso_B[1][1]                            -0.025 
_refine.aniso_B[1][2]                            0.000 
_refine.aniso_B[1][3]                            0.000 
_refine.aniso_B[2][2]                            -0.025 
_refine.aniso_B[2][3]                            0.000 
_refine.aniso_B[3][3]                            0.050 
_refine.B_iso_max                                ? 
_refine.B_iso_mean                               12.285 
_refine.B_iso_min                                ? 
_refine.correlation_coeff_Fo_to_Fc               0.966 
_refine.correlation_coeff_Fo_to_Fc_free          0.960 
_refine.details                                  'Hydrogens have been added in their riding positions' 
_refine.diff_density_max                         ? 
_refine.diff_density_max_esd                     ? 
_refine.diff_density_min                         ? 
_refine.diff_density_min_esd                     ? 
_refine.diff_density_rms                         ? 
_refine.diff_density_rms_esd                     ? 
_refine.entry_id                                 8PFX 
_refine.pdbx_refine_id                           'X-RAY DIFFRACTION' 
_refine.ls_abs_structure_details                 ? 
_refine.ls_abs_structure_Flack                   ? 
_refine.ls_abs_structure_Flack_esd               ? 
_refine.ls_abs_structure_Rogers                  ? 
_refine.ls_abs_structure_Rogers_esd              ? 
_refine.ls_d_res_high                            1.030 
_refine.ls_d_res_low                             38.36 
_refine.ls_extinction_coef                       ? 
_refine.ls_extinction_coef_esd                   ? 
_refine.ls_extinction_expression                 ? 
_refine.ls_extinction_method                     ? 
_refine.ls_goodness_of_fit_all                   ? 
_refine.ls_goodness_of_fit_all_esd               ? 
_refine.ls_goodness_of_fit_obs                   ? 
_refine.ls_goodness_of_fit_obs_esd               ? 
_refine.ls_hydrogen_treatment                    ? 
_refine.ls_matrix_type                           ? 
_refine.ls_number_constraints                    ? 
_refine.ls_number_parameters                     ? 
_refine.ls_number_reflns_all                     ? 
_refine.ls_number_reflns_obs                     55049 
_refine.ls_number_reflns_R_free                  2721 
_refine.ls_number_reflns_R_work                  52328 
_refine.ls_number_restraints                     ? 
_refine.ls_percent_reflns_obs                    96.391 
_refine.ls_percent_reflns_R_free                 4.943 
_refine.ls_R_factor_all                          0.193 
_refine.ls_R_factor_obs                          ? 
_refine.ls_R_factor_R_free                       0.2144 
_refine.ls_R_factor_R_free_error                 ? 
_refine.ls_R_factor_R_free_error_details         ? 
_refine.ls_R_factor_R_work                       0.1920 
_refine.ls_R_Fsqd_factor_obs                     ? 
_refine.ls_R_I_factor_obs                        ? 
_refine.ls_redundancy_reflns_all                 ? 
_refine.ls_redundancy_reflns_obs                 ? 
_refine.ls_restrained_S_all                      ? 
_refine.ls_restrained_S_obs                      ? 
_refine.ls_shift_over_esd_max                    ? 
_refine.ls_shift_over_esd_mean                   ? 
_refine.ls_structure_factor_coef                 ? 
_refine.ls_weighting_details                     ? 
_refine.ls_weighting_scheme                      ? 
_refine.ls_wR_factor_all                         ? 
_refine.ls_wR_factor_obs                         ? 
_refine.ls_wR_factor_R_free                      ? 
_refine.ls_wR_factor_R_work                      ? 
_refine.occupancy_max                            ? 
_refine.occupancy_min                            ? 
_refine.solvent_model_details                    'MASK BULK SOLVENT' 
_refine.solvent_model_param_bsol                 ? 
_refine.solvent_model_param_ksol                 ? 
_refine.pdbx_R_complete                          ? 
_refine.ls_R_factor_gt                           ? 
_refine.ls_goodness_of_fit_gt                    ? 
_refine.ls_goodness_of_fit_ref                   ? 
_refine.ls_shift_over_su_max                     ? 
_refine.ls_shift_over_su_max_lt                  ? 
_refine.ls_shift_over_su_mean                    ? 
_refine.ls_shift_over_su_mean_lt                 ? 
_refine.pdbx_ls_sigma_I                          ? 
_refine.pdbx_ls_sigma_F                          ? 
_refine.pdbx_ls_sigma_Fsqd                       ? 
_refine.pdbx_data_cutoff_high_absF               ? 
_refine.pdbx_data_cutoff_high_rms_absF           ? 
_refine.pdbx_data_cutoff_low_absF                ? 
_refine.pdbx_isotropic_thermal_model             ? 
_refine.pdbx_ls_cross_valid_method               'FREE R-VALUE' 
_refine.pdbx_method_to_determine_struct          'MOLECULAR REPLACEMENT' 
_refine.pdbx_starting_model                      ? 
_refine.pdbx_stereochemistry_target_values       ? 
_refine.pdbx_R_Free_selection_details            ? 
_refine.pdbx_stereochem_target_val_spec_case     ? 
_refine.pdbx_overall_ESU_R                       0.033 
_refine.pdbx_overall_ESU_R_Free                  0.035 
_refine.pdbx_solvent_vdw_probe_radii             1.200 
_refine.pdbx_solvent_ion_probe_radii             0.800 
_refine.pdbx_solvent_shrinkage_radii             0.800 
_refine.pdbx_real_space_R                        ? 
_refine.pdbx_density_correlation                 ? 
_refine.pdbx_pd_number_of_powder_patterns        ? 
_refine.pdbx_pd_number_of_points                 ? 
_refine.pdbx_pd_meas_number_of_points            ? 
_refine.pdbx_pd_proc_ls_prof_R_factor            ? 
_refine.pdbx_pd_proc_ls_prof_wR_factor           ? 
_refine.pdbx_pd_Marquardt_correlation_coeff      ? 
_refine.pdbx_pd_Fsqrd_R_factor                   ? 
_refine.pdbx_pd_ls_matrix_band_width             ? 
_refine.pdbx_overall_phase_error                 ? 
_refine.pdbx_overall_SU_R_free_Cruickshank_DPI   ? 
_refine.pdbx_overall_SU_R_free_Blow_DPI          ? 
_refine.pdbx_overall_SU_R_Blow_DPI               ? 
_refine.pdbx_TLS_residual_ADP_flag               ? 
_refine.pdbx_diffrn_id                           1 
_refine.overall_SU_B                             0.455 
_refine.overall_SU_ML                            0.024 
_refine.overall_SU_R_Cruickshank_DPI             ? 
_refine.overall_SU_R_free                        ? 
_refine.overall_FOM_free_R_set                   ? 
_refine.overall_FOM_work_R_set                   ? 
_refine.pdbx_average_fsc_overall                 ? 
_refine.pdbx_average_fsc_work                    ? 
_refine.pdbx_average_fsc_free                    ? 
# 
_refine_hist.pdbx_refine_id                   'X-RAY DIFFRACTION' 
_refine_hist.cycle_id                         LAST 
_refine_hist.pdbx_number_atoms_protein        1001 
_refine_hist.pdbx_number_atoms_nucleic_acid   0 
_refine_hist.pdbx_number_atoms_ligand         51 
_refine_hist.number_atoms_solvent             137 
_refine_hist.number_atoms_total               1189 
_refine_hist.d_res_high                       1.030 
_refine_hist.d_res_low                        38.36 
# 
loop_
_refine_ls_restr.pdbx_refine_id 
_refine_ls_restr.criterion 
_refine_ls_restr.dev_ideal 
_refine_ls_restr.dev_ideal_target 
_refine_ls_restr.number 
_refine_ls_restr.rejects 
_refine_ls_restr.type 
_refine_ls_restr.weight 
_refine_ls_restr.pdbx_restraint_function 
'X-RAY DIFFRACTION' ? 0.013  0.011  1133 ? r_bond_refined_d               ? ? 
'X-RAY DIFFRACTION' ? 0.001  0.016  1018 ? r_bond_other_d                 ? ? 
'X-RAY DIFFRACTION' ? 1.933  1.680  1540 ? r_angle_refined_deg            ? ? 
'X-RAY DIFFRACTION' ? 0.635  1.581  2324 ? r_angle_other_deg              ? ? 
'X-RAY DIFFRACTION' ? 5.993  5.000  137  ? r_dihedral_angle_1_deg         ? ? 
'X-RAY DIFFRACTION' ? 10.403 5.000  13   ? r_dihedral_angle_2_deg         ? ? 
'X-RAY DIFFRACTION' ? 12.733 10.000 181  ? r_dihedral_angle_3_deg         ? ? 
'X-RAY DIFFRACTION' ? 17.482 10.000 55   ? r_dihedral_angle_6_deg         ? ? 
'X-RAY DIFFRACTION' ? 0.102  0.200  155  ? r_chiral_restr                 ? ? 
'X-RAY DIFFRACTION' ? 0.010  0.020  1412 ? r_gen_planes_refined           ? ? 
'X-RAY DIFFRACTION' ? 0.002  0.020  307  ? r_gen_planes_other             ? ? 
'X-RAY DIFFRACTION' ? 0.249  0.200  271  ? r_nbd_refined                  ? ? 
'X-RAY DIFFRACTION' ? 0.204  0.200  936  ? r_symmetry_nbd_other           ? ? 
'X-RAY DIFFRACTION' ? 0.186  0.200  539  ? r_nbtor_refined                ? ? 
'X-RAY DIFFRACTION' ? 0.081  0.200  558  ? r_symmetry_nbtor_other         ? ? 
'X-RAY DIFFRACTION' ? 0.198  0.200  79   ? r_xyhbond_nbd_refined          ? ? 
'X-RAY DIFFRACTION' ? 0.030  0.200  1    ? r_symmetry_xyhbond_nbd_other   ? ? 
'X-RAY DIFFRACTION' ? 0.061  0.200  3    ? r_metal_ion_refined            ? ? 
'X-RAY DIFFRACTION' ? 0.185  0.200  24   ? r_symmetry_nbd_refined         ? ? 
'X-RAY DIFFRACTION' ? 0.206  0.200  69   ? r_nbd_other                    ? ? 
'X-RAY DIFFRACTION' ? 0.295  0.200  45   ? r_symmetry_xyhbond_nbd_refined ? ? 
'X-RAY DIFFRACTION' ? 0.079  0.200  1    ? r_xyhbond_nbd_other            ? ? 
'X-RAY DIFFRACTION' ? 1.202  1.134  539  ? r_mcbond_it                    ? ? 
'X-RAY DIFFRACTION' ? 1.201  1.136  540  ? r_mcbond_other                 ? ? 
'X-RAY DIFFRACTION' ? 1.735  2.044  679  ? r_mcangle_it                   ? ? 
'X-RAY DIFFRACTION' ? 1.742  2.046  680  ? r_mcangle_other                ? ? 
'X-RAY DIFFRACTION' ? 2.397  1.450  594  ? r_scbond_it                    ? ? 
'X-RAY DIFFRACTION' ? 2.317  1.423  558  ? r_scbond_other                 ? ? 
'X-RAY DIFFRACTION' ? 3.638  2.546  861  ? r_scangle_it                   ? ? 
'X-RAY DIFFRACTION' ? 3.714  2.494  818  ? r_scangle_other                ? ? 
'X-RAY DIFFRACTION' ? 5.310  16.589 1418 ? r_lrange_it                    ? ? 
'X-RAY DIFFRACTION' ? 4.991  15.122 1348 ? r_lrange_other                 ? ? 
# 
loop_
_refine_ls_shell.pdbx_refine_id 
_refine_ls_shell.d_res_high 
_refine_ls_shell.d_res_low 
_refine_ls_shell.number_reflns_all 
_refine_ls_shell.number_reflns_obs 
_refine_ls_shell.number_reflns_R_free 
_refine_ls_shell.number_reflns_R_work 
_refine_ls_shell.percent_reflns_obs 
_refine_ls_shell.percent_reflns_R_free 
_refine_ls_shell.R_factor_all 
_refine_ls_shell.R_factor_obs 
_refine_ls_shell.R_factor_R_free_error 
_refine_ls_shell.R_factor_R_work 
_refine_ls_shell.redundancy_reflns_all 
_refine_ls_shell.redundancy_reflns_obs 
_refine_ls_shell.wR_factor_all 
_refine_ls_shell.wR_factor_obs 
_refine_ls_shell.wR_factor_R_free 
_refine_ls_shell.wR_factor_R_work 
_refine_ls_shell.pdbx_R_complete 
_refine_ls_shell.pdbx_total_number_of_bins_used 
_refine_ls_shell.pdbx_phase_error 
_refine_ls_shell.pdbx_fsc_work 
_refine_ls_shell.pdbx_fsc_free 
_refine_ls_shell.R_factor_R_free 
'X-RAY DIFFRACTION' 1.030 1.057 . . 187 3050 77.7004  . . . . 0.298 . . . . . . . . . . . 0.309 
'X-RAY DIFFRACTION' 1.057 1.086 . . 145 3363 85.9383  . . . . 0.278 . . . . . . . . . . . 0.274 
'X-RAY DIFFRACTION' 1.086 1.117 . . 172 3445 92.0356  . . . . 0.265 . . . . . . . . . . . 0.271 
'X-RAY DIFFRACTION' 1.117 1.151 . . 164 3460 95.3684  . . . . 0.249 . . . . . . . . . . . 0.273 
'X-RAY DIFFRACTION' 1.151 1.189 . . 198 3498 98.8235  . . . . 0.249 . . . . . . . . . . . 0.257 
'X-RAY DIFFRACTION' 1.189 1.231 . . 177 3416 99.9444  . . . . 0.239 . . . . . . . . . . . 0.243 
'X-RAY DIFFRACTION' 1.231 1.277 . . 210 3287 99.9143  . . . . 0.233 . . . . . . . . . . . 0.230 
'X-RAY DIFFRACTION' 1.277 1.329 . . 174 3167 100.0000 . . . . 0.221 . . . . . . . . . . . 0.246 
'X-RAY DIFFRACTION' 1.329 1.388 . . 170 3050 99.9379  . . . . 0.210 . . . . . . . . . . . 0.217 
'X-RAY DIFFRACTION' 1.388 1.456 . . 132 2961 99.9677  . . . . 0.197 . . . . . . . . . . . 0.251 
'X-RAY DIFFRACTION' 1.456 1.535 . . 147 2823 99.8991  . . . . 0.191 . . . . . . . . . . . 0.230 
'X-RAY DIFFRACTION' 1.535 1.628 . . 123 2642 99.9277  . . . . 0.181 . . . . . . . . . . . 0.189 
'X-RAY DIFFRACTION' 1.628 1.740 . . 131 2498 100.0000 . . . . 0.181 . . . . . . . . . . . 0.205 
'X-RAY DIFFRACTION' 1.740 1.879 . . 118 2336 100.0000 . . . . 0.169 . . . . . . . . . . . 0.187 
'X-RAY DIFFRACTION' 1.879 2.058 . . 126 2142 99.9559  . . . . 0.169 . . . . . . . . . . . 0.225 
'X-RAY DIFFRACTION' 2.058 2.300 . . 102 1974 100.0000 . . . . 0.157 . . . . . . . . . . . 0.204 
'X-RAY DIFFRACTION' 2.300 2.654 . . 80  1773 100.0000 . . . . 0.168 . . . . . . . . . . . 0.195 
'X-RAY DIFFRACTION' 2.654 3.247 . . 78  1499 100.0000 . . . . 0.175 . . . . . . . . . . . 0.198 
'X-RAY DIFFRACTION' 3.247 4.575 . . 54  1200 100.0000 . . . . 0.156 . . . . . . . . . . . 0.172 
'X-RAY DIFFRACTION' 4.575 38.36 . . 30  733  99.3490  . . . . 0.270 . . . . . . . . . . . 0.245 
# 
_struct.entry_id                     8PFX 
_struct.title                        
'X-ray structure of the adduct formed upon reaction of Lysozyme with K2[Ru2(D-p-FPhF)(CO3)3] in condition B' 
_struct.pdbx_model_details           ? 
_struct.pdbx_formula_weight          ? 
_struct.pdbx_formula_weight_method   ? 
_struct.pdbx_model_type_details      ? 
_struct.pdbx_CASP_flag               N 
# 
_struct_keywords.entry_id        8PFX 
_struct_keywords.text            'Ruthenium, Protein interaction, Metallodrug, Diruthenium, Hydrolase, PROTEIN BINDING' 
_struct_keywords.pdbx_keywords   'PROTEIN BINDING' 
# 
loop_
_struct_asym.id 
_struct_asym.pdbx_blank_PDB_chainid_flag 
_struct_asym.pdbx_modified 
_struct_asym.entity_id 
_struct_asym.details 
A N N 1 ? 
B N N 2 ? 
C N N 3 ? 
D N N 4 ? 
E N N 4 ? 
F N N 5 ? 
G N N 5 ? 
H N N 5 ? 
I N N 6 ? 
# 
_struct_ref.id                         1 
_struct_ref.db_name                    UNP 
_struct_ref.db_code                    LYSC_CHICK 
_struct_ref.pdbx_db_accession          P00698 
_struct_ref.pdbx_db_isoform            ? 
_struct_ref.entity_id                  1 
_struct_ref.pdbx_seq_one_letter_code   
;KVFGRCELAAAMKRHGLDNYRGYSLGNWVCAAKFESNFNTQATNRNTDGSTDYGILQINSRWWCNDGRTPGSRNLCNIPC
SALLSSDITASVNCAKKIVSDGNGMNAWVAWRNRCKGTDVQAWIRGCRL
;
_struct_ref.pdbx_align_begin           19 
# 
_struct_ref_seq.align_id                      1 
_struct_ref_seq.ref_id                        1 
_struct_ref_seq.pdbx_PDB_id_code              8PFX 
_struct_ref_seq.pdbx_strand_id                A 
_struct_ref_seq.seq_align_beg                 1 
_struct_ref_seq.pdbx_seq_align_beg_ins_code   ? 
_struct_ref_seq.seq_align_end                 129 
_struct_ref_seq.pdbx_seq_align_end_ins_code   ? 
_struct_ref_seq.pdbx_db_accession             P00698 
_struct_ref_seq.db_align_beg                  19 
_struct_ref_seq.pdbx_db_align_beg_ins_code    ? 
_struct_ref_seq.db_align_end                  147 
_struct_ref_seq.pdbx_db_align_end_ins_code    ? 
_struct_ref_seq.pdbx_auth_seq_align_beg       1 
_struct_ref_seq.pdbx_auth_seq_align_end       129 
# 
_pdbx_struct_assembly.id                   1 
_pdbx_struct_assembly.details              author_and_software_defined_assembly 
_pdbx_struct_assembly.method_details       PISA 
_pdbx_struct_assembly.oligomeric_details   monomeric 
_pdbx_struct_assembly.oligomeric_count     1 
# 
loop_
_pdbx_struct_assembly_prop.biol_id 
_pdbx_struct_assembly_prop.type 
_pdbx_struct_assembly_prop.value 
_pdbx_struct_assembly_prop.details 
1 'ABSA (A^2)' 870  ? 
1 MORE         -7   ? 
1 'SSA (A^2)'  6770 ? 
# 
_pdbx_struct_assembly_gen.assembly_id       1 
_pdbx_struct_assembly_gen.oper_expression   1 
_pdbx_struct_assembly_gen.asym_id_list      A,B,C,D,E,F,G,H,I 
# 
_pdbx_struct_assembly_auth_evidence.id                     1 
_pdbx_struct_assembly_auth_evidence.assembly_id            1 
_pdbx_struct_assembly_auth_evidence.experimental_support   none 
_pdbx_struct_assembly_auth_evidence.details                ? 
# 
_pdbx_struct_oper_list.id                   1 
_pdbx_struct_oper_list.type                 'identity operation' 
_pdbx_struct_oper_list.name                 1_555 
_pdbx_struct_oper_list.symmetry_operation   x,y,z 
_pdbx_struct_oper_list.matrix[1][1]         1.0000000000 
_pdbx_struct_oper_list.matrix[1][2]         0.0000000000 
_pdbx_struct_oper_list.matrix[1][3]         0.0000000000 
_pdbx_struct_oper_list.vector[1]            0.0000000000 
_pdbx_struct_oper_list.matrix[2][1]         0.0000000000 
_pdbx_struct_oper_list.matrix[2][2]         1.0000000000 
_pdbx_struct_oper_list.matrix[2][3]         0.0000000000 
_pdbx_struct_oper_list.vector[2]            0.0000000000 
_pdbx_struct_oper_list.matrix[3][1]         0.0000000000 
_pdbx_struct_oper_list.matrix[3][2]         0.0000000000 
_pdbx_struct_oper_list.matrix[3][3]         1.0000000000 
_pdbx_struct_oper_list.vector[3]            0.0000000000 
# 
loop_
_struct_conf.conf_type_id 
_struct_conf.id 
_struct_conf.pdbx_PDB_helix_id 
_struct_conf.beg_label_comp_id 
_struct_conf.beg_label_asym_id 
_struct_conf.beg_label_seq_id 
_struct_conf.pdbx_beg_PDB_ins_code 
_struct_conf.end_label_comp_id 
_struct_conf.end_label_asym_id 
_struct_conf.end_label_seq_id 
_struct_conf.pdbx_end_PDB_ins_code 
_struct_conf.beg_auth_comp_id 
_struct_conf.beg_auth_asym_id 
_struct_conf.beg_auth_seq_id 
_struct_conf.end_auth_comp_id 
_struct_conf.end_auth_asym_id 
_struct_conf.end_auth_seq_id 
_struct_conf.pdbx_PDB_helix_class 
_struct_conf.details 
_struct_conf.pdbx_PDB_helix_length 
HELX_P HELX_P1 AA1 GLY A 4   ? HIS A 15  ? GLY A 4   HIS A 15  1 ? 12 
HELX_P HELX_P2 AA2 ASN A 19  ? TYR A 23  ? ASN A 19  TYR A 23  5 ? 5  
HELX_P HELX_P3 AA3 SER A 24  ? ASN A 37  ? SER A 24  ASN A 37  1 ? 14 
HELX_P HELX_P4 AA4 PRO A 79  ? SER A 85  ? PRO A 79  SER A 85  5 ? 7  
HELX_P HELX_P5 AA5 ILE A 88  ? SER A 100 ? ILE A 88  SER A 100 1 ? 13 
HELX_P HELX_P6 AA6 ASN A 103 ? ALA A 107 ? ASN A 103 ALA A 107 5 ? 5  
HELX_P HELX_P7 AA7 TRP A 108 ? CYS A 115 ? TRP A 108 CYS A 115 1 ? 8  
HELX_P HELX_P8 AA8 ASP A 119 ? ARG A 125 ? ASP A 119 ARG A 125 5 ? 7  
# 
_struct_conf_type.id          HELX_P 
_struct_conf_type.criteria    ? 
_struct_conf_type.reference   ? 
# 
loop_
_struct_conn.id 
_struct_conn.conn_type_id 
_struct_conn.pdbx_leaving_atom_flag 
_struct_conn.pdbx_PDB_id 
_struct_conn.ptnr1_label_asym_id 
_struct_conn.ptnr1_label_comp_id 
_struct_conn.ptnr1_label_seq_id 
_struct_conn.ptnr1_label_atom_id 
_struct_conn.pdbx_ptnr1_label_alt_id 
_struct_conn.pdbx_ptnr1_PDB_ins_code 
_struct_conn.pdbx_ptnr1_standard_comp_id 
_struct_conn.ptnr1_symmetry 
_struct_conn.ptnr2_label_asym_id 
_struct_conn.ptnr2_label_comp_id 
_struct_conn.ptnr2_label_seq_id 
_struct_conn.ptnr2_label_atom_id 
_struct_conn.pdbx_ptnr2_label_alt_id 
_struct_conn.pdbx_ptnr2_PDB_ins_code 
_struct_conn.ptnr1_auth_asym_id 
_struct_conn.ptnr1_auth_comp_id 
_struct_conn.ptnr1_auth_seq_id 
_struct_conn.ptnr2_auth_asym_id 
_struct_conn.ptnr2_auth_comp_id 
_struct_conn.ptnr2_auth_seq_id 
_struct_conn.ptnr2_symmetry 
_struct_conn.pdbx_ptnr3_label_atom_id 
_struct_conn.pdbx_ptnr3_label_seq_id 
_struct_conn.pdbx_ptnr3_label_comp_id 
_struct_conn.pdbx_ptnr3_label_asym_id 
_struct_conn.pdbx_ptnr3_label_alt_id 
_struct_conn.pdbx_ptnr3_PDB_ins_code 
_struct_conn.details 
_struct_conn.pdbx_dist_value 
_struct_conn.pdbx_value_order 
_struct_conn.pdbx_role 
disulf1  disulf ? ? A CYS 6   SG  ? ? ? 1_555 A CYS 127 SG  ? ? A CYS 6   A CYS 127 1_555 ? ? ? ? ? ? ? 2.034 ? ? 
disulf2  disulf ? ? A CYS 30  SG  ? ? ? 1_555 A CYS 115 SG  ? ? A CYS 30  A CYS 115 1_555 ? ? ? ? ? ? ? 2.053 ? ? 
disulf3  disulf ? ? A CYS 64  SG  ? ? ? 1_555 A CYS 80  SG  ? ? A CYS 64  A CYS 80  1_555 ? ? ? ? ? ? ? 2.061 ? ? 
disulf4  disulf ? ? A CYS 76  SG  ? ? ? 1_555 A CYS 94  SG  ? ? A CYS 76  A CYS 94  1_555 ? ? ? ? ? ? ? 2.048 ? ? 
metalc1  metalc ? ? A SER 60  O   ? ? ? 1_555 B NA  .   NA  ? ? A SER 60  A NA  201 1_555 ? ? ? ? ? ? ? 2.315 ? ? 
metalc2  metalc ? ? A CYS 64  O   ? ? ? 1_555 B NA  .   NA  ? ? A CYS 64  A NA  201 1_555 ? ? ? ? ? ? ? 2.384 ? ? 
metalc3  metalc ? ? A SER 72  OG  ? ? ? 1_555 B NA  .   NA  ? ? A SER 72  A NA  201 1_555 ? ? ? ? ? ? ? 2.510 ? ? 
metalc4  metalc ? ? A ARG 73  O   ? ? ? 1_555 B NA  .   NA  ? ? A ARG 73  A NA  201 1_555 ? ? ? ? ? ? ? 2.372 ? ? 
metalc5  metalc ? ? A ASP 101 OD1 ? ? ? 1_555 F YJT .   RU2 ? ? A ASP 101 A YJT 205 1_555 ? ? ? ? ? ? ? 2.119 ? ? 
metalc6  metalc ? ? A ASP 101 OD2 ? ? ? 1_555 F YJT .   RU1 ? ? A ASP 101 A YJT 205 1_555 ? ? ? ? ? ? ? 2.120 ? ? 
metalc7  metalc ? ? A ARG 125 NH1 ? ? ? 1_555 G YJT .   RU1 ? ? A ARG 125 A YJT 206 4_444 ? ? ? ? ? ? ? 2.615 ? ? 
metalc8  metalc ? ? B NA  .   NA  ? ? ? 1_555 I HOH .   O   ? ? A NA  201 A HOH 389 1_555 ? ? ? ? ? ? ? 2.505 ? ? 
metalc9  metalc ? ? B NA  .   NA  ? ? ? 1_555 I HOH .   O   ? ? A NA  201 A HOH 406 1_555 ? ? ? ? ? ? ? 2.411 ? ? 
metalc10 metalc ? ? F YJT .   RU2 ? ? ? 1_555 I HOH .   O   ? ? A YJT 205 A HOH 359 1_555 ? ? ? ? ? ? ? 2.305 ? ? 
metalc11 metalc ? ? F YJT .   RU1 ? ? ? 1_555 I HOH .   O   ? ? A YJT 205 A HOH 378 1_555 ? ? ? ? ? ? ? 2.206 ? ? 
# 
loop_
_struct_conn_type.id 
_struct_conn_type.criteria 
_struct_conn_type.reference 
disulf ? ? 
metalc ? ? 
# 
loop_
_pdbx_struct_conn_angle.id 
_pdbx_struct_conn_angle.ptnr1_label_atom_id 
_pdbx_struct_conn_angle.ptnr1_label_alt_id 
_pdbx_struct_conn_angle.ptnr1_label_asym_id 
_pdbx_struct_conn_angle.ptnr1_label_comp_id 
_pdbx_struct_conn_angle.ptnr1_label_seq_id 
_pdbx_struct_conn_angle.ptnr1_auth_atom_id 
_pdbx_struct_conn_angle.ptnr1_auth_asym_id 
_pdbx_struct_conn_angle.ptnr1_auth_comp_id 
_pdbx_struct_conn_angle.ptnr1_auth_seq_id 
_pdbx_struct_conn_angle.ptnr1_PDB_ins_code 
_pdbx_struct_conn_angle.ptnr1_symmetry 
_pdbx_struct_conn_angle.ptnr2_label_atom_id 
_pdbx_struct_conn_angle.ptnr2_label_alt_id 
_pdbx_struct_conn_angle.ptnr2_label_asym_id 
_pdbx_struct_conn_angle.ptnr2_label_comp_id 
_pdbx_struct_conn_angle.ptnr2_label_seq_id 
_pdbx_struct_conn_angle.ptnr2_auth_atom_id 
_pdbx_struct_conn_angle.ptnr2_auth_asym_id 
_pdbx_struct_conn_angle.ptnr2_auth_comp_id 
_pdbx_struct_conn_angle.ptnr2_auth_seq_id 
_pdbx_struct_conn_angle.ptnr2_PDB_ins_code 
_pdbx_struct_conn_angle.ptnr2_symmetry 
_pdbx_struct_conn_angle.ptnr3_label_atom_id 
_pdbx_struct_conn_angle.ptnr3_label_alt_id 
_pdbx_struct_conn_angle.ptnr3_label_asym_id 
_pdbx_struct_conn_angle.ptnr3_label_comp_id 
_pdbx_struct_conn_angle.ptnr3_label_seq_id 
_pdbx_struct_conn_angle.ptnr3_auth_atom_id 
_pdbx_struct_conn_angle.ptnr3_auth_asym_id 
_pdbx_struct_conn_angle.ptnr3_auth_comp_id 
_pdbx_struct_conn_angle.ptnr3_auth_seq_id 
_pdbx_struct_conn_angle.ptnr3_PDB_ins_code 
_pdbx_struct_conn_angle.ptnr3_symmetry 
_pdbx_struct_conn_angle.value 
_pdbx_struct_conn_angle.value_esd 
1  O   ? A SER 60  ? A SER 60  ? 1_555 NA  ? B NA  . ? A NA  201 ? 1_555 O   ? A CYS 64 ? A CYS 64  ? 1_555 87.9  ? 
2  O   ? A SER 60  ? A SER 60  ? 1_555 NA  ? B NA  . ? A NA  201 ? 1_555 OG  ? A SER 72 ? A SER 72  ? 1_555 88.7  ? 
3  O   ? A CYS 64  ? A CYS 64  ? 1_555 NA  ? B NA  . ? A NA  201 ? 1_555 OG  ? A SER 72 ? A SER 72  ? 1_555 167.0 ? 
4  O   ? A SER 60  ? A SER 60  ? 1_555 NA  ? B NA  . ? A NA  201 ? 1_555 O   ? A ARG 73 ? A ARG 73  ? 1_555 94.7  ? 
5  O   ? A CYS 64  ? A CYS 64  ? 1_555 NA  ? B NA  . ? A NA  201 ? 1_555 O   ? A ARG 73 ? A ARG 73  ? 1_555 93.8  ? 
6  OG  ? A SER 72  ? A SER 72  ? 1_555 NA  ? B NA  . ? A NA  201 ? 1_555 O   ? A ARG 73 ? A ARG 73  ? 1_555 99.0  ? 
7  O   ? A SER 60  ? A SER 60  ? 1_555 NA  ? B NA  . ? A NA  201 ? 1_555 O   ? I HOH .  ? A HOH 389 ? 1_555 96.7  ? 
8  O   ? A CYS 64  ? A CYS 64  ? 1_555 NA  ? B NA  . ? A NA  201 ? 1_555 O   ? I HOH .  ? A HOH 389 ? 1_555 87.6  ? 
9  OG  ? A SER 72  ? A SER 72  ? 1_555 NA  ? B NA  . ? A NA  201 ? 1_555 O   ? I HOH .  ? A HOH 389 ? 1_555 80.3  ? 
10 O   ? A ARG 73  ? A ARG 73  ? 1_555 NA  ? B NA  . ? A NA  201 ? 1_555 O   ? I HOH .  ? A HOH 389 ? 1_555 168.5 ? 
11 O   ? A SER 60  ? A SER 60  ? 1_555 NA  ? B NA  . ? A NA  201 ? 1_555 O   ? I HOH .  ? A HOH 406 ? 1_555 172.6 ? 
12 O   ? A CYS 64  ? A CYS 64  ? 1_555 NA  ? B NA  . ? A NA  201 ? 1_555 O   ? I HOH .  ? A HOH 406 ? 1_555 98.1  ? 
13 OG  ? A SER 72  ? A SER 72  ? 1_555 NA  ? B NA  . ? A NA  201 ? 1_555 O   ? I HOH .  ? A HOH 406 ? 1_555 84.5  ? 
14 O   ? A ARG 73  ? A ARG 73  ? 1_555 NA  ? B NA  . ? A NA  201 ? 1_555 O   ? I HOH .  ? A HOH 406 ? 1_555 89.3  ? 
15 O   ? I HOH .   ? A HOH 389 ? 1_555 NA  ? B NA  . ? A NA  201 ? 1_555 O   ? I HOH .  ? A HOH 406 ? 1_555 79.2  ? 
16 OD1 ? A ASP 101 ? A ASP 101 ? 1_555 RU2 ? F YJT . ? A YJT 205 ? 1_555 RU1 ? F YJT .  ? A YJT 205 ? 1_555 90.3  ? 
17 OD1 ? A ASP 101 ? A ASP 101 ? 1_555 RU2 ? F YJT . ? A YJT 205 ? 1_555 O4  ? F YJT .  ? A YJT 205 ? 1_555 90.9  ? 
18 RU1 ? F YJT .   ? A YJT 205 ? 1_555 RU2 ? F YJT . ? A YJT 205 ? 1_555 O4  ? F YJT .  ? A YJT 205 ? 1_555 90.9  ? 
19 OD1 ? A ASP 101 ? A ASP 101 ? 1_555 RU2 ? F YJT . ? A YJT 205 ? 1_555 O2  ? F YJT .  ? A YJT 205 ? 1_555 87.9  ? 
20 RU1 ? F YJT .   ? A YJT 205 ? 1_555 RU2 ? F YJT . ? A YJT 205 ? 1_555 O2  ? F YJT .  ? A YJT 205 ? 1_555 95.5  ? 
21 O4  ? F YJT .   ? A YJT 205 ? 1_555 RU2 ? F YJT . ? A YJT 205 ? 1_555 O2  ? F YJT .  ? A YJT 205 ? 1_555 173.5 ? 
22 OD1 ? A ASP 101 ? A ASP 101 ? 1_555 RU2 ? F YJT . ? A YJT 205 ? 1_555 N2  ? F YJT .  ? A YJT 205 ? 1_555 179.0 ? 
23 RU1 ? F YJT .   ? A YJT 205 ? 1_555 RU2 ? F YJT . ? A YJT 205 ? 1_555 N2  ? F YJT .  ? A YJT 205 ? 1_555 90.0  ? 
24 O4  ? F YJT .   ? A YJT 205 ? 1_555 RU2 ? F YJT . ? A YJT 205 ? 1_555 N2  ? F YJT .  ? A YJT 205 ? 1_555 90.1  ? 
25 O2  ? F YJT .   ? A YJT 205 ? 1_555 RU2 ? F YJT . ? A YJT 205 ? 1_555 N2  ? F YJT .  ? A YJT 205 ? 1_555 91.1  ? 
26 OD1 ? A ASP 101 ? A ASP 101 ? 1_555 RU2 ? F YJT . ? A YJT 205 ? 1_555 O   ? I HOH .  ? A HOH 359 ? 1_555 79.9  ? 
27 RU1 ? F YJT .   ? A YJT 205 ? 1_555 RU2 ? F YJT . ? A YJT 205 ? 1_555 O   ? I HOH .  ? A HOH 359 ? 1_555 170.1 ? 
28 O4  ? F YJT .   ? A YJT 205 ? 1_555 RU2 ? F YJT . ? A YJT 205 ? 1_555 O   ? I HOH .  ? A HOH 359 ? 1_555 90.6  ? 
29 O2  ? F YJT .   ? A YJT 205 ? 1_555 RU2 ? F YJT . ? A YJT 205 ? 1_555 O   ? I HOH .  ? A HOH 359 ? 1_555 82.9  ? 
30 N2  ? F YJT .   ? A YJT 205 ? 1_555 RU2 ? F YJT . ? A YJT 205 ? 1_555 O   ? I HOH .  ? A HOH 359 ? 1_555 99.7  ? 
31 OD2 ? A ASP 101 ? A ASP 101 ? 1_555 RU1 ? F YJT . ? A YJT 205 ? 1_555 O3  ? F YJT .  ? A YJT 205 ? 1_555 91.9  ? 
32 OD2 ? A ASP 101 ? A ASP 101 ? 1_555 RU1 ? F YJT . ? A YJT 205 ? 1_555 O1  ? F YJT .  ? A YJT 205 ? 1_555 87.5  ? 
33 O3  ? F YJT .   ? A YJT 205 ? 1_555 RU1 ? F YJT . ? A YJT 205 ? 1_555 O1  ? F YJT .  ? A YJT 205 ? 1_555 174.4 ? 
34 OD2 ? A ASP 101 ? A ASP 101 ? 1_555 RU1 ? F YJT . ? A YJT 205 ? 1_555 N1  ? F YJT .  ? A YJT 205 ? 1_555 176.8 ? 
35 O3  ? F YJT .   ? A YJT 205 ? 1_555 RU1 ? F YJT . ? A YJT 205 ? 1_555 N1  ? F YJT .  ? A YJT 205 ? 1_555 89.6  ? 
36 O1  ? F YJT .   ? A YJT 205 ? 1_555 RU1 ? F YJT . ? A YJT 205 ? 1_555 N1  ? F YJT .  ? A YJT 205 ? 1_555 90.7  ? 
37 OD2 ? A ASP 101 ? A ASP 101 ? 1_555 RU1 ? F YJT . ? A YJT 205 ? 1_555 RU2 ? F YJT .  ? A YJT 205 ? 1_555 87.0  ? 
38 O3  ? F YJT .   ? A YJT 205 ? 1_555 RU1 ? F YJT . ? A YJT 205 ? 1_555 RU2 ? F YJT .  ? A YJT 205 ? 1_555 90.0  ? 
39 O1  ? F YJT .   ? A YJT 205 ? 1_555 RU1 ? F YJT . ? A YJT 205 ? 1_555 RU2 ? F YJT .  ? A YJT 205 ? 1_555 84.4  ? 
40 N1  ? F YJT .   ? A YJT 205 ? 1_555 RU1 ? F YJT . ? A YJT 205 ? 1_555 RU2 ? F YJT .  ? A YJT 205 ? 1_555 90.2  ? 
41 OD2 ? A ASP 101 ? A ASP 101 ? 1_555 RU1 ? F YJT . ? A YJT 205 ? 1_555 O   ? I HOH .  ? A HOH 378 ? 1_555 84.1  ? 
42 O3  ? F YJT .   ? A YJT 205 ? 1_555 RU1 ? F YJT . ? A YJT 205 ? 1_555 O   ? I HOH .  ? A HOH 378 ? 1_555 90.1  ? 
43 O1  ? F YJT .   ? A YJT 205 ? 1_555 RU1 ? F YJT . ? A YJT 205 ? 1_555 O   ? I HOH .  ? A HOH 378 ? 1_555 95.4  ? 
44 N1  ? F YJT .   ? A YJT 205 ? 1_555 RU1 ? F YJT . ? A YJT 205 ? 1_555 O   ? I HOH .  ? A HOH 378 ? 1_555 98.7  ? 
45 RU2 ? F YJT .   ? A YJT 205 ? 1_555 RU1 ? F YJT . ? A YJT 205 ? 1_555 O   ? I HOH .  ? A HOH 378 ? 1_555 171.1 ? 
46 NH1 ? A ARG 125 ? A ARG 125 ? 1_555 RU1 ? G YJT . ? A YJT 206 ? 4_444 RU2 ? G YJT .  ? A YJT 206 ? 4_444 127.2 ? 
# 
loop_
_pdbx_modification_feature.ordinal 
_pdbx_modification_feature.label_comp_id 
_pdbx_modification_feature.label_asym_id 
_pdbx_modification_feature.label_seq_id 
_pdbx_modification_feature.label_alt_id 
_pdbx_modification_feature.modified_residue_label_comp_id 
_pdbx_modification_feature.modified_residue_label_asym_id 
_pdbx_modification_feature.modified_residue_label_seq_id 
_pdbx_modification_feature.modified_residue_label_alt_id 
_pdbx_modification_feature.auth_comp_id 
_pdbx_modification_feature.auth_asym_id 
_pdbx_modification_feature.auth_seq_id 
_pdbx_modification_feature.PDB_ins_code 
_pdbx_modification_feature.symmetry 
_pdbx_modification_feature.modified_residue_auth_comp_id 
_pdbx_modification_feature.modified_residue_auth_asym_id 
_pdbx_modification_feature.modified_residue_auth_seq_id 
_pdbx_modification_feature.modified_residue_PDB_ins_code 
_pdbx_modification_feature.modified_residue_symmetry 
_pdbx_modification_feature.comp_id_linking_atom 
_pdbx_modification_feature.modified_residue_id_linking_atom 
_pdbx_modification_feature.modified_residue_id 
_pdbx_modification_feature.ref_pcm_id 
_pdbx_modification_feature.ref_comp_id 
_pdbx_modification_feature.type 
_pdbx_modification_feature.category 
1 CYS A 6  ? CYS A 127 ? CYS A 6  ? 1_555 CYS A 127 ? 1_555 SG SG . . . None 'Disulfide bridge' 
2 CYS A 30 ? CYS A 115 ? CYS A 30 ? 1_555 CYS A 115 ? 1_555 SG SG . . . None 'Disulfide bridge' 
3 CYS A 64 ? CYS A 80  ? CYS A 64 ? 1_555 CYS A 80  ? 1_555 SG SG . . . None 'Disulfide bridge' 
4 CYS A 76 ? CYS A 94  ? CYS A 76 ? 1_555 CYS A 94  ? 1_555 SG SG . . . None 'Disulfide bridge' 
# 
_struct_sheet.id               AA1 
_struct_sheet.type             ? 
_struct_sheet.number_strands   3 
_struct_sheet.details          ? 
# 
loop_
_struct_sheet_order.sheet_id 
_struct_sheet_order.range_id_1 
_struct_sheet_order.range_id_2 
_struct_sheet_order.offset 
_struct_sheet_order.sense 
AA1 1 2 ? anti-parallel 
AA1 2 3 ? anti-parallel 
# 
loop_
_struct_sheet_range.sheet_id 
_struct_sheet_range.id 
_struct_sheet_range.beg_label_comp_id 
_struct_sheet_range.beg_label_asym_id 
_struct_sheet_range.beg_label_seq_id 
_struct_sheet_range.pdbx_beg_PDB_ins_code 
_struct_sheet_range.end_label_comp_id 
_struct_sheet_range.end_label_asym_id 
_struct_sheet_range.end_label_seq_id 
_struct_sheet_range.pdbx_end_PDB_ins_code 
_struct_sheet_range.beg_auth_comp_id 
_struct_sheet_range.beg_auth_asym_id 
_struct_sheet_range.beg_auth_seq_id 
_struct_sheet_range.end_auth_comp_id 
_struct_sheet_range.end_auth_asym_id 
_struct_sheet_range.end_auth_seq_id 
AA1 1 THR A 43 ? ARG A 45 ? THR A 43 ARG A 45 
AA1 2 THR A 51 ? TYR A 53 ? THR A 51 TYR A 53 
AA1 3 ILE A 58 ? ASN A 59 ? ILE A 58 ASN A 59 
# 
loop_
_pdbx_struct_sheet_hbond.sheet_id 
_pdbx_struct_sheet_hbond.range_id_1 
_pdbx_struct_sheet_hbond.range_id_2 
_pdbx_struct_sheet_hbond.range_1_label_atom_id 
_pdbx_struct_sheet_hbond.range_1_label_comp_id 
_pdbx_struct_sheet_hbond.range_1_label_asym_id 
_pdbx_struct_sheet_hbond.range_1_label_seq_id 
_pdbx_struct_sheet_hbond.range_1_PDB_ins_code 
_pdbx_struct_sheet_hbond.range_1_auth_atom_id 
_pdbx_struct_sheet_hbond.range_1_auth_comp_id 
_pdbx_struct_sheet_hbond.range_1_auth_asym_id 
_pdbx_struct_sheet_hbond.range_1_auth_seq_id 
_pdbx_struct_sheet_hbond.range_2_label_atom_id 
_pdbx_struct_sheet_hbond.range_2_label_comp_id 
_pdbx_struct_sheet_hbond.range_2_label_asym_id 
_pdbx_struct_sheet_hbond.range_2_label_seq_id 
_pdbx_struct_sheet_hbond.range_2_PDB_ins_code 
_pdbx_struct_sheet_hbond.range_2_auth_atom_id 
_pdbx_struct_sheet_hbond.range_2_auth_comp_id 
_pdbx_struct_sheet_hbond.range_2_auth_asym_id 
_pdbx_struct_sheet_hbond.range_2_auth_seq_id 
AA1 1 2 N ASN A 44 ? N ASN A 44 O ASP A 52 ? O ASP A 52 
AA1 2 3 N TYR A 53 ? N TYR A 53 O ILE A 58 ? O ILE A 58 
# 
_pdbx_entry_details.entry_id                   8PFX 
_pdbx_entry_details.has_ligand_of_interest     Y 
_pdbx_entry_details.compound_details           ? 
_pdbx_entry_details.source_details             ? 
_pdbx_entry_details.nonpolymer_details         ? 
_pdbx_entry_details.sequence_details           ? 
_pdbx_entry_details.has_protein_modification   Y 
# 
_pdbx_validate_symm_contact.id                1 
_pdbx_validate_symm_contact.PDB_model_num     1 
_pdbx_validate_symm_contact.auth_atom_id_1    O 
_pdbx_validate_symm_contact.auth_asym_id_1    A 
_pdbx_validate_symm_contact.auth_comp_id_1    LEU 
_pdbx_validate_symm_contact.auth_seq_id_1     129 
_pdbx_validate_symm_contact.PDB_ins_code_1    ? 
_pdbx_validate_symm_contact.label_alt_id_1    ? 
_pdbx_validate_symm_contact.site_symmetry_1   1_555 
_pdbx_validate_symm_contact.auth_atom_id_2    O 
_pdbx_validate_symm_contact.auth_asym_id_2    A 
_pdbx_validate_symm_contact.auth_comp_id_2    LEU 
_pdbx_validate_symm_contact.auth_seq_id_2     129 
_pdbx_validate_symm_contact.PDB_ins_code_2    ? 
_pdbx_validate_symm_contact.label_alt_id_2    ? 
_pdbx_validate_symm_contact.site_symmetry_2   7_554 
_pdbx_validate_symm_contact.dist              1.83 
# 
_pdbx_validate_rmsd_angle.id                         1 
_pdbx_validate_rmsd_angle.PDB_model_num              1 
_pdbx_validate_rmsd_angle.auth_atom_id_1             CG 
_pdbx_validate_rmsd_angle.auth_asym_id_1             A 
_pdbx_validate_rmsd_angle.auth_comp_id_1             ARG 
_pdbx_validate_rmsd_angle.auth_seq_id_1              45 
_pdbx_validate_rmsd_angle.PDB_ins_code_1             ? 
_pdbx_validate_rmsd_angle.label_alt_id_1             A 
_pdbx_validate_rmsd_angle.auth_atom_id_2             CD 
_pdbx_validate_rmsd_angle.auth_asym_id_2             A 
_pdbx_validate_rmsd_angle.auth_comp_id_2             ARG 
_pdbx_validate_rmsd_angle.auth_seq_id_2              45 
_pdbx_validate_rmsd_angle.PDB_ins_code_2             ? 
_pdbx_validate_rmsd_angle.label_alt_id_2             A 
_pdbx_validate_rmsd_angle.auth_atom_id_3             NE 
_pdbx_validate_rmsd_angle.auth_asym_id_3             A 
_pdbx_validate_rmsd_angle.auth_comp_id_3             ARG 
_pdbx_validate_rmsd_angle.auth_seq_id_3              45 
_pdbx_validate_rmsd_angle.PDB_ins_code_3             ? 
_pdbx_validate_rmsd_angle.label_alt_id_3             A 
_pdbx_validate_rmsd_angle.angle_value                125.98 
_pdbx_validate_rmsd_angle.angle_target_value         111.80 
_pdbx_validate_rmsd_angle.angle_deviation            14.18 
_pdbx_validate_rmsd_angle.angle_standard_deviation   2.10 
_pdbx_validate_rmsd_angle.linker_flag                N 
# 
_pdbx_validate_planes.id              1 
_pdbx_validate_planes.PDB_model_num   1 
_pdbx_validate_planes.auth_comp_id    ARG 
_pdbx_validate_planes.auth_asym_id    A 
_pdbx_validate_planes.auth_seq_id     45 
_pdbx_validate_planes.PDB_ins_code    ? 
_pdbx_validate_planes.label_alt_id    A 
_pdbx_validate_planes.rmsd            0.210 
_pdbx_validate_planes.type            'SIDE CHAIN' 
# 
loop_
_pdbx_struct_special_symmetry.id 
_pdbx_struct_special_symmetry.PDB_model_num 
_pdbx_struct_special_symmetry.auth_asym_id 
_pdbx_struct_special_symmetry.auth_comp_id 
_pdbx_struct_special_symmetry.auth_seq_id 
_pdbx_struct_special_symmetry.PDB_ins_code 
_pdbx_struct_special_symmetry.label_asym_id 
_pdbx_struct_special_symmetry.label_comp_id 
_pdbx_struct_special_symmetry.label_seq_id 
1 1 A HOH 305 ? I HOH . 
2 1 A HOH 343 ? I HOH . 
3 1 A HOH 372 ? I HOH . 
# 
loop_
_chem_comp_atom.comp_id 
_chem_comp_atom.atom_id 
_chem_comp_atom.type_symbol 
_chem_comp_atom.pdbx_aromatic_flag 
_chem_comp_atom.pdbx_stereo_config 
_chem_comp_atom.pdbx_ordinal 
ALA N    N  N N 1   
ALA CA   C  N S 2   
ALA C    C  N N 3   
ALA O    O  N N 4   
ALA CB   C  N N 5   
ALA OXT  O  N N 6   
ALA H    H  N N 7   
ALA H2   H  N N 8   
ALA HA   H  N N 9   
ALA HB1  H  N N 10  
ALA HB2  H  N N 11  
ALA HB3  H  N N 12  
ALA HXT  H  N N 13  
ARG N    N  N N 14  
ARG CA   C  N S 15  
ARG C    C  N N 16  
ARG O    O  N N 17  
ARG CB   C  N N 18  
ARG CG   C  N N 19  
ARG CD   C  N N 20  
ARG NE   N  N N 21  
ARG CZ   C  N N 22  
ARG NH1  N  N N 23  
ARG NH2  N  N N 24  
ARG OXT  O  N N 25  
ARG H    H  N N 26  
ARG H2   H  N N 27  
ARG HA   H  N N 28  
ARG HB2  H  N N 29  
ARG HB3  H  N N 30  
ARG HG2  H  N N 31  
ARG HG3  H  N N 32  
ARG HD2  H  N N 33  
ARG HD3  H  N N 34  
ARG HE   H  N N 35  
ARG HH11 H  N N 36  
ARG HH12 H  N N 37  
ARG HH21 H  N N 38  
ARG HH22 H  N N 39  
ARG HXT  H  N N 40  
ASN N    N  N N 41  
ASN CA   C  N S 42  
ASN C    C  N N 43  
ASN O    O  N N 44  
ASN CB   C  N N 45  
ASN CG   C  N N 46  
ASN OD1  O  N N 47  
ASN ND2  N  N N 48  
ASN OXT  O  N N 49  
ASN H    H  N N 50  
ASN H2   H  N N 51  
ASN HA   H  N N 52  
ASN HB2  H  N N 53  
ASN HB3  H  N N 54  
ASN HD21 H  N N 55  
ASN HD22 H  N N 56  
ASN HXT  H  N N 57  
ASP N    N  N N 58  
ASP CA   C  N S 59  
ASP C    C  N N 60  
ASP O    O  N N 61  
ASP CB   C  N N 62  
ASP CG   C  N N 63  
ASP OD1  O  N N 64  
ASP OD2  O  N N 65  
ASP OXT  O  N N 66  
ASP H    H  N N 67  
ASP H2   H  N N 68  
ASP HA   H  N N 69  
ASP HB2  H  N N 70  
ASP HB3  H  N N 71  
ASP HD2  H  N N 72  
ASP HXT  H  N N 73  
CYS N    N  N N 74  
CYS CA   C  N R 75  
CYS C    C  N N 76  
CYS O    O  N N 77  
CYS CB   C  N N 78  
CYS SG   S  N N 79  
CYS OXT  O  N N 80  
CYS H    H  N N 81  
CYS H2   H  N N 82  
CYS HA   H  N N 83  
CYS HB2  H  N N 84  
CYS HB3  H  N N 85  
CYS HG   H  N N 86  
CYS HXT  H  N N 87  
EPE N1   N  N N 88  
EPE C2   C  N N 89  
EPE C3   C  N N 90  
EPE N4   N  N N 91  
EPE C5   C  N N 92  
EPE C6   C  N N 93  
EPE C7   C  N N 94  
EPE C8   C  N N 95  
EPE O8   O  N N 96  
EPE C9   C  N N 97  
EPE C10  C  N N 98  
EPE S    S  N N 99  
EPE O1S  O  N N 100 
EPE O2S  O  N N 101 
EPE O3S  O  N N 102 
EPE H21  H  N N 103 
EPE H22  H  N N 104 
EPE H31  H  N N 105 
EPE H32  H  N N 106 
EPE H51  H  N N 107 
EPE H52  H  N N 108 
EPE H61  H  N N 109 
EPE H62  H  N N 110 
EPE H71  H  N N 111 
EPE H72  H  N N 112 
EPE H81  H  N N 113 
EPE H82  H  N N 114 
EPE HO8  H  N N 115 
EPE H91  H  N N 116 
EPE H92  H  N N 117 
EPE H101 H  N N 118 
EPE H102 H  N N 119 
EPE HOS3 H  N N 120 
FMT C    C  N N 121 
FMT O1   O  N N 122 
FMT O2   O  N N 123 
FMT H    H  N N 124 
FMT HO2  H  N N 125 
GLN N    N  N N 126 
GLN CA   C  N S 127 
GLN C    C  N N 128 
GLN O    O  N N 129 
GLN CB   C  N N 130 
GLN CG   C  N N 131 
GLN CD   C  N N 132 
GLN OE1  O  N N 133 
GLN NE2  N  N N 134 
GLN OXT  O  N N 135 
GLN H    H  N N 136 
GLN H2   H  N N 137 
GLN HA   H  N N 138 
GLN HB2  H  N N 139 
GLN HB3  H  N N 140 
GLN HG2  H  N N 141 
GLN HG3  H  N N 142 
GLN HE21 H  N N 143 
GLN HE22 H  N N 144 
GLN HXT  H  N N 145 
GLU N    N  N N 146 
GLU CA   C  N S 147 
GLU C    C  N N 148 
GLU O    O  N N 149 
GLU CB   C  N N 150 
GLU CG   C  N N 151 
GLU CD   C  N N 152 
GLU OE1  O  N N 153 
GLU OE2  O  N N 154 
GLU OXT  O  N N 155 
GLU H    H  N N 156 
GLU H2   H  N N 157 
GLU HA   H  N N 158 
GLU HB2  H  N N 159 
GLU HB3  H  N N 160 
GLU HG2  H  N N 161 
GLU HG3  H  N N 162 
GLU HE2  H  N N 163 
GLU HXT  H  N N 164 
GLY N    N  N N 165 
GLY CA   C  N N 166 
GLY C    C  N N 167 
GLY O    O  N N 168 
GLY OXT  O  N N 169 
GLY H    H  N N 170 
GLY H2   H  N N 171 
GLY HA2  H  N N 172 
GLY HA3  H  N N 173 
GLY HXT  H  N N 174 
HIS N    N  N N 175 
HIS CA   C  N S 176 
HIS C    C  N N 177 
HIS O    O  N N 178 
HIS CB   C  N N 179 
HIS CG   C  Y N 180 
HIS ND1  N  Y N 181 
HIS CD2  C  Y N 182 
HIS CE1  C  Y N 183 
HIS NE2  N  Y N 184 
HIS OXT  O  N N 185 
HIS H    H  N N 186 
HIS H2   H  N N 187 
HIS HA   H  N N 188 
HIS HB2  H  N N 189 
HIS HB3  H  N N 190 
HIS HD1  H  N N 191 
HIS HD2  H  N N 192 
HIS HE1  H  N N 193 
HIS HE2  H  N N 194 
HIS HXT  H  N N 195 
HOH O    O  N N 196 
HOH H1   H  N N 197 
HOH H2   H  N N 198 
ILE N    N  N N 199 
ILE CA   C  N S 200 
ILE C    C  N N 201 
ILE O    O  N N 202 
ILE CB   C  N S 203 
ILE CG1  C  N N 204 
ILE CG2  C  N N 205 
ILE CD1  C  N N 206 
ILE OXT  O  N N 207 
ILE H    H  N N 208 
ILE H2   H  N N 209 
ILE HA   H  N N 210 
ILE HB   H  N N 211 
ILE HG12 H  N N 212 
ILE HG13 H  N N 213 
ILE HG21 H  N N 214 
ILE HG22 H  N N 215 
ILE HG23 H  N N 216 
ILE HD11 H  N N 217 
ILE HD12 H  N N 218 
ILE HD13 H  N N 219 
ILE HXT  H  N N 220 
LEU N    N  N N 221 
LEU CA   C  N S 222 
LEU C    C  N N 223 
LEU O    O  N N 224 
LEU CB   C  N N 225 
LEU CG   C  N N 226 
LEU CD1  C  N N 227 
LEU CD2  C  N N 228 
LEU OXT  O  N N 229 
LEU H    H  N N 230 
LEU H2   H  N N 231 
LEU HA   H  N N 232 
LEU HB2  H  N N 233 
LEU HB3  H  N N 234 
LEU HG   H  N N 235 
LEU HD11 H  N N 236 
LEU HD12 H  N N 237 
LEU HD13 H  N N 238 
LEU HD21 H  N N 239 
LEU HD22 H  N N 240 
LEU HD23 H  N N 241 
LEU HXT  H  N N 242 
LYS N    N  N N 243 
LYS CA   C  N S 244 
LYS C    C  N N 245 
LYS O    O  N N 246 
LYS CB   C  N N 247 
LYS CG   C  N N 248 
LYS CD   C  N N 249 
LYS CE   C  N N 250 
LYS NZ   N  N N 251 
LYS OXT  O  N N 252 
LYS H    H  N N 253 
LYS H2   H  N N 254 
LYS HA   H  N N 255 
LYS HB2  H  N N 256 
LYS HB3  H  N N 257 
LYS HG2  H  N N 258 
LYS HG3  H  N N 259 
LYS HD2  H  N N 260 
LYS HD3  H  N N 261 
LYS HE2  H  N N 262 
LYS HE3  H  N N 263 
LYS HZ1  H  N N 264 
LYS HZ2  H  N N 265 
LYS HZ3  H  N N 266 
LYS HXT  H  N N 267 
MET N    N  N N 268 
MET CA   C  N S 269 
MET C    C  N N 270 
MET O    O  N N 271 
MET CB   C  N N 272 
MET CG   C  N N 273 
MET SD   S  N N 274 
MET CE   C  N N 275 
MET OXT  O  N N 276 
MET H    H  N N 277 
MET H2   H  N N 278 
MET HA   H  N N 279 
MET HB2  H  N N 280 
MET HB3  H  N N 281 
MET HG2  H  N N 282 
MET HG3  H  N N 283 
MET HE1  H  N N 284 
MET HE2  H  N N 285 
MET HE3  H  N N 286 
MET HXT  H  N N 287 
NA  NA   NA N N 288 
PHE N    N  N N 289 
PHE CA   C  N S 290 
PHE C    C  N N 291 
PHE O    O  N N 292 
PHE CB   C  N N 293 
PHE CG   C  Y N 294 
PHE CD1  C  Y N 295 
PHE CD2  C  Y N 296 
PHE CE1  C  Y N 297 
PHE CE2  C  Y N 298 
PHE CZ   C  Y N 299 
PHE OXT  O  N N 300 
PHE H    H  N N 301 
PHE H2   H  N N 302 
PHE HA   H  N N 303 
PHE HB2  H  N N 304 
PHE HB3  H  N N 305 
PHE HD1  H  N N 306 
PHE HD2  H  N N 307 
PHE HE1  H  N N 308 
PHE HE2  H  N N 309 
PHE HZ   H  N N 310 
PHE HXT  H  N N 311 
PRO N    N  N N 312 
PRO CA   C  N S 313 
PRO C    C  N N 314 
PRO O    O  N N 315 
PRO CB   C  N N 316 
PRO CG   C  N N 317 
PRO CD   C  N N 318 
PRO OXT  O  N N 319 
PRO H    H  N N 320 
PRO HA   H  N N 321 
PRO HB2  H  N N 322 
PRO HB3  H  N N 323 
PRO HG2  H  N N 324 
PRO HG3  H  N N 325 
PRO HD2  H  N N 326 
PRO HD3  H  N N 327 
PRO HXT  H  N N 328 
SER N    N  N N 329 
SER CA   C  N S 330 
SER C    C  N N 331 
SER O    O  N N 332 
SER CB   C  N N 333 
SER OG   O  N N 334 
SER OXT  O  N N 335 
SER H    H  N N 336 
SER H2   H  N N 337 
SER HA   H  N N 338 
SER HB2  H  N N 339 
SER HB3  H  N N 340 
SER HG   H  N N 341 
SER HXT  H  N N 342 
THR N    N  N N 343 
THR CA   C  N S 344 
THR C    C  N N 345 
THR O    O  N N 346 
THR CB   C  N R 347 
THR OG1  O  N N 348 
THR CG2  C  N N 349 
THR OXT  O  N N 350 
THR H    H  N N 351 
THR H2   H  N N 352 
THR HA   H  N N 353 
THR HB   H  N N 354 
THR HG1  H  N N 355 
THR HG21 H  N N 356 
THR HG22 H  N N 357 
THR HG23 H  N N 358 
THR HXT  H  N N 359 
TRP N    N  N N 360 
TRP CA   C  N S 361 
TRP C    C  N N 362 
TRP O    O  N N 363 
TRP CB   C  N N 364 
TRP CG   C  Y N 365 
TRP CD1  C  Y N 366 
TRP CD2  C  Y N 367 
TRP NE1  N  Y N 368 
TRP CE2  C  Y N 369 
TRP CE3  C  Y N 370 
TRP CZ2  C  Y N 371 
TRP CZ3  C  Y N 372 
TRP CH2  C  Y N 373 
TRP OXT  O  N N 374 
TRP H    H  N N 375 
TRP H2   H  N N 376 
TRP HA   H  N N 377 
TRP HB2  H  N N 378 
TRP HB3  H  N N 379 
TRP HD1  H  N N 380 
TRP HE1  H  N N 381 
TRP HE3  H  N N 382 
TRP HZ2  H  N N 383 
TRP HZ3  H  N N 384 
TRP HH2  H  N N 385 
TRP HXT  H  N N 386 
TYR N    N  N N 387 
TYR CA   C  N S 388 
TYR C    C  N N 389 
TYR O    O  N N 390 
TYR CB   C  N N 391 
TYR CG   C  Y N 392 
TYR CD1  C  Y N 393 
TYR CD2  C  Y N 394 
TYR CE1  C  Y N 395 
TYR CE2  C  Y N 396 
TYR CZ   C  Y N 397 
TYR OH   O  N N 398 
TYR OXT  O  N N 399 
TYR H    H  N N 400 
TYR H2   H  N N 401 
TYR HA   H  N N 402 
TYR HB2  H  N N 403 
TYR HB3  H  N N 404 
TYR HD1  H  N N 405 
TYR HD2  H  N N 406 
TYR HE1  H  N N 407 
TYR HE2  H  N N 408 
TYR HH   H  N N 409 
TYR HXT  H  N N 410 
VAL N    N  N N 411 
VAL CA   C  N S 412 
VAL C    C  N N 413 
VAL O    O  N N 414 
VAL CB   C  N N 415 
VAL CG1  C  N N 416 
VAL CG2  C  N N 417 
VAL OXT  O  N N 418 
VAL H    H  N N 419 
VAL H2   H  N N 420 
VAL HA   H  N N 421 
VAL HB   H  N N 422 
VAL HG11 H  N N 423 
VAL HG12 H  N N 424 
VAL HG13 H  N N 425 
VAL HG21 H  N N 426 
VAL HG22 H  N N 427 
VAL HG23 H  N N 428 
VAL HXT  H  N N 429 
YJT C2   C  Y N 430 
YJT C4   C  Y N 431 
YJT O4   O  N N 432 
YJT C5   C  Y N 433 
YJT C6   C  Y N 434 
YJT N2   N  N N 435 
YJT C3   C  Y N 436 
YJT O3   O  N N 437 
YJT C1   C  N N 438 
YJT O1   O  N N 439 
YJT RU1  RU N S 440 
YJT RU2  RU N R 441 
YJT F1   F  N N 442 
YJT F2   F  N N 443 
YJT O2   O  N N 444 
YJT N1   N  N N 445 
YJT C7   C  Y N 446 
YJT C14  C  N N 447 
YJT C11  C  Y N 448 
YJT C8   C  Y N 449 
YJT C10  C  Y N 450 
YJT C9   C  Y N 451 
YJT C12  C  Y N 452 
YJT C13  C  Y N 453 
YJT O7   O  N N 454 
YJT H1   H  N N 455 
YJT H2   H  N N 456 
YJT H3   H  N N 457 
YJT H4   H  N N 458 
YJT H5   H  N N 459 
YJT H6   H  N N 460 
YJT H7   H  N N 461 
YJT H8   H  N N 462 
YJT H9   H  N N 463 
YJT H10  H  N N 464 
YJT H11  H  N N 465 
YJT H12  H  N N 466 
# 
loop_
_chem_comp_bond.comp_id 
_chem_comp_bond.atom_id_1 
_chem_comp_bond.atom_id_2 
_chem_comp_bond.value_order 
_chem_comp_bond.pdbx_aromatic_flag 
_chem_comp_bond.pdbx_stereo_config 
_chem_comp_bond.pdbx_ordinal 
ALA N   CA   sing N N 1   
ALA N   H    sing N N 2   
ALA N   H2   sing N N 3   
ALA CA  C    sing N N 4   
ALA CA  CB   sing N N 5   
ALA CA  HA   sing N N 6   
ALA C   O    doub N N 7   
ALA C   OXT  sing N N 8   
ALA CB  HB1  sing N N 9   
ALA CB  HB2  sing N N 10  
ALA CB  HB3  sing N N 11  
ALA OXT HXT  sing N N 12  
ARG N   CA   sing N N 13  
ARG N   H    sing N N 14  
ARG N   H2   sing N N 15  
ARG CA  C    sing N N 16  
ARG CA  CB   sing N N 17  
ARG CA  HA   sing N N 18  
ARG C   O    doub N N 19  
ARG C   OXT  sing N N 20  
ARG CB  CG   sing N N 21  
ARG CB  HB2  sing N N 22  
ARG CB  HB3  sing N N 23  
ARG CG  CD   sing N N 24  
ARG CG  HG2  sing N N 25  
ARG CG  HG3  sing N N 26  
ARG CD  NE   sing N N 27  
ARG CD  HD2  sing N N 28  
ARG CD  HD3  sing N N 29  
ARG NE  CZ   sing N N 30  
ARG NE  HE   sing N N 31  
ARG CZ  NH1  sing N N 32  
ARG CZ  NH2  doub N N 33  
ARG NH1 HH11 sing N N 34  
ARG NH1 HH12 sing N N 35  
ARG NH2 HH21 sing N N 36  
ARG NH2 HH22 sing N N 37  
ARG OXT HXT  sing N N 38  
ASN N   CA   sing N N 39  
ASN N   H    sing N N 40  
ASN N   H2   sing N N 41  
ASN CA  C    sing N N 42  
ASN CA  CB   sing N N 43  
ASN CA  HA   sing N N 44  
ASN C   O    doub N N 45  
ASN C   OXT  sing N N 46  
ASN CB  CG   sing N N 47  
ASN CB  HB2  sing N N 48  
ASN CB  HB3  sing N N 49  
ASN CG  OD1  doub N N 50  
ASN CG  ND2  sing N N 51  
ASN ND2 HD21 sing N N 52  
ASN ND2 HD22 sing N N 53  
ASN OXT HXT  sing N N 54  
ASP N   CA   sing N N 55  
ASP N   H    sing N N 56  
ASP N   H2   sing N N 57  
ASP CA  C    sing N N 58  
ASP CA  CB   sing N N 59  
ASP CA  HA   sing N N 60  
ASP C   O    doub N N 61  
ASP C   OXT  sing N N 62  
ASP CB  CG   sing N N 63  
ASP CB  HB2  sing N N 64  
ASP CB  HB3  sing N N 65  
ASP CG  OD1  doub N N 66  
ASP CG  OD2  sing N N 67  
ASP OD2 HD2  sing N N 68  
ASP OXT HXT  sing N N 69  
CYS N   CA   sing N N 70  
CYS N   H    sing N N 71  
CYS N   H2   sing N N 72  
CYS CA  C    sing N N 73  
CYS CA  CB   sing N N 74  
CYS CA  HA   sing N N 75  
CYS C   O    doub N N 76  
CYS C   OXT  sing N N 77  
CYS CB  SG   sing N N 78  
CYS CB  HB2  sing N N 79  
CYS CB  HB3  sing N N 80  
CYS SG  HG   sing N N 81  
CYS OXT HXT  sing N N 82  
EPE N1  C2   sing N N 83  
EPE N1  C6   sing N N 84  
EPE N1  C9   sing N N 85  
EPE C2  C3   sing N N 86  
EPE C2  H21  sing N N 87  
EPE C2  H22  sing N N 88  
EPE C3  N4   sing N N 89  
EPE C3  H31  sing N N 90  
EPE C3  H32  sing N N 91  
EPE N4  C5   sing N N 92  
EPE N4  C7   sing N N 93  
EPE C5  C6   sing N N 94  
EPE C5  H51  sing N N 95  
EPE C5  H52  sing N N 96  
EPE C6  H61  sing N N 97  
EPE C6  H62  sing N N 98  
EPE C7  C8   sing N N 99  
EPE C7  H71  sing N N 100 
EPE C7  H72  sing N N 101 
EPE C8  O8   sing N N 102 
EPE C8  H81  sing N N 103 
EPE C8  H82  sing N N 104 
EPE O8  HO8  sing N N 105 
EPE C9  C10  sing N N 106 
EPE C9  H91  sing N N 107 
EPE C9  H92  sing N N 108 
EPE C10 S    sing N N 109 
EPE C10 H101 sing N N 110 
EPE C10 H102 sing N N 111 
EPE S   O1S  doub N N 112 
EPE S   O2S  doub N N 113 
EPE S   O3S  sing N N 114 
EPE O3S HOS3 sing N N 115 
FMT C   O1   doub N N 116 
FMT C   O2   sing N N 117 
FMT C   H    sing N N 118 
FMT O2  HO2  sing N N 119 
GLN N   CA   sing N N 120 
GLN N   H    sing N N 121 
GLN N   H2   sing N N 122 
GLN CA  C    sing N N 123 
GLN CA  CB   sing N N 124 
GLN CA  HA   sing N N 125 
GLN C   O    doub N N 126 
GLN C   OXT  sing N N 127 
GLN CB  CG   sing N N 128 
GLN CB  HB2  sing N N 129 
GLN CB  HB3  sing N N 130 
GLN CG  CD   sing N N 131 
GLN CG  HG2  sing N N 132 
GLN CG  HG3  sing N N 133 
GLN CD  OE1  doub N N 134 
GLN CD  NE2  sing N N 135 
GLN NE2 HE21 sing N N 136 
GLN NE2 HE22 sing N N 137 
GLN OXT HXT  sing N N 138 
GLU N   CA   sing N N 139 
GLU N   H    sing N N 140 
GLU N   H2   sing N N 141 
GLU CA  C    sing N N 142 
GLU CA  CB   sing N N 143 
GLU CA  HA   sing N N 144 
GLU C   O    doub N N 145 
GLU C   OXT  sing N N 146 
GLU CB  CG   sing N N 147 
GLU CB  HB2  sing N N 148 
GLU CB  HB3  sing N N 149 
GLU CG  CD   sing N N 150 
GLU CG  HG2  sing N N 151 
GLU CG  HG3  sing N N 152 
GLU CD  OE1  doub N N 153 
GLU CD  OE2  sing N N 154 
GLU OE2 HE2  sing N N 155 
GLU OXT HXT  sing N N 156 
GLY N   CA   sing N N 157 
GLY N   H    sing N N 158 
GLY N   H2   sing N N 159 
GLY CA  C    sing N N 160 
GLY CA  HA2  sing N N 161 
GLY CA  HA3  sing N N 162 
GLY C   O    doub N N 163 
GLY C   OXT  sing N N 164 
GLY OXT HXT  sing N N 165 
HIS N   CA   sing N N 166 
HIS N   H    sing N N 167 
HIS N   H2   sing N N 168 
HIS CA  C    sing N N 169 
HIS CA  CB   sing N N 170 
HIS CA  HA   sing N N 171 
HIS C   O    doub N N 172 
HIS C   OXT  sing N N 173 
HIS CB  CG   sing N N 174 
HIS CB  HB2  sing N N 175 
HIS CB  HB3  sing N N 176 
HIS CG  ND1  sing Y N 177 
HIS CG  CD2  doub Y N 178 
HIS ND1 CE1  doub Y N 179 
HIS ND1 HD1  sing N N 180 
HIS CD2 NE2  sing Y N 181 
HIS CD2 HD2  sing N N 182 
HIS CE1 NE2  sing Y N 183 
HIS CE1 HE1  sing N N 184 
HIS NE2 HE2  sing N N 185 
HIS OXT HXT  sing N N 186 
HOH O   H1   sing N N 187 
HOH O   H2   sing N N 188 
ILE N   CA   sing N N 189 
ILE N   H    sing N N 190 
ILE N   H2   sing N N 191 
ILE CA  C    sing N N 192 
ILE CA  CB   sing N N 193 
ILE CA  HA   sing N N 194 
ILE C   O    doub N N 195 
ILE C   OXT  sing N N 196 
ILE CB  CG1  sing N N 197 
ILE CB  CG2  sing N N 198 
ILE CB  HB   sing N N 199 
ILE CG1 CD1  sing N N 200 
ILE CG1 HG12 sing N N 201 
ILE CG1 HG13 sing N N 202 
ILE CG2 HG21 sing N N 203 
ILE CG2 HG22 sing N N 204 
ILE CG2 HG23 sing N N 205 
ILE CD1 HD11 sing N N 206 
ILE CD1 HD12 sing N N 207 
ILE CD1 HD13 sing N N 208 
ILE OXT HXT  sing N N 209 
LEU N   CA   sing N N 210 
LEU N   H    sing N N 211 
LEU N   H2   sing N N 212 
LEU CA  C    sing N N 213 
LEU CA  CB   sing N N 214 
LEU CA  HA   sing N N 215 
LEU C   O    doub N N 216 
LEU C   OXT  sing N N 217 
LEU CB  CG   sing N N 218 
LEU CB  HB2  sing N N 219 
LEU CB  HB3  sing N N 220 
LEU CG  CD1  sing N N 221 
LEU CG  CD2  sing N N 222 
LEU CG  HG   sing N N 223 
LEU CD1 HD11 sing N N 224 
LEU CD1 HD12 sing N N 225 
LEU CD1 HD13 sing N N 226 
LEU CD2 HD21 sing N N 227 
LEU CD2 HD22 sing N N 228 
LEU CD2 HD23 sing N N 229 
LEU OXT HXT  sing N N 230 
LYS N   CA   sing N N 231 
LYS N   H    sing N N 232 
LYS N   H2   sing N N 233 
LYS CA  C    sing N N 234 
LYS CA  CB   sing N N 235 
LYS CA  HA   sing N N 236 
LYS C   O    doub N N 237 
LYS C   OXT  sing N N 238 
LYS CB  CG   sing N N 239 
LYS CB  HB2  sing N N 240 
LYS CB  HB3  sing N N 241 
LYS CG  CD   sing N N 242 
LYS CG  HG2  sing N N 243 
LYS CG  HG3  sing N N 244 
LYS CD  CE   sing N N 245 
LYS CD  HD2  sing N N 246 
LYS CD  HD3  sing N N 247 
LYS CE  NZ   sing N N 248 
LYS CE  HE2  sing N N 249 
LYS CE  HE3  sing N N 250 
LYS NZ  HZ1  sing N N 251 
LYS NZ  HZ2  sing N N 252 
LYS NZ  HZ3  sing N N 253 
LYS OXT HXT  sing N N 254 
MET N   CA   sing N N 255 
MET N   H    sing N N 256 
MET N   H2   sing N N 257 
MET CA  C    sing N N 258 
MET CA  CB   sing N N 259 
MET CA  HA   sing N N 260 
MET C   O    doub N N 261 
MET C   OXT  sing N N 262 
MET CB  CG   sing N N 263 
MET CB  HB2  sing N N 264 
MET CB  HB3  sing N N 265 
MET CG  SD   sing N N 266 
MET CG  HG2  sing N N 267 
MET CG  HG3  sing N N 268 
MET SD  CE   sing N N 269 
MET CE  HE1  sing N N 270 
MET CE  HE2  sing N N 271 
MET CE  HE3  sing N N 272 
MET OXT HXT  sing N N 273 
PHE N   CA   sing N N 274 
PHE N   H    sing N N 275 
PHE N   H2   sing N N 276 
PHE CA  C    sing N N 277 
PHE CA  CB   sing N N 278 
PHE CA  HA   sing N N 279 
PHE C   O    doub N N 280 
PHE C   OXT  sing N N 281 
PHE CB  CG   sing N N 282 
PHE CB  HB2  sing N N 283 
PHE CB  HB3  sing N N 284 
PHE CG  CD1  doub Y N 285 
PHE CG  CD2  sing Y N 286 
PHE CD1 CE1  sing Y N 287 
PHE CD1 HD1  sing N N 288 
PHE CD2 CE2  doub Y N 289 
PHE CD2 HD2  sing N N 290 
PHE CE1 CZ   doub Y N 291 
PHE CE1 HE1  sing N N 292 
PHE CE2 CZ   sing Y N 293 
PHE CE2 HE2  sing N N 294 
PHE CZ  HZ   sing N N 295 
PHE OXT HXT  sing N N 296 
PRO N   CA   sing N N 297 
PRO N   CD   sing N N 298 
PRO N   H    sing N N 299 
PRO CA  C    sing N N 300 
PRO CA  CB   sing N N 301 
PRO CA  HA   sing N N 302 
PRO C   O    doub N N 303 
PRO C   OXT  sing N N 304 
PRO CB  CG   sing N N 305 
PRO CB  HB2  sing N N 306 
PRO CB  HB3  sing N N 307 
PRO CG  CD   sing N N 308 
PRO CG  HG2  sing N N 309 
PRO CG  HG3  sing N N 310 
PRO CD  HD2  sing N N 311 
PRO CD  HD3  sing N N 312 
PRO OXT HXT  sing N N 313 
SER N   CA   sing N N 314 
SER N   H    sing N N 315 
SER N   H2   sing N N 316 
SER CA  C    sing N N 317 
SER CA  CB   sing N N 318 
SER CA  HA   sing N N 319 
SER C   O    doub N N 320 
SER C   OXT  sing N N 321 
SER CB  OG   sing N N 322 
SER CB  HB2  sing N N 323 
SER CB  HB3  sing N N 324 
SER OG  HG   sing N N 325 
SER OXT HXT  sing N N 326 
THR N   CA   sing N N 327 
THR N   H    sing N N 328 
THR N   H2   sing N N 329 
THR CA  C    sing N N 330 
THR CA  CB   sing N N 331 
THR CA  HA   sing N N 332 
THR C   O    doub N N 333 
THR C   OXT  sing N N 334 
THR CB  OG1  sing N N 335 
THR CB  CG2  sing N N 336 
THR CB  HB   sing N N 337 
THR OG1 HG1  sing N N 338 
THR CG2 HG21 sing N N 339 
THR CG2 HG22 sing N N 340 
THR CG2 HG23 sing N N 341 
THR OXT HXT  sing N N 342 
TRP N   CA   sing N N 343 
TRP N   H    sing N N 344 
TRP N   H2   sing N N 345 
TRP CA  C    sing N N 346 
TRP CA  CB   sing N N 347 
TRP CA  HA   sing N N 348 
TRP C   O    doub N N 349 
TRP C   OXT  sing N N 350 
TRP CB  CG   sing N N 351 
TRP CB  HB2  sing N N 352 
TRP CB  HB3  sing N N 353 
TRP CG  CD1  doub Y N 354 
TRP CG  CD2  sing Y N 355 
TRP CD1 NE1  sing Y N 356 
TRP CD1 HD1  sing N N 357 
TRP CD2 CE2  doub Y N 358 
TRP CD2 CE3  sing Y N 359 
TRP NE1 CE2  sing Y N 360 
TRP NE1 HE1  sing N N 361 
TRP CE2 CZ2  sing Y N 362 
TRP CE3 CZ3  doub Y N 363 
TRP CE3 HE3  sing N N 364 
TRP CZ2 CH2  doub Y N 365 
TRP CZ2 HZ2  sing N N 366 
TRP CZ3 CH2  sing Y N 367 
TRP CZ3 HZ3  sing N N 368 
TRP CH2 HH2  sing N N 369 
TRP OXT HXT  sing N N 370 
TYR N   CA   sing N N 371 
TYR N   H    sing N N 372 
TYR N   H2   sing N N 373 
TYR CA  C    sing N N 374 
TYR CA  CB   sing N N 375 
TYR CA  HA   sing N N 376 
TYR C   O    doub N N 377 
TYR C   OXT  sing N N 378 
TYR CB  CG   sing N N 379 
TYR CB  HB2  sing N N 380 
TYR CB  HB3  sing N N 381 
TYR CG  CD1  doub Y N 382 
TYR CG  CD2  sing Y N 383 
TYR CD1 CE1  sing Y N 384 
TYR CD1 HD1  sing N N 385 
TYR CD2 CE2  doub Y N 386 
TYR CD2 HD2  sing N N 387 
TYR CE1 CZ   doub Y N 388 
TYR CE1 HE1  sing N N 389 
TYR CE2 CZ   sing Y N 390 
TYR CE2 HE2  sing N N 391 
TYR CZ  OH   sing N N 392 
TYR OH  HH   sing N N 393 
TYR OXT HXT  sing N N 394 
VAL N   CA   sing N N 395 
VAL N   H    sing N N 396 
VAL N   H2   sing N N 397 
VAL CA  C    sing N N 398 
VAL CA  CB   sing N N 399 
VAL CA  HA   sing N N 400 
VAL C   O    doub N N 401 
VAL C   OXT  sing N N 402 
VAL CB  CG1  sing N N 403 
VAL CB  CG2  sing N N 404 
VAL CB  HB   sing N N 405 
VAL CG1 HG11 sing N N 406 
VAL CG1 HG12 sing N N 407 
VAL CG1 HG13 sing N N 408 
VAL CG2 HG21 sing N N 409 
VAL CG2 HG22 sing N N 410 
VAL CG2 HG23 sing N N 411 
VAL OXT HXT  sing N N 412 
YJT C6  C7   doub Y N 413 
YJT C6  C5   sing Y N 414 
YJT F1  C5   sing N N 415 
YJT C7  C2   sing Y N 416 
YJT C5  C4   doub Y N 417 
YJT O3  RU1  sing N N 418 
YJT RU1 O1   sing N N 419 
YJT RU1 N1   sing N N 420 
YJT RU1 RU2  sing N N 421 
YJT O1  C14  sing N N 422 
YJT C2  N1   sing N N 423 
YJT C2  C3   doub Y N 424 
YJT O7  C14  doub N N 425 
YJT C14 O2   sing N N 426 
YJT C4  C3   sing Y N 427 
YJT N1  C1   sing N N 428 
YJT O4  RU2  sing N N 429 
YJT RU2 O2   sing N N 430 
YJT RU2 N2   sing N N 431 
YJT C1  N2   sing N N 432 
YJT N2  C8   sing N N 433 
YJT C8  C9   doub Y N 434 
YJT C8  C13  sing Y N 435 
YJT C9  C10  sing Y N 436 
YJT C13 C12  doub Y N 437 
YJT C10 C11  doub Y N 438 
YJT C12 C11  sing Y N 439 
YJT C11 F2   sing N N 440 
YJT C4  H1   sing N N 441 
YJT O4  H2   sing N N 442 
YJT C6  H3   sing N N 443 
YJT C3  H4   sing N N 444 
YJT O3  H5   sing N N 445 
YJT C1  H6   sing N N 446 
YJT C1  H7   sing N N 447 
YJT C7  H8   sing N N 448 
YJT C10 H9   sing N N 449 
YJT C9  H10  sing N N 450 
YJT C12 H11  sing N N 451 
YJT C13 H12  sing N N 452 
# 
_pdbx_audit_support.funding_organization   'Not funded' 
_pdbx_audit_support.country                ? 
_pdbx_audit_support.grant_number           ? 
_pdbx_audit_support.ordinal                1 
# 
_pdbx_initial_refinement_model.id               1 
_pdbx_initial_refinement_model.entity_id_list   ? 
_pdbx_initial_refinement_model.type             'experimental model' 
_pdbx_initial_refinement_model.source_name      PDB 
_pdbx_initial_refinement_model.accession_code   193L 
_pdbx_initial_refinement_model.details          ? 
# 
_atom_sites.entry_id                    8PFX 
_atom_sites.Cartn_transf_matrix[1][1]   ? 
_atom_sites.Cartn_transf_matrix[1][2]   ? 
_atom_sites.Cartn_transf_matrix[1][3]   ? 
_atom_sites.Cartn_transf_matrix[2][1]   ? 
_atom_sites.Cartn_transf_matrix[2][2]   ? 
_atom_sites.Cartn_transf_matrix[2][3]   ? 
_atom_sites.Cartn_transf_matrix[3][1]   ? 
_atom_sites.Cartn_transf_matrix[3][2]   ? 
_atom_sites.Cartn_transf_matrix[3][3]   ? 
_atom_sites.Cartn_transf_vector[1]      ? 
_atom_sites.Cartn_transf_vector[2]      ? 
_atom_sites.Cartn_transf_vector[3]      ? 
_atom_sites.fract_transf_matrix[1][1]   0.00526357 
_atom_sites.fract_transf_matrix[1][2]   0.01176494 
_atom_sites.fract_transf_matrix[1][3]   0.00194063 
_atom_sites.fract_transf_matrix[2][1]   -0.01052364 
_atom_sites.fract_transf_matrix[2][2]   0.00358610 
_atom_sites.fract_transf_matrix[2][3]   0.00680279 
_atom_sites.fract_transf_matrix[3][1]   0.01120441 
_atom_sites.fract_transf_matrix[3][2]   -0.00862151 
_atom_sites.fract_transf_matrix[3][3]   0.02187759 
_atom_sites.fract_transf_vector[1]      -0.255292 
_atom_sites.fract_transf_vector[2]      -0.013070 
_atom_sites.fract_transf_vector[3]      -0.239805 
_atom_sites.solution_primary            ? 
_atom_sites.solution_secondary          ? 
_atom_sites.solution_hydrogens          ? 
_atom_sites.special_details             ? 
# 
loop_
_atom_type.symbol 
_atom_type.pdbx_scat_Z 
_atom_type.pdbx_N_electrons 
_atom_type.scat_Cromer_Mann_a1 
_atom_type.scat_Cromer_Mann_b1 
_atom_type.scat_Cromer_Mann_a2 
_atom_type.scat_Cromer_Mann_b2 
_atom_type.scat_Cromer_Mann_a3 
_atom_type.scat_Cromer_Mann_b3 
_atom_type.scat_Cromer_Mann_a4 
_atom_type.scat_Cromer_Mann_b4 
_atom_type.scat_Cromer_Mann_c 
C  6  6  2.3103  20.8439 1.0201  10.2075 1.5888 0.5687  0.8651 51.6512  0.2156   
F  9  9  3.5395  10.2825 2.6414  4.2944  1.5171 0.2615  1.0244 26.1476  0.3057   
H  1  1  0.4930  10.5109 0.3229  26.1257 0.1402 3.1424  0.0408 57.7997  0.0030   
N  7  7  12.2220 0.0057  3.1346  9.8933  2.0141 28.9975 1.1672 0.5826   -11.5379 
NA 11 11 4.7659  3.2850  3.1758  8.8422  1.2683 0.3136  1.1136 129.4240 0.7359   
O  8  8  3.0487  13.2771 2.2870  5.7011  1.5464 0.3239  0.8671 32.9089  0.2508   
RU 44 44 19.2695 0.8085  12.9196 8.4347  4.8639 24.7997 1.5677 94.2928  4.6906   
S  16 16 6.9054  1.4679  5.2035  22.2151 1.4379 0.2536  1.5863 56.1720  1.0555   
# 
loop_
_atom_site.group_PDB 
_atom_site.id 
_atom_site.type_symbol 
_atom_site.label_atom_id 
_atom_site.label_alt_id 
_atom_site.label_comp_id 
_atom_site.label_asym_id 
_atom_site.label_entity_id 
_atom_site.label_seq_id 
_atom_site.pdbx_PDB_ins_code 
_atom_site.Cartn_x 
_atom_site.Cartn_y 
_atom_site.Cartn_z 
_atom_site.occupancy 
_atom_site.B_iso_or_equiv 
_atom_site.pdbx_formal_charge 
_atom_site.auth_seq_id 
_atom_site.auth_comp_id 
_atom_site.auth_asym_id 
_atom_site.auth_atom_id 
_atom_site.pdbx_PDB_model_num 
_atom_site.calc_flag 
ATOM   1    N  N   . LYS A 1 1   ? -2.172  13.218  -4.224  1.000 11.662 0 1   LYS A N   1 ? 
ATOM   2    C  CA  . LYS A 1 1   ? -2.021  12.999  -5.685  1.000 12.414 0 1   LYS A CA  1 ? 
ATOM   3    C  C   . LYS A 1 1   ? -2.757  11.717  -6.031  1.000 12.850 0 1   LYS A C   1 ? 
ATOM   4    O  O   . LYS A 1 1   ? -2.626  10.700  -5.358  1.000 11.565 0 1   LYS A O   1 ? 
ATOM   5    C  CB  . LYS A 1 1   ? -0.555  12.792  -6.032  1.000 14.097 0 1   LYS A CB  1 ? 
ATOM   6    C  CG  . LYS A 1 1   ? -0.270  12.356  -7.456  1.000 15.206 0 1   LYS A CG  1 ? 
ATOM   7    C  CD  A LYS A 1 1   ? 1.174   12.314  -7.809  0.450 16.925 0 1   LYS A CD  1 ? 
ATOM   8    C  CD  B LYS A 1 1   ? 1.226   12.304  -7.721  0.550 16.412 0 1   LYS A CD  1 ? 
ATOM   9    C  CE  A LYS A 1 1   ? 1.372   11.917  -9.259  0.450 18.746 0 1   LYS A CE  1 ? 
ATOM   10   C  CE  B LYS A 1 1   ? 1.647   11.743  -9.069  0.550 17.657 0 1   LYS A CE  1 ? 
ATOM   11   N  NZ  A LYS A 1 1   ? 2.648   12.440  -9.798  0.450 20.202 0 1   LYS A NZ  1 ? 
ATOM   12   N  NZ  B LYS A 1 1   ? 1.215   12.620  -10.194 0.550 18.670 0 1   LYS A NZ  1 ? 
ATOM   13   N  N   . VAL A 1 2   ? -3.579  11.792  -7.051  1.000 12.637 0 2   VAL A N   1 ? 
ATOM   14   C  CA  . VAL A 1 2   ? -4.252  10.643  -7.636  1.000 12.259 0 2   VAL A CA  1 ? 
ATOM   15   C  C   . VAL A 1 2   ? -3.433  10.216  -8.855  1.000 11.958 0 2   VAL A C   1 ? 
ATOM   16   O  O   . VAL A 1 2   ? -3.395  10.926  -9.874  1.000 13.860 0 2   VAL A O   1 ? 
ATOM   17   C  CB  . VAL A 1 2   ? -5.727  10.905  -7.976  1.000 13.132 0 2   VAL A CB  1 ? 
ATOM   18   C  CG1 . VAL A 1 2   ? -6.369  9.636   -8.525  1.000 15.507 0 2   VAL A CG1 1 ? 
ATOM   19   C  CG2 . VAL A 1 2   ? -6.474  11.410  -6.756  1.000 13.204 0 2   VAL A CG2 1 ? 
ATOM   20   N  N   . PHE A 1 3   ? -2.801  9.051   -8.735  1.000 11.172 0 3   PHE A N   1 ? 
ATOM   21   C  CA  . PHE A 1 3   ? -2.029  8.521   -9.840  1.000 10.913 0 3   PHE A CA  1 ? 
ATOM   22   C  C   . PHE A 1 3   ? -2.910  7.904   -10.905 1.000 11.437 0 3   PHE A C   1 ? 
ATOM   23   O  O   . PHE A 1 3   ? -3.974  7.375   -10.653 1.000 12.506 0 3   PHE A O   1 ? 
ATOM   24   C  CB  . PHE A 1 3   ? -1.151  7.385   -9.335  1.000 11.826 0 3   PHE A CB  1 ? 
ATOM   25   C  CG  . PHE A 1 3   ? 0.113   7.827   -8.686  1.000 10.983 0 3   PHE A CG  1 ? 
ATOM   26   C  CD1 . PHE A 1 3   ? 0.146   8.353   -7.399  1.000 12.323 0 3   PHE A CD1 1 ? 
ATOM   27   C  CD2 . PHE A 1 3   ? 1.293   7.779   -9.409  1.000 12.364 0 3   PHE A CD2 1 ? 
ATOM   28   C  CE1 . PHE A 1 3   ? 1.331   8.772   -6.844  1.000 13.678 0 3   PHE A CE1 1 ? 
ATOM   29   C  CE2 . PHE A 1 3   ? 2.476   8.197   -8.843  1.000 13.167 0 3   PHE A CE2 1 ? 
ATOM   30   C  CZ  . PHE A 1 3   ? 2.508   8.705   -7.562  1.000 14.176 0 3   PHE A CZ  1 ? 
ATOM   31   N  N   . GLY A 1 4   ? -2.436  8.029   -12.158 1.000 12.011 0 4   GLY A N   1 ? 
ATOM   32   C  CA  . GLY A 1 4   ? -2.884  7.158   -13.217 1.000 13.313 0 4   GLY A CA  1 ? 
ATOM   33   C  C   . GLY A 1 4   ? -2.366  5.740   -12.961 1.000 12.502 0 4   GLY A C   1 ? 
ATOM   34   O  O   . GLY A 1 4   ? -1.350  5.536   -12.327 1.000 12.002 0 4   GLY A O   1 ? 
ATOM   35   N  N   . ARG A 1 5   ? -3.018  4.772   -13.597 1.000 13.106 0 5   ARG A N   1 ? 
ATOM   36   C  CA  . ARG A 1 5   ? -2.692  3.367   -13.429 1.000 13.253 0 5   ARG A CA  1 ? 
ATOM   37   C  C   . ARG A 1 5   ? -1.259  3.094   -13.887 1.000 11.008 0 5   ARG A C   1 ? 
ATOM   38   O  O   . ARG A 1 5   ? -0.420  2.557   -13.189 1.000 11.396 0 5   ARG A O   1 ? 
ATOM   39   C  CB  . ARG A 1 5   ? -3.694  2.510   -14.194 1.000 13.465 0 5   ARG A CB  1 ? 
ATOM   40   C  CG  . ARG A 1 5   ? -3.395  1.026   -14.183 1.000 13.133 0 5   ARG A CG  1 ? 
ATOM   41   C  CD  . ARG A 1 5   ? -4.460  0.226   -14.854 1.000 13.739 0 5   ARG A CD  1 ? 
ATOM   42   N  NE  . ARG A 1 5   ? -4.571  0.565   -16.273 1.000 15.333 0 5   ARG A NE  1 ? 
ATOM   43   C  CZ  . ARG A 1 5   ? -3.898  -0.022  -17.255 1.000 14.304 0 5   ARG A CZ  1 ? 
ATOM   44   N  NH1 . ARG A 1 5   ? -2.952  -0.897  -17.021 1.000 14.746 0 5   ARG A NH1 1 ? 
ATOM   45   N  NH2 . ARG A 1 5   ? -4.080  0.353   -18.512 1.000 19.086 0 5   ARG A NH2 1 ? 
ATOM   46   N  N   . CYS A 1 6   ? -0.935  3.483   -15.147 1.000 12.803 0 6   CYS A N   1 ? 
ATOM   47   C  CA  . CYS A 1 6   ? 0.399   3.226   -15.637 1.000 12.154 0 6   CYS A CA  1 ? 
ATOM   48   C  C   . CYS A 1 6   ? 1.459   4.116   -14.991 1.000 11.926 0 6   CYS A C   1 ? 
ATOM   49   O  O   . CYS A 1 6   ? 2.543   3.739   -14.787 1.000 12.126 0 6   CYS A O   1 ? 
ATOM   50   C  CB  . CYS A 1 6   ? 0.485   3.382   -17.153 1.000 12.587 0 6   CYS A CB  1 ? 
ATOM   51   S  SG  . CYS A 1 6   ? -0.400  2.086   -18.055 1.000 15.367 0 6   CYS A SG  1 ? 
ATOM   52   N  N   . GLU A 1 7   ? 1.065   5.324   -14.602 1.000 12.219 0 7   GLU A N   1 ? 
ATOM   53   C  CA  . GLU A 1 7   ? 1.939   6.207   -13.845 1.000 12.527 0 7   GLU A CA  1 ? 
ATOM   54   C  C   . GLU A 1 7   ? 2.392   5.562   -12.530 1.000 11.908 0 7   GLU A C   1 ? 
ATOM   55   O  O   . GLU A 1 7   ? 3.507   5.594   -12.186 1.000 12.625 0 7   GLU A O   1 ? 
ATOM   56   C  CB  . GLU A 1 7   ? 1.199   7.516   -13.591 1.000 13.842 0 7   GLU A CB  1 ? 
ATOM   57   C  CG  . GLU A 1 7   ? 2.014   8.603   -12.961 1.000 14.939 0 7   GLU A CG  1 ? 
ATOM   58   C  CD  . GLU A 1 7   ? 1.188   9.832   -12.586 1.000 14.596 0 7   GLU A CD  1 ? 
ATOM   59   O  OE1 . GLU A 1 7   ? -0.021  9.778   -12.584 1.000 17.243 0 7   GLU A OE1 1 ? 
ATOM   60   O  OE2 . GLU A 1 7   ? 1.839   10.879  -12.286 1.000 17.654 0 7   GLU A OE2 1 ? 
ATOM   61   N  N   . LEU A 1 8   ? 1.461   4.955   -11.800 1.000 11.054 0 8   LEU A N   1 ? 
ATOM   62   C  CA  . LEU A 1 8   ? 1.768   4.283   -10.557 1.000 10.641 0 8   LEU A CA  1 ? 
ATOM   63   C  C   . LEU A 1 8   ? 2.608   3.035   -10.799 1.000 10.101 0 8   LEU A C   1 ? 
ATOM   64   O  O   . LEU A 1 8   ? 3.527   2.802   -10.113 1.000 10.477 0 8   LEU A O   1 ? 
ATOM   65   C  CB  . LEU A 1 8   ? 0.487   3.933   -9.795  1.000 10.205 0 8   LEU A CB  1 ? 
ATOM   66   C  CG  . LEU A 1 8   ? 0.711   3.303   -8.440  1.000 10.367 0 8   LEU A CG  1 ? 
ATOM   67   C  CD1 . LEU A 1 8   ? 1.546   4.199   -7.520  1.000 11.190 0 8   LEU A CD1 1 ? 
ATOM   68   C  CD2 . LEU A 1 8   ? -0.593  2.878   -7.806  1.000 11.492 0 8   LEU A CD2 1 ? 
ATOM   69   N  N   . ALA A 1 9   ? 2.265   2.276   -11.848 1.000 10.525 0 9   ALA A N   1 ? 
ATOM   70   C  CA  . ALA A 1 9   ? 3.038   1.077   -12.148 1.000 10.818 0 9   ALA A CA  1 ? 
ATOM   71   C  C   . ALA A 1 9   ? 4.508   1.441   -12.347 1.000 10.465 0 9   ALA A C   1 ? 
ATOM   72   O  O   . ALA A 1 9   ? 5.336   0.794   -11.880 1.000 11.813 0 9   ALA A O   1 ? 
ATOM   73   C  CB  . ALA A 1 9   ? 2.451   0.362   -13.372 1.000 12.080 0 9   ALA A CB  1 ? 
ATOM   74   N  N   . ALA A 1 10  ? 4.765   2.510   -13.127 1.000 11.396 0 10  ALA A N   1 ? 
ATOM   75   C  CA  . ALA A 1 10  ? 6.141   2.899   -13.413 1.000 13.123 0 10  ALA A CA  1 ? 
ATOM   76   C  C   . ALA A 1 10  ? 6.895   3.312   -12.146 1.000 12.284 0 10  ALA A C   1 ? 
ATOM   77   O  O   . ALA A 1 10  ? 8.035   2.969   -11.934 1.000 14.108 0 10  ALA A O   1 ? 
ATOM   78   C  CB  . ALA A 1 10  ? 6.138   4.037   -14.408 1.000 13.386 0 10  ALA A CB  1 ? 
ATOM   79   N  N   . ALA A 1 11  ? 6.215   4.032   -11.226 1.000 11.827 0 11  ALA A N   1 ? 
ATOM   80   C  CA  . ALA A 1 11  ? 6.824   4.476   -9.984  1.000 12.095 0 11  ALA A CA  1 ? 
ATOM   81   C  C   . ALA A 1 11  ? 7.103   3.299   -9.069  1.000 12.610 0 11  ALA A C   1 ? 
ATOM   82   O  O   . ALA A 1 11  ? 8.136   3.210   -8.494  1.000 12.378 0 11  ALA A O   1 ? 
ATOM   83   C  CB  . ALA A 1 11  ? 5.936   5.446   -9.259  1.000 12.461 0 11  ALA A CB  1 ? 
ATOM   84   N  N   . MET A 1 12  ? 6.136   2.374   -8.968  1.000 11.954 0 12  MET A N   1 ? 
ATOM   85   C  CA  . MET A 1 12  ? 6.334   1.208   -8.131  1.000 11.293 0 12  MET A CA  1 ? 
ATOM   86   C  C   . MET A 1 12  ? 7.491   0.344   -8.639  1.000 12.146 0 12  MET A C   1 ? 
ATOM   87   O  O   . MET A 1 12  ? 8.253   -0.148  -7.856  1.000 13.459 0 12  MET A O   1 ? 
ATOM   88   C  CB  . MET A 1 12  ? 5.027   0.413   -8.092  1.000 9.674  0 12  MET A CB  1 ? 
ATOM   89   C  CG  . MET A 1 12  ? 3.931   1.071   -7.227  1.000 9.391  0 12  MET A CG  1 ? 
ATOM   90   S  SD  . MET A 1 12  ? 2.454   0.046   -7.241  1.000 9.861  0 12  MET A SD  1 ? 
ATOM   91   C  CE  . MET A 1 12  ? 1.798   0.397   -5.608  1.000 10.751 0 12  MET A CE  1 ? 
ATOM   92   N  N   . LYS A 1 13  ? 7.590   0.214   -9.964  1.000 12.337 0 13  LYS A N   1 ? 
ATOM   93   C  CA  . LYS A 1 13  ? 8.694   -0.549  -10.550 1.000 13.508 0 13  LYS A CA  1 ? 
ATOM   94   C  C   . LYS A 1 13  ? 10.084  0.074   -10.260 1.000 14.435 0 13  LYS A C   1 ? 
ATOM   95   O  O   . LYS A 1 13  ? 11.026  -0.576  -9.800  1.000 16.132 0 13  LYS A O   1 ? 
ATOM   96   C  CB  . LYS A 1 13  ? 8.449   -0.668  -12.049 1.000 14.319 0 13  LYS A CB  1 ? 
ATOM   97   C  CG  . LYS A 1 13  ? 9.502   -1.485  -12.770 1.000 15.915 0 13  LYS A CG  1 ? 
ATOM   98   C  CD  . LYS A 1 13  ? 9.181   -1.807  -14.165 1.000 17.334 0 13  LYS A CD  1 ? 
ATOM   99   C  CE  . LYS A 1 13  ? 10.154  -2.819  -14.706 1.000 20.191 0 13  LYS A CE  1 ? 
ATOM   100  N  NZ  . LYS A 1 13  ? 9.894   -3.128  -16.126 1.000 23.000 0 13  LYS A NZ  1 ? 
ATOM   101  N  N   . ARG A 1 14  ? 10.102  1.415   -10.375 1.000 13.838 0 14  ARG A N   1 ? 
ATOM   102  C  CA  . ARG A 1 14  ? 11.344  2.121   -10.095 1.000 16.163 0 14  ARG A CA  1 ? 
ATOM   103  C  C   . ARG A 1 14  ? 11.845  1.911   -8.676  1.000 16.993 0 14  ARG A C   1 ? 
ATOM   104  O  O   . ARG A 1 14  ? 13.043  1.758   -8.406  1.000 17.593 0 14  ARG A O   1 ? 
ATOM   105  C  CB  . ARG A 1 14  ? 11.203  3.617   -10.331 1.000 17.360 0 14  ARG A CB  1 ? 
ATOM   106  C  CG  . ARG A 1 14  ? 12.409  4.361   -9.778  1.000 17.338 0 14  ARG A CG  1 ? 
ATOM   107  C  CD  . ARG A 1 14  ? 12.430  5.716   -10.379 1.000 16.717 0 14  ARG A CD  1 ? 
ATOM   108  N  NE  . ARG A 1 14  ? 11.193  6.408   -10.066 1.000 16.080 0 14  ARG A NE  1 ? 
ATOM   109  C  CZ  . ARG A 1 14  ? 10.961  7.049   -8.930  1.000 14.529 0 14  ARG A CZ  1 ? 
ATOM   110  N  NH1 . ARG A 1 14  ? 11.927  7.269   -8.052  1.000 15.148 0 14  ARG A NH1 1 ? 
ATOM   111  N  NH2 . ARG A 1 14  ? 9.760   7.603   -8.769  1.000 17.239 0 14  ARG A NH2 1 ? 
ATOM   112  N  N   . HIS A 1 15  ? 10.886  1.914   -7.749  1.000 15.663 0 15  HIS A N   1 ? 
ATOM   113  C  CA  . HIS A 1 15  ? 11.154  1.772   -6.342  1.000 16.577 0 15  HIS A CA  1 ? 
ATOM   114  C  C   . HIS A 1 15  ? 11.364  0.315   -5.937  1.000 16.652 0 15  HIS A C   1 ? 
ATOM   115  O  O   . HIS A 1 15  ? 11.544  0.060   -4.746  1.000 20.317 0 15  HIS A O   1 ? 
ATOM   116  C  CB  . HIS A 1 15  ? 9.987   2.392   -5.578  1.000 16.222 0 15  HIS A CB  1 ? 
ATOM   117  C  CG  . HIS A 1 15  ? 10.059  3.875   -5.496  1.000 17.050 0 15  HIS A CG  1 ? 
ATOM   118  N  ND1 . HIS A 1 15  ? 9.230   4.780   -6.110  1.000 20.723 0 15  HIS A ND1 1 ? 
ATOM   119  C  CD2 . HIS A 1 15  ? 10.901  4.590   -4.757  1.000 21.670 0 15  HIS A CD2 1 ? 
ATOM   120  C  CE1 . HIS A 1 15  ? 9.576   6.002   -5.729  1.000 17.997 0 15  HIS A CE1 1 ? 
ATOM   121  N  NE2 . HIS A 1 15  ? 10.601  5.919   -4.958  1.000 21.583 0 15  HIS A NE2 1 ? 
ATOM   122  N  N   . GLY A 1 16  ? 11.304  -0.624  -6.892  1.000 15.967 0 16  GLY A N   1 ? 
ATOM   123  C  CA  . GLY A 1 16  ? 11.721  -2.001  -6.628  1.000 16.885 0 16  GLY A CA  1 ? 
ATOM   124  C  C   . GLY A 1 16  ? 10.605  -2.952  -6.169  1.000 16.329 0 16  GLY A C   1 ? 
ATOM   125  O  O   . GLY A 1 16  ? 10.915  -3.959  -5.530  1.000 17.878 0 16  GLY A O   1 ? 
ATOM   126  N  N   . LEU A 1 17  ? 9.310   -2.610  -6.428  1.000 15.894 0 17  LEU A N   1 ? 
ATOM   127  C  CA  . LEU A 1 17  ? 8.225   -3.509  -6.036  1.000 15.774 0 17  LEU A CA  1 ? 
ATOM   128  C  C   . LEU A 1 17  ? 7.958   -4.613  -7.045  1.000 15.605 0 17  LEU A C   1 ? 
ATOM   129  O  O   . LEU A 1 17  ? 7.358   -5.616  -6.620  1.000 16.422 0 17  LEU A O   1 ? 
ATOM   130  C  CB  . LEU A 1 17  ? 6.914   -2.765  -5.780  1.000 15.282 0 17  LEU A CB  1 ? 
ATOM   131  C  CG  . LEU A 1 17  ? 6.836   -1.925  -4.515  1.000 15.581 0 17  LEU A CG  1 ? 
ATOM   132  C  CD1 . LEU A 1 17  ? 5.461   -1.237  -4.462  1.000 14.234 0 17  LEU A CD1 1 ? 
ATOM   133  C  CD2 . LEU A 1 17  ? 7.049   -2.771  -3.249  1.000 15.983 0 17  LEU A CD2 1 ? 
ATOM   134  N  N   . ASP A 1 18  ? 8.342   -4.529  -8.317  1.000 16.775 0 18  ASP A N   1 ? 
ATOM   135  C  CA  . ASP A 1 18  ? 8.012   -5.600  -9.248  1.000 16.701 0 18  ASP A CA  1 ? 
ATOM   136  C  C   . ASP A 1 18  ? 8.792   -6.824  -8.777  1.000 16.731 0 18  ASP A C   1 ? 
ATOM   137  O  O   . ASP A 1 18  ? 10.043  -6.814  -8.698  1.000 18.563 0 18  ASP A O   1 ? 
ATOM   138  C  CB  . ASP A 1 18  ? 8.295   -5.270  -10.721 1.000 17.599 0 18  ASP A CB  1 ? 
ATOM   139  C  CG  . ASP A 1 18  ? 7.868   -6.280  -11.802 1.000 20.616 0 18  ASP A CG  1 ? 
ATOM   140  O  OD1 . ASP A 1 18  ? 6.950   -7.167  -11.580 1.000 20.440 0 18  ASP A OD1 1 ? 
ATOM   141  O  OD2 . ASP A 1 18  ? 8.453   -6.178  -12.984 1.000 19.291 0 18  ASP A OD2 1 ? 
ATOM   142  N  N   . ASN A 1 19  ? 8.045   -7.846  -8.365  1.000 14.030 0 19  ASN A N   1 ? 
ATOM   143  C  CA  . ASN A 1 19  ? 8.603   -9.119  -7.934  1.000 15.468 0 19  ASN A CA  1 ? 
ATOM   144  C  C   . ASN A 1 19  ? 9.198   -9.094  -6.526  1.000 13.694 0 19  ASN A C   1 ? 
ATOM   145  O  O   . ASN A 1 19  ? 9.850   -10.052 -6.125  1.000 13.742 0 19  ASN A O   1 ? 
ATOM   146  C  CB  . ASN A 1 19  ? 9.652   -9.622  -8.932  1.000 17.540 0 19  ASN A CB  1 ? 
ATOM   147  C  CG  . ASN A 1 19  ? 9.146   -9.532  -10.356 1.000 22.588 0 19  ASN A CG  1 ? 
ATOM   148  O  OD1 . ASN A 1 19  ? 8.028   -9.969  -10.641 1.000 25.797 0 19  ASN A OD1 1 ? 
ATOM   149  N  ND2 . ASN A 1 19  ? 9.933   -8.934  -11.240 1.000 23.764 0 19  ASN A ND2 1 ? 
ATOM   150  N  N   . TYR A 1 20  ? 8.897   -8.071  -5.723  1.000 14.327 0 20  TYR A N   1 ? 
ATOM   151  C  CA  . TYR A 1 20  ? 9.374   -8.019  -4.361  1.000 13.833 0 20  TYR A CA  1 ? 
ATOM   152  C  C   . TYR A 1 20  ? 8.658   -9.084  -3.526  1.000 12.986 0 20  TYR A C   1 ? 
ATOM   153  O  O   . TYR A 1 20  ? 7.421   -9.145  -3.593  1.000 11.641 0 20  TYR A O   1 ? 
ATOM   154  C  CB  . TYR A 1 20  ? 9.169   -6.611  -3.793  1.000 13.625 0 20  TYR A CB  1 ? 
ATOM   155  C  CG  . TYR A 1 20  ? 9.929   -6.390  -2.530  1.000 14.692 0 20  TYR A CG  1 ? 
ATOM   156  C  CD1 . TYR A 1 20  ? 11.254  -5.953  -2.507  1.000 15.877 0 20  TYR A CD1 1 ? 
ATOM   157  C  CD2 . TYR A 1 20  ? 9.363   -6.760  -1.342  1.000 15.886 0 20  TYR A CD2 1 ? 
ATOM   158  C  CE1 . TYR A 1 20  ? 11.934  -5.816  -1.323  1.000 17.390 0 20  TYR A CE1 1 ? 
ATOM   159  C  CE2 . TYR A 1 20  ? 10.024  -6.596  -0.146  1.000 15.663 0 20  TYR A CE2 1 ? 
ATOM   160  C  CZ  . TYR A 1 20  ? 11.332  -6.163  -0.136  1.000 17.605 0 20  TYR A CZ  1 ? 
ATOM   161  O  OH  . TYR A 1 20  ? 11.999  -6.035  1.045   1.000 20.547 0 20  TYR A OH  1 ? 
ATOM   162  N  N   . ARG A 1 21  ? 9.387   -9.964  -2.829  1.000 15.218 0 21  ARG A N   1 ? 
ATOM   163  C  CA  . ARG A 1 21  ? 8.799   -11.102 -2.123  1.000 15.872 0 21  ARG A CA  1 ? 
ATOM   164  C  C   . ARG A 1 21  ? 7.964   -11.945 -3.081  1.000 14.107 0 21  ARG A C   1 ? 
ATOM   165  O  O   . ARG A 1 21  ? 7.136   -12.737 -2.631  1.000 15.086 0 21  ARG A O   1 ? 
ATOM   166  C  CB  . ARG A 1 21  ? 7.992   -10.701 -0.885  1.000 19.470 0 21  ARG A CB  1 ? 
ATOM   167  C  CG  . ARG A 1 21  ? 8.823   -10.197 0.297   1.000 23.843 0 21  ARG A CG  1 ? 
ATOM   168  C  CD  . ARG A 1 21  ? 9.741   -11.210 0.915   1.000 27.876 0 21  ARG A CD  1 ? 
ATOM   169  N  NE  . ARG A 1 21  ? 9.030   -12.069 1.851   1.000 31.910 0 21  ARG A NE  1 ? 
ATOM   170  C  CZ  . ARG A 1 21  ? 9.503   -12.403 3.047   1.000 35.688 0 21  ARG A CZ  1 ? 
ATOM   171  N  NH1 . ARG A 1 21  ? 8.896   -13.333 3.763   1.000 40.408 0 21  ARG A NH1 1 ? 
ATOM   172  N  NH2 . ARG A 1 21  ? 10.614  -11.841 3.496   1.000 33.988 0 21  ARG A NH2 1 ? 
ATOM   173  N  N   . GLY A 1 22  ? 8.340   -11.980 -4.368  1.000 12.162 0 22  GLY A N   1 ? 
ATOM   174  C  CA  . GLY A 1 22  ? 7.706   -12.775 -5.387  1.000 11.562 0 22  GLY A CA  1 ? 
ATOM   175  C  C   . GLY A 1 22  ? 6.389   -12.207 -5.868  1.000 9.452  0 22  GLY A C   1 ? 
ATOM   176  O  O   . GLY A 1 22  ? 5.761   -12.861 -6.638  1.000 10.888 0 22  GLY A O   1 ? 
ATOM   177  N  N   . TYR A 1 23  ? 5.998   -10.979 -5.513  1.000 8.995  0 23  TYR A N   1 ? 
ATOM   178  C  CA  . TYR A 1 23  ? 4.736   -10.418 -5.950  1.000 8.168  0 23  TYR A CA  1 ? 
ATOM   179  C  C   . TYR A 1 23  ? 4.969   -9.543  -7.186  1.000 9.351  0 23  TYR A C   1 ? 
ATOM   180  O  O   . TYR A 1 23  ? 5.594   -8.485  -7.109  1.000 10.502 0 23  TYR A O   1 ? 
ATOM   181  C  CB  . TYR A 1 23  ? 4.084   -9.625  -4.828  1.000 8.461  0 23  TYR A CB  1 ? 
ATOM   182  C  CG  . TYR A 1 23  ? 3.594   -10.477 -3.686  1.000 8.362  0 23  TYR A CG  1 ? 
ATOM   183  C  CD1 . TYR A 1 23  ? 2.364   -11.057 -3.684  1.000 8.036  0 23  TYR A CD1 1 ? 
ATOM   184  C  CD2 . TYR A 1 23  ? 4.427   -10.757 -2.639  1.000 8.696  0 23  TYR A CD2 1 ? 
ATOM   185  C  CE1 . TYR A 1 23  ? 1.943   -11.890 -2.667  1.000 8.542  0 23  TYR A CE1 1 ? 
ATOM   186  C  CE2 . TYR A 1 23  ? 4.031   -11.588 -1.589  1.000 8.614  0 23  TYR A CE2 1 ? 
ATOM   187  C  CZ  . TYR A 1 23  ? 2.770   -12.157 -1.607  1.000 8.080  0 23  TYR A CZ  1 ? 
ATOM   188  O  OH  . TYR A 1 23  ? 2.319   -12.923 -0.578  1.000 8.881  0 23  TYR A OH  1 ? 
ATOM   189  N  N   . SER A 1 24  ? 4.417   -9.967  -8.304  1.000 9.296  0 24  SER A N   1 ? 
ATOM   190  C  CA  . SER A 1 24  ? 4.565   -9.229  -9.559  1.000 10.478 0 24  SER A CA  1 ? 
ATOM   191  C  C   . SER A 1 24  ? 3.948   -7.841  -9.455  1.000 8.753  0 24  SER A C   1 ? 
ATOM   192  O  O   . SER A 1 24  ? 3.035   -7.641  -8.624  1.000 9.799  0 24  SER A O   1 ? 
ATOM   193  C  CB  . SER A 1 24  ? 3.895   -10.003 -10.700 1.000 12.296 0 24  SER A CB  1 ? 
ATOM   194  O  OG  . SER A 1 24  ? 2.494   -10.066 -10.547 1.000 13.854 0 24  SER A OG  1 ? 
ATOM   195  N  N   . LEU A 1 25  ? 4.376   -6.939  -10.315 1.000 8.654  0 25  LEU A N   1 ? 
ATOM   196  C  CA  . LEU A 1 25  ? 3.942   -5.555  -10.291 1.000 8.168  0 25  LEU A CA  1 ? 
ATOM   197  C  C   . LEU A 1 25  ? 2.427   -5.423  -10.338 1.000 7.605  0 25  LEU A C   1 ? 
ATOM   198  O  O   . LEU A 1 25  ? 1.874   -4.562  -9.616  1.000 7.562  0 25  LEU A O   1 ? 
ATOM   199  C  CB  . LEU A 1 25  ? 4.595   -4.832  -11.468 1.000 8.907  0 25  LEU A CB  1 ? 
ATOM   200  C  CG  . LEU A 1 25  ? 4.389   -3.319  -11.520 1.000 9.050  0 25  LEU A CG  1 ? 
ATOM   201  C  CD1 . LEU A 1 25  ? 4.886   -2.632  -10.293 1.000 9.690  0 25  LEU A CD1 1 ? 
ATOM   202  C  CD2 . LEU A 1 25  ? 5.033   -2.776  -12.770 1.000 10.011 0 25  LEU A CD2 1 ? 
ATOM   203  N  N   . GLY A 1 26  ? 1.737   -6.236  -11.120 1.000 8.046  0 26  GLY A N   1 ? 
ATOM   204  C  CA  . GLY A 1 26  ? 0.296   -6.115  -11.192 1.000 8.647  0 26  GLY A CA  1 ? 
ATOM   205  C  C   . GLY A 1 26  ? -0.389  -6.324  -9.835  1.000 7.346  0 26  GLY A C   1 ? 
ATOM   206  O  O   . GLY A 1 26  ? -1.447  -5.747  -9.597  1.000 7.537  0 26  GLY A O   1 ? 
ATOM   207  N  N   . ASN A 1 27  ? 0.171   -7.171  -8.971  1.000 7.036  0 27  ASN A N   1 ? 
ATOM   208  C  CA  . ASN A 1 27  ? -0.372  -7.322  -7.625  1.000 6.618  0 27  ASN A CA  1 ? 
ATOM   209  C  C   . ASN A 1 27  ? -0.380  -5.998  -6.880  1.000 6.766  0 27  ASN A C   1 ? 
ATOM   210  O  O   . ASN A 1 27  ? -1.345  -5.699  -6.161  1.000 6.820  0 27  ASN A O   1 ? 
ATOM   211  C  CB  . ASN A 1 27  ? 0.424   -8.346  -6.831  1.000 7.213  0 27  ASN A CB  1 ? 
ATOM   212  C  CG  . ASN A 1 27  ? 0.095   -9.774  -7.198  1.000 7.573  0 27  ASN A CG  1 ? 
ATOM   213  O  OD1 . ASN A 1 27  ? -0.953  -10.263 -6.856  1.000 8.323  0 27  ASN A OD1 1 ? 
ATOM   214  N  ND2 . ASN A 1 27  ? 0.979   -10.376 -7.976  1.000 10.114 0 27  ASN A ND2 1 ? 
ATOM   215  N  N   . TRP A 1 28  ? 0.733   -5.265  -6.967  1.000 7.359  0 28  TRP A N   1 ? 
ATOM   216  C  CA  . TRP A 1 28  ? 0.864   -3.997  -6.249  1.000 7.327  0 28  TRP A CA  1 ? 
ATOM   217  C  C   . TRP A 1 28  ? -0.066  -2.940  -6.806  1.000 7.564  0 28  TRP A C   1 ? 
ATOM   218  O  O   . TRP A 1 28  ? -0.634  -2.139  -6.044  1.000 7.596  0 28  TRP A O   1 ? 
ATOM   219  C  CB  . TRP A 1 28  ? 2.328   -3.535  -6.283  1.000 8.536  0 28  TRP A CB  1 ? 
ATOM   220  C  CG  . TRP A 1 28  ? 3.249   -4.474  -5.581  1.000 8.315  0 28  TRP A CG  1 ? 
ATOM   221  C  CD1 . TRP A 1 28  ? 4.053   -5.409  -6.159  1.000 8.807  0 28  TRP A CD1 1 ? 
ATOM   222  C  CD2 . TRP A 1 28  ? 3.411   -4.620  -4.183  1.000 7.951  0 28  TRP A CD2 1 ? 
ATOM   223  N  NE1 . TRP A 1 28  ? 4.726   -6.110  -5.195  1.000 9.544  0 28  TRP A NE1 1 ? 
ATOM   224  C  CE2 . TRP A 1 28  ? 4.344   -5.656  -3.969  1.000 8.397  0 28  TRP A CE2 1 ? 
ATOM   225  C  CE3 . TRP A 1 28  ? 2.871   -3.941  -3.090  1.000 8.605  0 28  TRP A CE3 1 ? 
ATOM   226  C  CZ2 . TRP A 1 28  ? 4.764   -6.012  -2.697  1.000 10.558 0 28  TRP A CZ2 1 ? 
ATOM   227  C  CZ3 . TRP A 1 28  ? 3.262   -4.309  -1.820  1.000 10.592 0 28  TRP A CZ3 1 ? 
ATOM   228  C  CH2 . TRP A 1 28  ? 4.226   -5.319  -1.649  1.000 11.187 0 28  TRP A CH2 1 ? 
ATOM   229  N  N   . VAL A 1 29  ? -0.158  -2.891  -8.132  1.000 7.467  0 29  VAL A N   1 ? 
ATOM   230  C  CA  . VAL A 1 29  ? -1.055  -1.934  -8.738  1.000 7.066  0 29  VAL A CA  1 ? 
ATOM   231  C  C   . VAL A 1 29  ? -2.522  -2.244  -8.370  1.000 7.195  0 29  VAL A C   1 ? 
ATOM   232  O  O   . VAL A 1 29  ? -3.298  -1.334  -8.032  1.000 7.782  0 29  VAL A O   1 ? 
ATOM   233  C  CB  . VAL A 1 29  ? -0.834  -1.863  -10.255 1.000 7.865  0 29  VAL A CB  1 ? 
ATOM   234  C  CG1 . VAL A 1 29  ? -1.839  -0.940  -10.958 1.000 8.744  0 29  VAL A CG1 1 ? 
ATOM   235  C  CG2 . VAL A 1 29  ? 0.584   -1.406  -10.560 1.000 8.699  0 29  VAL A CG2 1 ? 
ATOM   236  N  N   . CYS A 1 30  ? -2.919  -3.521  -8.474  1.000 7.110  0 30  CYS A N   1 ? 
ATOM   237  C  CA  . CYS A 1 30  ? -4.251  -3.937  -8.073  1.000 7.123  0 30  CYS A CA  1 ? 
ATOM   238  C  C   . CYS A 1 30  ? -4.528  -3.585  -6.608  1.000 6.820  0 30  CYS A C   1 ? 
ATOM   239  O  O   . CYS A 1 30  ? -5.600  -3.063  -6.266  1.000 7.405  0 30  CYS A O   1 ? 
ATOM   240  C  CB  . CYS A 1 30  ? -4.386  -5.442  -8.327  1.000 6.734  0 30  CYS A CB  1 ? 
ATOM   241  S  SG  . CYS A 1 30  ? -6.044  -6.104  -8.014  1.000 7.696  0 30  CYS A SG  1 ? 
ATOM   242  N  N   . ALA A 1 31  ? -3.545  -3.834  -5.740  1.000 6.533  0 31  ALA A N   1 ? 
ATOM   243  C  CA  . ALA A 1 31  ? -3.725  -3.545  -4.340  1.000 7.225  0 31  ALA A CA  1 ? 
ATOM   244  C  C   . ALA A 1 31  ? -3.999  -2.043  -4.185  1.000 7.018  0 31  ALA A C   1 ? 
ATOM   245  O  O   . ALA A 1 31  ? -4.883  -1.621  -3.427  1.000 7.916  0 31  ALA A O   1 ? 
ATOM   246  C  CB  . ALA A 1 31  ? -2.517  -3.947  -3.528  1.000 7.555  0 31  ALA A CB  1 ? 
ATOM   247  N  N   . ALA A 1 32  ? -3.183  -1.191  -4.809  1.000 6.762  0 32  ALA A N   1 ? 
ATOM   248  C  CA  . ALA A 1 32  ? -3.374  0.241   -4.677  1.000 7.197  0 32  ALA A CA  1 ? 
ATOM   249  C  C   . ALA A 1 32  ? -4.729  0.671   -5.187  1.000 7.154  0 32  ALA A C   1 ? 
ATOM   250  O  O   . ALA A 1 32  ? -5.373  1.574   -4.623  1.000 7.732  0 32  ALA A O   1 ? 
ATOM   251  C  CB  . ALA A 1 32  ? -2.219  0.989   -5.349  1.000 7.272  0 32  ALA A CB  1 ? 
ATOM   252  N  N   . LYS A 1 33  ? -5.170  0.111   -6.317  1.000 7.218  0 33  LYS A N   1 ? 
ATOM   253  C  CA  . LYS A 1 33  ? -6.455  0.463   -6.852  1.000 7.939  0 33  LYS A CA  1 ? 
ATOM   254  C  C   . LYS A 1 33  ? -7.551  0.266   -5.813  1.000 7.965  0 33  LYS A C   1 ? 
ATOM   255  O  O   . LYS A 1 33  ? -8.376  1.148   -5.581  1.000 8.884  0 33  LYS A O   1 ? 
ATOM   256  C  CB  . LYS A 1 33  ? -6.801  -0.343  -8.113  1.000 8.870  0 33  LYS A CB  1 ? 
ATOM   257  C  CG  . LYS A 1 33  ? -8.206  -0.200  -8.582  1.000 11.764 0 33  LYS A CG  1 ? 
ATOM   258  C  CD  . LYS A 1 33  ? -8.532  1.100   -9.120  1.000 14.485 0 33  LYS A CD  1 ? 
ATOM   259  C  CE  . LYS A 1 33  ? -10.000 1.136   -9.489  1.000 17.080 0 33  LYS A CE  1 ? 
ATOM   260  N  NZ  . LYS A 1 33  ? -10.361 2.479   -9.968  1.000 20.659 0 33  LYS A NZ  1 ? 
ATOM   261  N  N   . PHE A 1 34  ? -7.563  -0.924  -5.201  1.000 7.107  0 34  PHE A N   1 ? 
ATOM   262  C  CA  . PHE A 1 34  ? -8.679  -1.269  -4.327  1.000 7.302  0 34  PHE A CA  1 ? 
ATOM   263  C  C   . PHE A 1 34  ? -8.454  -0.787  -2.901  1.000 7.523  0 34  PHE A C   1 ? 
ATOM   264  O  O   . PHE A 1 34  ? -9.458  -0.675  -2.190  1.000 10.296 0 34  PHE A O   1 ? 
ATOM   265  C  CB  . PHE A 1 34  ? -9.031  -2.740  -4.452  1.000 7.713  0 34  PHE A CB  1 ? 
ATOM   266  C  CG  . PHE A 1 34  ? -9.521  -3.112  -5.820  1.000 7.405  0 34  PHE A CG  1 ? 
ATOM   267  C  CD1 . PHE A 1 34  ? -10.579 -2.448  -6.396  1.000 7.842  0 34  PHE A CD1 1 ? 
ATOM   268  C  CD2 . PHE A 1 34  ? -8.951  -4.133  -6.531  1.000 10.239 0 34  PHE A CD2 1 ? 
ATOM   269  C  CE1 . PHE A 1 34  ? -11.044 -2.798  -7.651  1.000 9.484  0 34  PHE A CE1 1 ? 
ATOM   270  C  CE2 . PHE A 1 34  ? -9.430  -4.507  -7.773  1.000 10.436 0 34  PHE A CE2 1 ? 
ATOM   271  C  CZ  . PHE A 1 34  ? -10.480 -3.827  -8.338  1.000 10.177 0 34  PHE A CZ  1 ? 
ATOM   272  N  N   . GLU A 1 35  ? -7.250  -0.511  -2.484  1.000 7.405  0 35  GLU A N   1 ? 
ATOM   273  C  CA  . GLU A 1 35  ? -7.035  0.034   -1.153  1.000 7.755  0 35  GLU A CA  1 ? 
ATOM   274  C  C   . GLU A 1 35  ? -7.345  1.526   -1.139  1.000 7.791  0 35  GLU A C   1 ? 
ATOM   275  O  O   . GLU A 1 35  ? -7.962  2.007   -0.165  1.000 9.211  0 35  GLU A O   1 ? 
ATOM   276  C  CB  . GLU A 1 35  ? -5.594  -0.201  -0.720  1.000 8.196  0 35  GLU A CB  1 ? 
ATOM   277  C  CG  . GLU A 1 35  ? -5.302  -1.646  -0.372  1.000 9.220  0 35  GLU A CG  1 ? 
ATOM   278  C  CD  . GLU A 1 35  ? -5.959  -2.161  0.916   1.000 11.260 0 35  GLU A CD  1 ? 
ATOM   279  O  OE1 . GLU A 1 35  ? -6.514  -1.344  1.658   1.000 14.420 0 35  GLU A OE1 1 ? 
ATOM   280  O  OE2 . GLU A 1 35  ? -5.880  -3.394  1.158   1.000 11.866 0 35  GLU A OE2 1 ? 
ATOM   281  N  N   . SER A 1 36  ? -6.884  2.285   -2.152  1.000 8.133  0 36  SER A N   1 ? 
ATOM   282  C  CA  . SER A 1 36  ? -6.898  3.741   -2.072  1.000 8.967  0 36  SER A CA  1 ? 
ATOM   283  C  C   . SER A 1 36  ? -7.467  4.397   -3.316  1.000 8.847  0 36  SER A C   1 ? 
ATOM   284  O  O   . SER A 1 36  ? -7.508  5.645   -3.392  1.000 9.545  0 36  SER A O   1 ? 
ATOM   285  C  CB  . SER A 1 36  ? -5.521  4.305   -1.888  1.000 8.243  0 36  SER A CB  1 ? 
ATOM   286  O  OG  . SER A 1 36  ? -4.772  4.077   -3.077  1.000 8.220  0 36  SER A OG  1 ? 
ATOM   287  N  N   . ASN A 1 37  ? -7.869  3.653   -4.364  1.000 9.358  0 37  ASN A N   1 ? 
ATOM   288  C  CA  . ASN A 1 37  ? -8.247  4.261   -5.628  1.000 10.912 0 37  ASN A CA  1 ? 
ATOM   289  C  C   . ASN A 1 37  ? -7.105  5.098   -6.218  1.000 9.689  0 37  ASN A C   1 ? 
ATOM   290  O  O   . ASN A 1 37  ? -7.390  6.111   -6.881  1.000 11.620 0 37  ASN A O   1 ? 
ATOM   291  C  CB  . ASN A 1 37  ? -9.553  5.068   -5.544  1.000 13.458 0 37  ASN A CB  1 ? 
ATOM   292  C  CG  . ASN A 1 37  ? -10.368 5.039   -6.821  1.000 18.690 0 37  ASN A CG  1 ? 
ATOM   293  O  OD1 . ASN A 1 37  ? -10.303 4.086   -7.587  1.000 19.506 0 37  ASN A OD1 1 ? 
ATOM   294  N  ND2 . ASN A 1 37  ? -11.092 6.111   -7.116  1.000 22.985 0 37  ASN A ND2 1 ? 
ATOM   295  N  N   . PHE A 1 38  ? -5.875  4.684   -5.970  1.000 8.747  0 38  PHE A N   1 ? 
ATOM   296  C  CA  . PHE A 1 38  ? -4.666  5.355   -6.502  1.000 8.477  0 38  PHE A CA  1 ? 
ATOM   297  C  C   . PHE A 1 38  ? -4.471  6.746   -5.909  1.000 8.057  0 38  PHE A C   1 ? 
ATOM   298  O  O   . PHE A 1 38  ? -3.683  7.537   -6.440  1.000 9.547  0 38  PHE A O   1 ? 
ATOM   299  C  CB  . PHE A 1 38  ? -4.636  5.433   -8.024  1.000 8.652  0 38  PHE A CB  1 ? 
ATOM   300  C  CG  . PHE A 1 38  ? -4.702  4.128   -8.782  1.000 8.141  0 38  PHE A CG  1 ? 
ATOM   301  C  CD1 . PHE A 1 38  ? -4.078  2.984   -8.352  1.000 8.096  0 38  PHE A CD1 1 ? 
ATOM   302  C  CD2 . PHE A 1 38  ? -5.363  4.083   -9.997  1.000 10.654 0 38  PHE A CD2 1 ? 
ATOM   303  C  CE1 . PHE A 1 38  ? -4.086  1.821   -9.117  1.000 8.373  0 38  PHE A CE1 1 ? 
ATOM   304  C  CE2 . PHE A 1 38  ? -5.384  2.916   -10.761 1.000 10.976 0 38  PHE A CE2 1 ? 
ATOM   305  C  CZ  . PHE A 1 38  ? -4.714  1.798   -10.349 1.000 10.058 0 38  PHE A CZ  1 ? 
ATOM   306  N  N   . ASN A 1 39  ? -5.051  7.018   -4.745  1.000 8.892  0 39  ASN A N   1 ? 
ATOM   307  C  CA  . ASN A 1 39  ? -4.973  8.334   -4.127  1.000 9.306  0 39  ASN A CA  1 ? 
ATOM   308  C  C   . ASN A 1 39  ? -4.038  8.352   -2.927  1.000 9.089  0 39  ASN A C   1 ? 
ATOM   309  O  O   . ASN A 1 39  ? -4.295  7.688   -1.900  1.000 9.567  0 39  ASN A O   1 ? 
ATOM   310  C  CB  . ASN A 1 39  ? -6.349  8.719   -3.651  1.000 9.830  0 39  ASN A CB  1 ? 
ATOM   311  C  CG  . ASN A 1 39  ? -6.465  10.123  -3.117  1.000 10.709 0 39  ASN A CG  1 ? 
ATOM   312  O  OD1 . ASN A 1 39  ? -5.498  10.863  -3.048  1.000 10.010 0 39  ASN A OD1 1 ? 
ATOM   313  N  ND2 . ASN A 1 39  ? -7.664  10.427  -2.653  1.000 14.264 0 39  ASN A ND2 1 ? 
ATOM   314  N  N   . THR A 1 40  ? -2.917  9.081   -3.022  1.000 9.620  0 40  THR A N   1 ? 
ATOM   315  C  CA  . THR A 1 40  ? -1.966  9.120   -1.928  1.000 9.550  0 40  THR A CA  1 ? 
ATOM   316  C  C   . THR A 1 40  ? -2.564  9.705   -0.663  1.000 9.324  0 40  THR A C   1 ? 
ATOM   317  O  O   . THR A 1 40  ? -2.069  9.464   0.409   1.000 9.517  0 40  THR A O   1 ? 
ATOM   318  C  CB  . THR A 1 40  ? -0.678  9.856   -2.257  1.000 10.088 0 40  THR A CB  1 ? 
ATOM   319  O  OG1 . THR A 1 40  ? -0.897  11.250  -2.391  1.000 11.653 0 40  THR A OG1 1 ? 
ATOM   320  C  CG2 . THR A 1 40  ? 0.007   9.365   -3.521  1.000 10.649 0 40  THR A CG2 1 ? 
ATOM   321  N  N   . GLN A 1 41  ? -3.611  10.519  -0.770  1.000 8.160  0 41  GLN A N   1 ? 
ATOM   322  C  CA  . GLN A 1 41  ? -4.152  11.225  0.388   1.000 8.374  0 41  GLN A CA  1 ? 
ATOM   323  C  C   . GLN A 1 41  ? -5.216  10.396  1.104   1.000 8.325  0 41  GLN A C   1 ? 
ATOM   324  O  O   . GLN A 1 41  ? -5.746  10.882  2.114   1.000 9.398  0 41  GLN A O   1 ? 
ATOM   325  C  CB  . GLN A 1 41  ? -4.703  12.585  -0.006  1.000 8.306  0 41  GLN A CB  1 ? 
ATOM   326  C  CG  . GLN A 1 41  ? -3.601  13.515  -0.493  1.000 9.265  0 41  GLN A CG  1 ? 
ATOM   327  C  CD  . GLN A 1 41  ? -4.103  14.930  -0.518  1.000 9.844  0 41  GLN A CD  1 ? 
ATOM   328  O  OE1 . GLN A 1 41  ? -4.117  15.605  0.524   1.000 12.378 0 41  GLN A OE1 1 ? 
ATOM   329  N  NE2 . GLN A 1 41  ? -4.484  15.408  -1.676  1.000 10.778 0 41  GLN A NE2 1 ? 
ATOM   330  N  N   . ALA A 1 42  ? -5.548  9.178   0.630   1.000 8.810  0 42  ALA A N   1 ? 
ATOM   331  C  CA  . ALA A 1 42  ? -6.605  8.397   1.264   1.000 9.155  0 42  ALA A CA  1 ? 
ATOM   332  C  C   . ALA A 1 42  ? -6.270  8.071   2.717   1.000 7.890  0 42  ALA A C   1 ? 
ATOM   333  O  O   . ALA A 1 42  ? -5.210  7.645   3.046   1.000 8.518  0 42  ALA A O   1 ? 
ATOM   334  C  CB  . ALA A 1 42  ? -6.790  7.097   0.489   1.000 9.687  0 42  ALA A CB  1 ? 
ATOM   335  N  N   . THR A 1 43  ? -7.291  8.214   3.596   1.000 8.505  0 43  THR A N   1 ? 
ATOM   336  C  CA  . THR A 1 43  ? -7.221  7.821   4.999   1.000 9.123  0 43  THR A CA  1 ? 
ATOM   337  C  C   . THR A 1 43  ? -8.507  7.120   5.355   1.000 9.526  0 43  THR A C   1 ? 
ATOM   338  O  O   . THR A 1 43  ? -9.576  7.532   4.926   1.000 12.003 0 43  THR A O   1 ? 
ATOM   339  C  CB  . THR A 1 43  ? -7.051  9.007   5.949   1.000 10.539 0 43  THR A CB  1 ? 
ATOM   340  O  OG1 . THR A 1 43  ? -8.159  9.898   5.836   1.000 11.861 0 43  THR A OG1 1 ? 
ATOM   341  C  CG2 . THR A 1 43  ? -5.756  9.714   5.692   1.000 10.755 0 43  THR A CG2 1 ? 
ATOM   342  N  N   A ASN A 1 44  ? -8.387  6.111   6.212   0.500 8.406  0 44  ASN A N   1 ? 
ATOM   343  N  N   B ASN A 1 44  ? -8.464  6.058   6.181   0.500 9.796  0 44  ASN A N   1 ? 
ATOM   344  C  CA  A ASN A 1 44  ? -9.582  5.411   6.644   0.500 8.915  0 44  ASN A CA  1 ? 
ATOM   345  C  CA  B ASN A 1 44  ? -9.672  5.340   6.601   0.500 11.076 0 44  ASN A CA  1 ? 
ATOM   346  C  C   A ASN A 1 44  ? -9.400  4.948   8.074   0.500 8.473  0 44  ASN A C   1 ? 
ATOM   347  C  C   B ASN A 1 44  ? -9.500  4.808   8.024   0.500 9.965  0 44  ASN A C   1 ? 
ATOM   348  O  O   A ASN A 1 44  ? -8.399  4.354   8.433   0.500 8.286  0 44  ASN A O   1 ? 
ATOM   349  O  O   B ASN A 1 44  ? -8.673  3.928   8.252   0.500 8.821  0 44  ASN A O   1 ? 
ATOM   350  C  CB  A ASN A 1 44  ? -9.986  4.258   5.717   0.500 9.669  0 44  ASN A CB  1 ? 
ATOM   351  C  CB  B ASN A 1 44  ? -10.007 4.136   5.705   0.500 13.773 0 44  ASN A CB  1 ? 
ATOM   352  C  CG  A ASN A 1 44  ? -10.471 4.759   4.376   0.500 10.095 0 44  ASN A CG  1 ? 
ATOM   353  C  CG  B ASN A 1 44  ? -11.420 3.609   5.882   0.500 16.918 0 44  ASN A CG  1 ? 
ATOM   354  O  OD1 A ASN A 1 44  ? -11.604 5.201   4.253   0.500 10.961 0 44  ASN A OD1 1 ? 
ATOM   355  O  OD1 B ASN A 1 44  ? -12.380 4.234   5.429   0.500 23.459 0 44  ASN A OD1 1 ? 
ATOM   356  N  ND2 A ASN A 1 44  ? -9.615  4.695   3.366   0.500 11.047 0 44  ASN A ND2 1 ? 
ATOM   357  N  ND2 B ASN A 1 44  ? -11.577 2.475   6.540   0.500 17.114 0 44  ASN A ND2 1 ? 
ATOM   358  N  N   A ARG A 1 45  ? -10.425 5.221   8.872   0.500 8.570  0 45  ARG A N   1 ? 
ATOM   359  N  N   B ARG A 1 45  ? -10.260 5.360   8.987   0.500 10.292 0 45  ARG A N   1 ? 
ATOM   360  C  CA  A ARG A 1 45  ? -10.430 4.837   10.262  0.500 8.065  0 45  ARG A CA  1 ? 
ATOM   361  C  CA  B ARG A 1 45  ? -10.221 4.921   10.380  0.500 10.099 0 45  ARG A CA  1 ? 
ATOM   362  C  C   A ARG A 1 45  ? -10.720 3.349   10.374  0.500 9.064  0 45  ARG A C   1 ? 
ATOM   363  C  C   B ARG A 1 45  ? -10.797 3.507   10.535  0.500 10.058 0 45  ARG A C   1 ? 
ATOM   364  O  O   A ARG A 1 45  ? -11.464 2.797   9.590   0.500 9.085  0 45  ARG A O   1 ? 
ATOM   365  O  O   B ARG A 1 45  ? -11.852 3.170   9.990   0.500 10.813 0 45  ARG A O   1 ? 
ATOM   366  C  CB  A ARG A 1 45  ? -11.465 5.671   11.028  0.500 8.760  0 45  ARG A CB  1 ? 
ATOM   367  C  CB  B ARG A 1 45  ? -11.033 5.842   11.313  0.500 11.344 0 45  ARG A CB  1 ? 
ATOM   368  C  CG  A ARG A 1 45  ? -11.339 5.609   12.547  0.500 8.847  0 45  ARG A CG  1 ? 
ATOM   369  C  CG  B ARG A 1 45  ? -10.607 5.779   12.785  0.500 12.643 0 45  ARG A CG  1 ? 
ATOM   370  C  CD  A ARG A 1 45  ? -10.021 6.327   12.916  0.500 11.806 0 45  ARG A CD  1 ? 
ATOM   371  C  CD  B ARG A 1 45  ? -9.418  6.740   12.823  0.500 12.659 0 45  ARG A CD  1 ? 
ATOM   372  N  NE  A ARG A 1 45  ? -9.392  6.343   14.237  0.500 12.350 0 45  ARG A NE  1 ? 
ATOM   373  N  NE  B ARG A 1 45  ? -9.937  8.036   12.470  0.500 17.101 0 45  ARG A NE  1 ? 
ATOM   374  C  CZ  A ARG A 1 45  ? -9.547  7.314   15.123  0.500 12.146 0 45  ARG A CZ  1 ? 
ATOM   375  C  CZ  B ARG A 1 45  ? -10.902 8.646   13.125  0.500 16.344 0 45  ARG A CZ  1 ? 
ATOM   376  N  NH1 A ARG A 1 45  ? -10.342 8.321   14.885  0.500 12.105 0 45  ARG A NH1 1 ? 
ATOM   377  N  NH1 B ARG A 1 45  ? -11.899 9.181   12.436  0.500 14.100 0 45  ARG A NH1 1 ? 
ATOM   378  N  NH2 A ARG A 1 45  ? -8.893  7.336   16.253  0.500 10.645 0 45  ARG A NH2 1 ? 
ATOM   379  N  NH2 B ARG A 1 45  ? -11.020 8.483   14.431  0.500 21.551 0 45  ARG A NH2 1 ? 
ATOM   380  N  N   . ASN A 1 46  ? -10.092 2.717   11.357  1.000 8.955  0 46  ASN A N   1 ? 
ATOM   381  C  CA  . ASN A 1 46  ? -10.352 1.335   11.663  1.000 9.671  0 46  ASN A CA  1 ? 
ATOM   382  C  C   . ASN A 1 46  ? -11.102 1.227   12.984  1.000 10.255 0 46  ASN A C   1 ? 
ATOM   383  O  O   . ASN A 1 46  ? -11.046 2.110   13.833  1.000 10.615 0 46  ASN A O   1 ? 
ATOM   384  C  CB  . ASN A 1 46  ? -9.036  0.568   11.763  1.000 10.880 0 46  ASN A CB  1 ? 
ATOM   385  C  CG  . ASN A 1 46  ? -8.176  0.738   10.531  1.000 11.181 0 46  ASN A CG  1 ? 
ATOM   386  O  OD1 . ASN A 1 46  ? -6.974  0.896   10.588  1.000 13.195 0 46  ASN A OD1 1 ? 
ATOM   387  N  ND2 . ASN A 1 46  ? -8.802  0.631   9.389   1.000 11.741 0 46  ASN A ND2 1 ? 
ATOM   388  N  N   A THR A 1 47  ? -11.786 0.094   13.182  0.500 11.160 0 47  THR A N   1 ? 
ATOM   389  N  N   B THR A 1 47  ? -11.828 0.110   13.201  0.500 11.931 0 47  THR A N   1 ? 
ATOM   390  C  CA  A THR A 1 47  ? -12.595 -0.076  14.371  0.500 12.459 0 47  THR A CA  1 ? 
ATOM   391  C  CA  B THR A 1 47  ? -12.625 -0.066  14.416  0.500 13.672 0 47  THR A CA  1 ? 
ATOM   392  C  C   A THR A 1 47  ? -11.789 -0.032  15.657  0.500 12.218 0 47  THR A C   1 ? 
ATOM   393  C  C   B THR A 1 47  ? -11.746 0.071   15.669  0.500 12.862 0 47  THR A C   1 ? 
ATOM   394  O  O   A THR A 1 47  ? -12.405 0.276   16.683  0.500 12.927 0 47  THR A O   1 ? 
ATOM   395  O  O   B THR A 1 47  ? -12.176 0.660   16.687  0.500 13.392 0 47  THR A O   1 ? 
ATOM   396  C  CB  A THR A 1 47  ? -13.278 -1.431  14.401  0.500 12.642 0 47  THR A CB  1 ? 
ATOM   397  C  CB  B THR A 1 47  ? -13.459 -1.361  14.340  0.500 15.786 0 47  THR A CB  1 ? 
ATOM   398  O  OG1 A THR A 1 47  ? -12.269 -2.420  14.524  0.500 19.516 0 47  THR A OG1 1 ? 
ATOM   399  O  OG1 B THR A 1 47  ? -14.295 -1.605  15.477  0.500 15.613 0 47  THR A OG1 1 ? 
ATOM   400  C  CG2 A THR A 1 47  ? -14.109 -1.584  13.153  0.500 11.042 0 47  THR A CG2 1 ? 
ATOM   401  C  CG2 B THR A 1 47  ? -12.641 -2.614  14.198  0.500 16.997 0 47  THR A CG2 1 ? 
ATOM   402  N  N   . ASP A 1 48  ? -10.513 -0.453  15.642  1.000 12.978 0 48  ASP A N   1 ? 
ATOM   403  C  CA  . ASP A 1 48  ? -9.682  -0.449  16.835  1.000 14.222 0 48  ASP A CA  1 ? 
ATOM   404  C  C   . ASP A 1 48  ? -9.159  0.935   17.157  1.000 13.858 0 48  ASP A C   1 ? 
ATOM   405  O  O   . ASP A 1 48  ? -8.360  1.021   18.086  1.000 16.947 0 48  ASP A O   1 ? 
ATOM   406  C  CB  . ASP A 1 48  ? -8.539  -1.479  16.778  1.000 14.141 0 48  ASP A CB  1 ? 
ATOM   407  C  CG  . ASP A 1 48  ? -7.469  -1.177  15.732  1.000 14.257 0 48  ASP A CG  1 ? 
ATOM   408  O  OD1 . ASP A 1 48  ? -7.602  -0.132  15.019  1.000 14.890 0 48  ASP A OD1 1 ? 
ATOM   409  O  OD2 . ASP A 1 48  ? -6.512  -1.962  15.640  1.000 16.687 0 48  ASP A OD2 1 ? 
ATOM   410  N  N   . GLY A 1 49  ? -9.457  1.981   16.359  1.000 12.042 0 49  GLY A N   1 ? 
ATOM   411  C  CA  . GLY A 1 49  ? -9.013  3.336   16.633  1.000 12.285 0 49  GLY A CA  1 ? 
ATOM   412  C  C   . GLY A 1 49  ? -7.747  3.688   15.867  1.000 10.575 0 49  GLY A C   1 ? 
ATOM   413  O  O   . GLY A 1 49  ? -7.410  4.869   15.819  1.000 12.218 0 49  GLY A O   1 ? 
ATOM   414  N  N   . SER A 1 50  ? -7.102  2.704   15.204  1.000 9.863  0 50  SER A N   1 ? 
ATOM   415  C  CA  . SER A 1 50  ? -6.019  2.993   14.277  1.000 9.513  0 50  SER A CA  1 ? 
ATOM   416  C  C   . SER A 1 50  ? -6.624  3.564   12.982  1.000 8.821  0 50  SER A C   1 ? 
ATOM   417  O  O   . SER A 1 50  ? -7.829  3.638   12.824  1.000 9.338  0 50  SER A O   1 ? 
ATOM   418  C  CB  . SER A 1 50  ? -5.240  1.757   13.990  1.000 10.191 0 50  SER A CB  1 ? 
ATOM   419  O  OG  . SER A 1 50  ? -5.972  0.813   13.264  1.000 10.301 0 50  SER A OG  1 ? 
ATOM   420  N  N   . THR A 1 51  ? -5.755  4.029   12.097  1.000 7.702  0 51  THR A N   1 ? 
ATOM   421  C  CA  . THR A 1 51  ? -6.116  4.562   10.777  1.000 7.442  0 51  THR A CA  1 ? 
ATOM   422  C  C   . THR A 1 51  ? -5.163  3.970   9.755   1.000 6.749  0 51  THR A C   1 ? 
ATOM   423  O  O   . THR A 1 51  ? -4.010  3.787   10.023  1.000 7.647  0 51  THR A O   1 ? 
ATOM   424  C  CB  . THR A 1 51  ? -6.055  6.088   10.829  1.000 7.779  0 51  THR A CB  1 ? 
ATOM   425  O  OG1 . THR A 1 51  ? -6.905  6.599   11.852  1.000 8.687  0 51  THR A OG1 1 ? 
ATOM   426  C  CG2 . THR A 1 51  ? -6.435  6.744   9.530   1.000 8.260  0 51  THR A CG2 1 ? 
ATOM   427  N  N   . ASP A 1 52  ? -5.706  3.748   8.555   1.000 7.013  0 52  ASP A N   1 ? 
ATOM   428  C  CA  . ASP A 1 52  ? -4.897  3.379   7.398   1.000 7.050  0 52  ASP A CA  1 ? 
ATOM   429  C  C   . ASP A 1 52  ? -4.646  4.598   6.518   1.000 7.682  0 52  ASP A C   1 ? 
ATOM   430  O  O   . ASP A 1 52  ? -5.522  5.410   6.296   1.000 8.160  0 52  ASP A O   1 ? 
ATOM   431  C  CB  . ASP A 1 52  ? -5.627  2.351   6.560   1.000 8.450  0 52  ASP A CB  1 ? 
ATOM   432  C  CG  . ASP A 1 52  ? -5.752  0.946   7.149   1.000 9.944  0 52  ASP A CG  1 ? 
ATOM   433  O  OD1 . ASP A 1 52  ? -5.151  0.630   8.155   1.000 10.029 0 52  ASP A OD1 1 ? 
ATOM   434  O  OD2 . ASP A 1 52  ? -6.436  0.106   6.460   1.000 11.349 0 52  ASP A OD2 1 ? 
ATOM   435  N  N   . TYR A 1 53  ? -3.400  4.694   6.048   1.000 7.606  0 53  TYR A N   1 ? 
ATOM   436  C  CA  . TYR A 1 53  ? -2.915  5.879   5.373   1.000 7.709  0 53  TYR A CA  1 ? 
ATOM   437  C  C   . TYR A 1 53  ? -2.304  5.594   4.017   1.000 7.427  0 53  TYR A C   1 ? 
ATOM   438  O  O   . TYR A 1 53  ? -1.435  4.729   3.885   1.000 8.384  0 53  TYR A O   1 ? 
ATOM   439  C  CB  . TYR A 1 53  ? -1.813  6.549   6.220   1.000 8.152  0 53  TYR A CB  1 ? 
ATOM   440  C  CG  . TYR A 1 53  ? -2.280  7.120   7.522   1.000 8.093  0 53  TYR A CG  1 ? 
ATOM   441  C  CD1 . TYR A 1 53  ? -2.375  6.336   8.639   1.000 7.804  0 53  TYR A CD1 1 ? 
ATOM   442  C  CD2 . TYR A 1 53  ? -2.693  8.460   7.625   1.000 8.537  0 53  TYR A CD2 1 ? 
ATOM   443  C  CE1 . TYR A 1 53  ? -2.837  6.835   9.857   1.000 7.397  0 53  TYR A CE1 1 ? 
ATOM   444  C  CE2 . TYR A 1 53  ? -3.177  8.960   8.826   1.000 8.238  0 53  TYR A CE2 1 ? 
ATOM   445  C  CZ  . TYR A 1 53  ? -3.278  8.141   9.926   1.000 7.658  0 53  TYR A CZ  1 ? 
ATOM   446  O  OH  . TYR A 1 53  ? -3.743  8.692   11.087  1.000 8.723  0 53  TYR A OH  1 ? 
ATOM   447  N  N   . GLY A 1 54  ? -2.671  6.415   3.052   1.000 8.242  0 54  GLY A N   1 ? 
ATOM   448  C  CA  . GLY A 1 54  ? -1.980  6.499   1.786   1.000 8.310  0 54  GLY A CA  1 ? 
ATOM   449  C  C   . GLY A 1 54  ? -2.388  5.466   0.732   1.000 8.001  0 54  GLY A C   1 ? 
ATOM   450  O  O   . GLY A 1 54  ? -3.371  4.777   0.842   1.000 7.864  0 54  GLY A O   1 ? 
ATOM   451  N  N   . ILE A 1 55  ? -1.578  5.449   -0.331  1.000 8.254  0 55  ILE A N   1 ? 
ATOM   452  C  CA  . ILE A 1 55  ? -1.902  4.704   -1.524  1.000 9.800  0 55  ILE A CA  1 ? 
ATOM   453  C  C   . ILE A 1 55  ? -2.008  3.197   -1.258  1.000 9.480  0 55  ILE A C   1 ? 
ATOM   454  O  O   . ILE A 1 55  ? -2.717  2.496   -1.966  1.000 9.566  0 55  ILE A O   1 ? 
ATOM   455  C  CB  . ILE A 1 55  ? -0.848  5.054   -2.592  1.000 11.423 0 55  ILE A CB  1 ? 
ATOM   456  C  CG1 . ILE A 1 55  ? -1.363  4.793   -4.015  1.000 14.887 0 55  ILE A CG1 1 ? 
ATOM   457  C  CG2 . ILE A 1 55  ? 0.481   4.428   -2.301  1.000 13.407 0 55  ILE A CG2 1 ? 
ATOM   458  C  CD1 . ILE A 1 55  ? -0.881  5.681   -5.111  1.000 14.602 0 55  ILE A CD1 1 ? 
ATOM   459  N  N   . LEU A 1 56  ? -1.315  2.713   -0.215  1.000 8.915  0 56  LEU A N   1 ? 
ATOM   460  C  CA  . LEU A 1 56  ? -1.391  1.319   0.182   1.000 9.095  0 56  LEU A CA  1 ? 
ATOM   461  C  C   . LEU A 1 56  ? -1.960  1.158   1.590   1.000 8.624  0 56  LEU A C   1 ? 
ATOM   462  O  O   . LEU A 1 56  ? -1.868  0.072   2.196   1.000 9.664  0 56  LEU A O   1 ? 
ATOM   463  C  CB  . LEU A 1 56  ? -0.017  0.649   0.051   1.000 9.131  0 56  LEU A CB  1 ? 
ATOM   464  C  CG  . LEU A 1 56  ? 0.365   0.292   -1.372  1.000 9.690  0 56  LEU A CG  1 ? 
ATOM   465  C  CD1 . LEU A 1 56  ? 1.813   -0.157  -1.453  1.000 11.776 0 56  LEU A CD1 1 ? 
ATOM   466  C  CD2 . LEU A 1 56  ? -0.512  -0.795  -1.985  1.000 10.698 0 56  LEU A CD2 1 ? 
ATOM   467  N  N   . GLN A 1 57  ? -2.665  2.184   2.106   1.000 7.985  0 57  GLN A N   1 ? 
ATOM   468  C  CA  . GLN A 1 57  ? -3.486  2.012   3.304   1.000 7.744  0 57  GLN A CA  1 ? 
ATOM   469  C  C   . GLN A 1 57  ? -2.737  1.294   4.422   1.000 8.168  0 57  GLN A C   1 ? 
ATOM   470  O  O   . GLN A 1 57  ? -3.191  0.309   4.993   1.000 9.250  0 57  GLN A O   1 ? 
ATOM   471  C  CB  . GLN A 1 57  ? -4.819  1.336   2.945   1.000 8.535  0 57  GLN A CB  1 ? 
ATOM   472  C  CG  . GLN A 1 57  ? -5.727  2.214   2.083   1.000 8.549  0 57  GLN A CG  1 ? 
ATOM   473  C  CD  . GLN A 1 57  ? -6.233  3.400   2.868   1.000 8.415  0 57  GLN A CD  1 ? 
ATOM   474  O  OE1 . GLN A 1 57  ? -7.192  3.281   3.618   1.000 9.729  0 57  GLN A OE1 1 ? 
ATOM   475  N  NE2 . GLN A 1 57  ? -5.568  4.553   2.751   1.000 8.353  0 57  GLN A NE2 1 ? 
ATOM   476  N  N   . ILE A 1 58  ? -1.648  1.907   4.815   1.000 8.149  0 58  ILE A N   1 ? 
ATOM   477  C  CA  . ILE A 1 58  ? -0.728  1.399   5.840   1.000 8.606  0 58  ILE A CA  1 ? 
ATOM   478  C  C   . ILE A 1 58  ? -1.221  1.812   7.212   1.000 7.913  0 58  ILE A C   1 ? 
ATOM   479  O  O   . ILE A 1 58  ? -1.579  2.973   7.468   1.000 8.173  0 58  ILE A O   1 ? 
ATOM   480  C  CB  . ILE A 1 58  ? 0.683   1.890   5.519   1.000 9.670  0 58  ILE A CB  1 ? 
ATOM   481  C  CG1 . ILE A 1 58  ? 1.177   1.121   4.285   1.000 11.382 0 58  ILE A CG1 1 ? 
ATOM   482  C  CG2 . ILE A 1 58  ? 1.586   1.687   6.748   1.000 9.599  0 58  ILE A CG2 1 ? 
ATOM   483  C  CD1 . ILE A 1 58  ? 2.453   1.540   3.722   1.000 13.380 0 58  ILE A CD1 1 ? 
ATOM   484  N  N   . ASN A 1 59  ? -1.284  0.865   8.131   1.000 7.699  0 59  ASN A N   1 ? 
ATOM   485  C  CA  . ASN A 1 59  ? -1.958  0.976   9.402   1.000 9.255  0 59  ASN A CA  1 ? 
ATOM   486  C  C   . ASN A 1 59  ? -1.084  1.548   10.524  1.000 8.063  0 59  ASN A C   1 ? 
ATOM   487  O  O   . ASN A 1 59  ? -0.009  1.029   10.803  1.000 10.291 0 59  ASN A O   1 ? 
ATOM   488  C  CB  . ASN A 1 59  ? -2.445  -0.442  9.771   1.000 11.063 0 59  ASN A CB  1 ? 
ATOM   489  C  CG  A ASN A 1 59  ? -3.342  -0.419  10.983  0.600 13.052 0 59  ASN A CG  1 ? 
ATOM   490  C  CG  B ASN A 1 59  ? -3.416  -0.493  10.923  0.400 11.087 0 59  ASN A CG  1 ? 
ATOM   491  O  OD1 A ASN A 1 59  ? -2.901  -0.629  12.116  0.600 15.181 0 59  ASN A OD1 1 ? 
ATOM   492  O  OD1 B ASN A 1 59  ? -3.663  0.511   11.566  0.400 10.618 0 59  ASN A OD1 1 ? 
ATOM   493  N  ND2 A ASN A 1 59  ? -4.596  -0.102  10.780  0.600 14.772 0 59  ASN A ND2 1 ? 
ATOM   494  N  ND2 B ASN A 1 59  ? -3.954  -1.666  11.218  0.400 11.678 0 59  ASN A ND2 1 ? 
ATOM   495  N  N   . SER A 1 60  ? -1.621  2.528   11.238  1.000 8.763  0 60  SER A N   1 ? 
ATOM   496  C  CA  . SER A 1 60  ? -0.957  3.154   12.370  1.000 9.200  0 60  SER A CA  1 ? 
ATOM   497  C  C   . SER A 1 60  ? -0.888  2.243   13.591  1.000 10.207 0 60  SER A C   1 ? 
ATOM   498  O  O   . SER A 1 60  ? -0.143  2.595   14.525  1.000 11.529 0 60  SER A O   1 ? 
ATOM   499  C  CB  . SER A 1 60  ? -1.675  4.430   12.760  1.000 9.067  0 60  SER A CB  1 ? 
ATOM   500  O  OG  . SER A 1 60  ? -2.978  4.112   13.260  1.000 9.145  0 60  SER A OG  1 ? 
ATOM   501  N  N   . ARG A 1 61  ? -1.581  1.119   13.638  1.000 10.666 0 61  ARG A N   1 ? 
ATOM   502  C  CA  . ARG A 1 61  ? -1.455  0.204   14.764  1.000 13.526 0 61  ARG A CA  1 ? 
ATOM   503  C  C   . ARG A 1 61  ? -0.036  -0.330  14.841  1.000 12.303 0 61  ARG A C   1 ? 
ATOM   504  O  O   . ARG A 1 61  ? 0.433   -0.635  15.943  1.000 14.773 0 61  ARG A O   1 ? 
ATOM   505  C  CB  . ARG A 1 61  ? -2.506  -0.914  14.640  1.000 16.483 0 61  ARG A CB  1 ? 
ATOM   506  C  CG  . ARG A 1 61  ? -2.428  -2.046  15.657  1.000 21.101 0 61  ARG A CG  1 ? 
ATOM   507  C  CD  . ARG A 1 61  ? -2.963  -1.610  16.983  1.000 26.438 0 61  ARG A CD  1 ? 
ATOM   508  N  NE  . ARG A 1 61  ? -2.770  -2.650  17.989  1.000 31.972 0 61  ARG A NE  1 ? 
ATOM   509  C  CZ  . ARG A 1 61  ? -1.602  -3.010  18.523  1.000 35.319 0 61  ARG A CZ  1 ? 
ATOM   510  N  NH1 . ARG A 1 61  ? -0.471  -2.411  18.187  1.000 38.273 0 61  ARG A NH1 1 ? 
ATOM   511  N  NH2 . ARG A 1 61  ? -1.572  -3.996  19.406  1.000 37.359 0 61  ARG A NH2 1 ? 
ATOM   512  N  N   . TRP A 1 62  ? 0.638   -0.504  13.679  1.000 11.783 0 62  TRP A N   1 ? 
ATOM   513  C  CA  . TRP A 1 62  ? 1.936   -1.135  13.627  1.000 12.319 0 62  TRP A CA  1 ? 
ATOM   514  C  C   . TRP A 1 62  ? 3.035   -0.306  13.007  1.000 12.680 0 62  TRP A C   1 ? 
ATOM   515  O  O   . TRP A 1 62  ? 4.191   -0.446  13.396  1.000 13.384 0 62  TRP A O   1 ? 
ATOM   516  C  CB  . TRP A 1 62  ? 1.850   -2.484  12.895  1.000 13.447 0 62  TRP A CB  1 ? 
ATOM   517  C  CG  . TRP A 1 62  ? 0.848   -3.401  13.499  1.000 16.350 0 62  TRP A CG  1 ? 
ATOM   518  C  CD1 . TRP A 1 62  ? -0.415  -3.682  13.059  1.000 21.007 0 62  TRP A CD1 1 ? 
ATOM   519  C  CD2 . TRP A 1 62  ? 0.989   -4.119  14.741  1.000 21.319 0 62  TRP A CD2 1 ? 
ATOM   520  N  NE1 . TRP A 1 62  ? -1.057  -4.513  13.929  1.000 22.966 0 62  TRP A NE1 1 ? 
ATOM   521  C  CE2 . TRP A 1 62  ? -0.220  -4.803  14.968  1.000 23.528 0 62  TRP A CE2 1 ? 
ATOM   522  C  CE3 . TRP A 1 62  ? 2.018   -4.243  15.678  1.000 24.403 0 62  TRP A CE3 1 ? 
ATOM   523  C  CZ2 . TRP A 1 62  ? -0.421  -5.613  16.086  1.000 27.962 0 62  TRP A CZ2 1 ? 
ATOM   524  C  CZ3 . TRP A 1 62  ? 1.828   -5.056  16.781  1.000 27.576 0 62  TRP A CZ3 1 ? 
ATOM   525  C  CH2 . TRP A 1 62  ? 0.621   -5.727  16.975  1.000 28.519 0 62  TRP A CH2 1 ? 
ATOM   526  N  N   . TRP A 1 63  ? 2.687   0.439   11.942  1.000 11.073 0 63  TRP A N   1 ? 
ATOM   527  C  CA  . TRP A 1 63  ? 3.712   0.817   10.979  1.000 10.602 0 63  TRP A CA  1 ? 
ATOM   528  C  C   . TRP A 1 63  ? 4.150   2.271   10.992  1.000 10.131 0 63  TRP A C   1 ? 
ATOM   529  O  O   . TRP A 1 63  ? 5.202   2.608   10.493  1.000 11.537 0 63  TRP A O   1 ? 
ATOM   530  C  CB  . TRP A 1 63  ? 3.283   0.438   9.572   1.000 9.452  0 63  TRP A CB  1 ? 
ATOM   531  C  CG  . TRP A 1 63  ? 2.954   -1.036  9.464   1.000 11.051 0 63  TRP A CG  1 ? 
ATOM   532  C  CD1 . TRP A 1 63  ? 1.721   -1.585  9.373   1.000 11.203 0 63  TRP A CD1 1 ? 
ATOM   533  C  CD2 . TRP A 1 63  ? 3.891   -2.129  9.577   1.000 12.175 0 63  TRP A CD2 1 ? 
ATOM   534  N  NE1 . TRP A 1 63  ? 1.816   -2.960  9.371   1.000 12.872 0 63  TRP A NE1 1 ? 
ATOM   535  C  CE2 . TRP A 1 63  ? 3.134   -3.308  9.505   1.000 12.639 0 63  TRP A CE2 1 ? 
ATOM   536  C  CE3 . TRP A 1 63  ? 5.290   -2.194  9.608   1.000 12.591 0 63  TRP A CE3 1 ? 
ATOM   537  C  CZ2 . TRP A 1 63  ? 3.753   -4.564  9.510   1.000 13.617 0 63  TRP A CZ2 1 ? 
ATOM   538  C  CZ3 . TRP A 1 63  ? 5.892   -3.437  9.662   1.000 14.717 0 63  TRP A CZ3 1 ? 
ATOM   539  C  CH2 . TRP A 1 63  ? 5.118   -4.593  9.637   1.000 15.070 0 63  TRP A CH2 1 ? 
ATOM   540  N  N   . CYS A 1 64  ? 3.280   3.160   11.503  1.000 10.662 0 64  CYS A N   1 ? 
ATOM   541  C  CA  . CYS A 1 64  ? 3.571   4.589   11.522  1.000 10.504 0 64  CYS A CA  1 ? 
ATOM   542  C  C   . CYS A 1 64  ? 2.978   5.220   12.762  1.000 10.293 0 64  CYS A C   1 ? 
ATOM   543  O  O   . CYS A 1 64  ? 2.123   4.640   13.378  1.000 10.863 0 64  CYS A O   1 ? 
ATOM   544  C  CB  . CYS A 1 64  ? 3.088   5.265   10.225  1.000 10.833 0 64  CYS A CB  1 ? 
ATOM   545  S  SG  . CYS A 1 64  ? 1.294   5.183   9.949   1.000 10.015 0 64  CYS A SG  1 ? 
ATOM   546  N  N   . ASN A 1 65  ? 3.439   6.432   13.067  1.000 10.338 0 65  ASN A N   1 ? 
ATOM   547  C  CA  . ASN A 1 65  ? 2.957   7.188   14.194  1.000 10.294 0 65  ASN A CA  1 ? 
ATOM   548  C  C   . ASN A 1 65  ? 1.989   8.292   13.739  1.000 9.501  0 65  ASN A C   1 ? 
ATOM   549  O  O   . ASN A 1 65  ? 2.349   9.153   13.006  1.000 10.168 0 65  ASN A O   1 ? 
ATOM   550  C  CB  . ASN A 1 65  ? 4.082   7.801   15.027  1.000 11.714 0 65  ASN A CB  1 ? 
ATOM   551  C  CG  . ASN A 1 65  ? 3.518   8.643   16.149  1.000 13.944 0 65  ASN A CG  1 ? 
ATOM   552  O  OD1 . ASN A 1 65  ? 2.788   8.127   16.962  1.000 17.573 0 65  ASN A OD1 1 ? 
ATOM   553  N  ND2 . ASN A 1 65  ? 3.676   9.940   16.056  1.000 16.686 0 65  ASN A ND2 1 ? 
ATOM   554  N  N   . ASP A 1 66  ? 0.763   8.254   14.265  1.000 9.836  0 66  ASP A N   1 ? 
ATOM   555  C  CA  . ASP A 1 66  ? -0.213  9.314   14.018  1.000 10.258 0 66  ASP A CA  1 ? 
ATOM   556  C  C   . ASP A 1 66  ? -0.633  10.052  15.300  1.000 10.772 0 66  ASP A C   1 ? 
ATOM   557  O  O   . ASP A 1 66  ? -1.458  10.971  15.223  1.000 12.334 0 66  ASP A O   1 ? 
ATOM   558  C  CB  . ASP A 1 66  ? -1.462  8.883   13.266  1.000 10.096 0 66  ASP A CB  1 ? 
ATOM   559  C  CG  . ASP A 1 66  ? -2.359  7.885   13.988  1.000 9.559  0 66  ASP A CG  1 ? 
ATOM   560  O  OD1 . ASP A 1 66  ? -2.148  7.614   15.210  1.000 10.468 0 66  ASP A OD1 1 ? 
ATOM   561  O  OD2 . ASP A 1 66  ? -3.338  7.392   13.347  1.000 9.061  0 66  ASP A OD2 1 ? 
ATOM   562  N  N   . GLY A 1 67  ? -0.065  9.679   16.446  1.000 11.637 0 67  GLY A N   1 ? 
ATOM   563  C  CA  . GLY A 1 67  ? -0.306  10.331  17.722  1.000 13.508 0 67  GLY A CA  1 ? 
ATOM   564  C  C   . GLY A 1 67  ? -1.674  10.070  18.315  1.000 13.788 0 67  GLY A C   1 ? 
ATOM   565  O  O   . GLY A 1 67  ? -1.968  10.630  19.395  1.000 17.443 0 67  GLY A O   1 ? 
ATOM   566  N  N   . ARG A 1 68  ? -2.513  9.234   17.717  1.000 12.330 0 68  ARG A N   1 ? 
ATOM   567  C  CA  . ARG A 1 68  ? -3.823  8.975   18.284  1.000 13.372 0 68  ARG A CA  1 ? 
ATOM   568  C  C   . ARG A 1 68  ? -4.146  7.484   18.267  1.000 14.448 0 68  ARG A C   1 ? 
ATOM   569  O  O   . ARG A 1 68  ? -5.331  7.141   18.368  1.000 18.084 0 68  ARG A O   1 ? 
ATOM   570  C  CB  . ARG A 1 68  ? -4.907  9.805   17.606  1.000 12.748 0 68  ARG A CB  1 ? 
ATOM   571  C  CG  . ARG A 1 68  ? -5.075  9.410   16.169  1.000 12.680 0 68  ARG A CG  1 ? 
ATOM   572  C  CD  . ARG A 1 68  ? -6.351  10.019  15.657  1.000 13.085 0 68  ARG A CD  1 ? 
ATOM   573  N  NE  . ARG A 1 68  ? -6.777  9.392   14.415  1.000 13.079 0 68  ARG A NE  1 ? 
ATOM   574  C  CZ  . ARG A 1 68  ? -7.684  9.906   13.585  1.000 11.516 0 68  ARG A CZ  1 ? 
ATOM   575  N  NH1 . ARG A 1 68  ? -8.215  11.094  13.829  1.000 11.993 0 68  ARG A NH1 1 ? 
ATOM   576  N  NH2 . ARG A 1 68  ? -8.037  9.248   12.485  1.000 10.768 0 68  ARG A NH2 1 ? 
ATOM   577  N  N   . THR A 1 69  ? -3.135  6.623   18.257  1.000 13.781 0 69  THR A N   1 ? 
ATOM   578  C  CA  . THR A 1 69  ? -3.343  5.196   18.257  1.000 12.950 0 69  THR A CA  1 ? 
ATOM   579  C  C   . THR A 1 69  ? -2.587  4.684   19.488  1.000 13.641 0 69  THR A C   1 ? 
ATOM   580  O  O   . THR A 1 69  ? -1.516  4.182   19.389  1.000 14.730 0 69  THR A O   1 ? 
ATOM   581  C  CB  . THR A 1 69  ? -2.912  4.513   16.948  1.000 12.659 0 69  THR A CB  1 ? 
ATOM   582  O  OG1 . THR A 1 69  ? -3.382  5.251   15.787  1.000 11.662 0 69  THR A OG1 1 ? 
ATOM   583  C  CG2 . THR A 1 69  ? -3.485  3.115   16.924  1.000 14.358 0 69  THR A CG2 1 ? 
ATOM   584  N  N   . PRO A 1 70  ? -3.145  4.828   20.714  1.000 16.767 0 70  PRO A N   1 ? 
ATOM   585  C  CA  . PRO A 1 70  ? -2.443  4.426   21.939  1.000 18.325 0 70  PRO A CA  1 ? 
ATOM   586  C  C   . PRO A 1 70  ? -2.025  2.971   21.940  1.000 18.289 0 70  PRO A C   1 ? 
ATOM   587  O  O   . PRO A 1 70  ? -2.778  2.086   21.560  1.000 21.558 0 70  PRO A O   1 ? 
ATOM   588  C  CB  . PRO A 1 70  ? -3.452  4.597   23.072  1.000 21.513 0 70  PRO A CB  1 ? 
ATOM   589  C  CG  . PRO A 1 70  ? -4.545  5.473   22.524  1.000 20.582 0 70  PRO A CG  1 ? 
ATOM   590  C  CD  . PRO A 1 70  ? -4.421  5.486   21.007  1.000 19.159 0 70  PRO A CD  1 ? 
ATOM   591  N  N   . GLY A 1 71  ? -0.789  2.740   22.409  1.000 20.362 0 71  GLY A N   1 ? 
ATOM   592  C  CA  . GLY A 1 71  ? -0.255  1.399   22.558  1.000 23.034 0 71  GLY A CA  1 ? 
ATOM   593  C  C   . GLY A 1 71  ? 0.279   0.793   21.262  1.000 22.956 0 71  GLY A C   1 ? 
ATOM   594  O  O   . GLY A 1 71  ? 0.726   -0.344  21.223  1.000 25.418 0 71  GLY A O   1 ? 
ATOM   595  N  N   . SER A 1 72  ? 0.249   1.590   20.188  1.000 20.345 0 72  SER A N   1 ? 
ATOM   596  C  CA  . SER A 1 72  ? 0.649   1.116   18.867  1.000 17.895 0 72  SER A CA  1 ? 
ATOM   597  C  C   . SER A 1 72  ? 2.166   1.144   18.702  1.000 18.177 0 72  SER A C   1 ? 
ATOM   598  O  O   . SER A 1 72  ? 2.920   1.712   19.520  1.000 21.791 0 72  SER A O   1 ? 
ATOM   599  C  CB  . SER A 1 72  ? -0.027  1.956   17.803  1.000 17.122 0 72  SER A CB  1 ? 
ATOM   600  O  OG  . SER A 1 72  ? 0.556   3.244   17.764  1.000 16.962 0 72  SER A OG  1 ? 
ATOM   601  N  N   . ARG A 1 73  ? 2.602   0.521   17.597  1.000 17.071 0 73  ARG A N   1 ? 
ATOM   602  C  CA  . ARG A 1 73  ? 3.985   0.600   17.195  1.000 17.691 0 73  ARG A CA  1 ? 
ATOM   603  C  C   . ARG A 1 73  ? 4.131   1.560   16.008  1.000 15.166 0 73  ARG A C   1 ? 
ATOM   604  O  O   . ARG A 1 73  ? 3.141   2.010   15.402  1.000 15.478 0 73  ARG A O   1 ? 
ATOM   605  C  CB  . ARG A 1 73  ? 4.479   -0.816  16.864  1.000 19.925 0 73  ARG A CB  1 ? 
ATOM   606  C  CG  . ARG A 1 73  ? 4.471   -1.811  18.023  1.000 22.364 0 73  ARG A CG  1 ? 
ATOM   607  C  CD  . ARG A 1 73  ? 5.486   -1.479  19.103  1.000 27.257 0 73  ARG A CD  1 ? 
ATOM   608  N  NE  . ARG A 1 73  ? 6.875   -1.442  18.666  1.000 30.865 0 73  ARG A NE  1 ? 
ATOM   609  C  CZ  . ARG A 1 73  ? 7.677   -2.496  18.543  1.000 36.999 0 73  ARG A CZ  1 ? 
ATOM   610  N  NH1 . ARG A 1 73  ? 7.258   -3.710  18.872  1.000 39.093 0 73  ARG A NH1 1 ? 
ATOM   611  N  NH2 . ARG A 1 73  ? 8.909   -2.324  18.095  1.000 40.891 0 73  ARG A NH2 1 ? 
ATOM   612  N  N   . ASN A 1 74  ? 5.383   1.779   15.648  1.000 15.417 0 74  ASN A N   1 ? 
ATOM   613  C  CA  . ASN A 1 74  ? 5.813   2.620   14.543  1.000 14.364 0 74  ASN A CA  1 ? 
ATOM   614  C  C   . ASN A 1 74  ? 7.016   1.931   13.900  1.000 14.501 0 74  ASN A C   1 ? 
ATOM   615  O  O   . ASN A 1 74  ? 8.130   2.454   13.894  1.000 15.140 0 74  ASN A O   1 ? 
ATOM   616  C  CB  . ASN A 1 74  ? 6.163   4.036   15.032  1.000 14.860 0 74  ASN A CB  1 ? 
ATOM   617  C  CG  . ASN A 1 74  ? 6.646   4.961   13.940  1.000 13.619 0 74  ASN A CG  1 ? 
ATOM   618  O  OD1 . ASN A 1 74  ? 6.571   4.625   12.760  1.000 13.588 0 74  ASN A OD1 1 ? 
ATOM   619  N  ND2 . ASN A 1 74  ? 7.134   6.132   14.331  1.000 15.084 0 74  ASN A ND2 1 ? 
ATOM   620  N  N   . LEU A 1 75  ? 6.749   0.803   13.232  1.000 14.297 0 75  LEU A N   1 ? 
ATOM   621  C  CA  . LEU A 1 75  ? 7.840   -0.051  12.777  1.000 15.508 0 75  LEU A CA  1 ? 
ATOM   622  C  C   . LEU A 1 75  ? 8.509   0.513   11.526  1.000 14.111 0 75  LEU A C   1 ? 
ATOM   623  O  O   . LEU A 1 75  ? 9.681   0.199   11.281  1.000 16.694 0 75  LEU A O   1 ? 
ATOM   624  C  CB  . LEU A 1 75  ? 7.335   -1.472  12.558  1.000 17.669 0 75  LEU A CB  1 ? 
ATOM   625  C  CG  . LEU A 1 75  ? 6.887   -2.190  13.816  1.000 18.791 0 75  LEU A CG  1 ? 
ATOM   626  C  CD1 . LEU A 1 75  ? 6.139   -3.458  13.434  1.000 19.717 0 75  LEU A CD1 1 ? 
ATOM   627  C  CD2 . LEU A 1 75  ? 8.061   -2.482  14.747  1.000 20.830 0 75  LEU A CD2 1 ? 
ATOM   628  N  N   . CYS A 1 76  ? 7.814   1.376   10.774  1.000 13.278 0 76  CYS A N   1 ? 
ATOM   629  C  CA  . CYS A 1 76  ? 8.474   2.040   9.674   1.000 13.765 0 76  CYS A CA  1 ? 
ATOM   630  C  C   . CYS A 1 76  ? 9.190   3.311   10.107  1.000 13.242 0 76  CYS A C   1 ? 
ATOM   631  O  O   . CYS A 1 76  ? 9.836   3.937   9.287   1.000 14.829 0 76  CYS A O   1 ? 
ATOM   632  C  CB  . CYS A 1 76  ? 7.522   2.304   8.511   1.000 12.151 0 76  CYS A CB  1 ? 
ATOM   633  S  SG  . CYS A 1 76  ? 6.973   0.732   7.802   1.000 13.769 0 76  CYS A SG  1 ? 
ATOM   634  N  N   . ASN A 1 77  ? 9.055   3.683   11.400  1.000 14.119 0 77  ASN A N   1 ? 
ATOM   635  C  CA  . ASN A 1 77  ? 9.732   4.847   11.961  1.000 15.143 0 77  ASN A CA  1 ? 
ATOM   636  C  C   . ASN A 1 77  ? 9.446   6.118   11.163  1.000 14.904 0 77  ASN A C   1 ? 
ATOM   637  O  O   . ASN A 1 77  ? 10.315  6.850   10.752  1.000 15.814 0 77  ASN A O   1 ? 
ATOM   638  C  CB  . ASN A 1 77  ? 11.238  4.607   12.045  1.000 18.734 0 77  ASN A CB  1 ? 
ATOM   639  C  CG  . ASN A 1 77  ? 11.885  5.647   12.928  1.000 23.284 0 77  ASN A CG  1 ? 
ATOM   640  O  OD1 . ASN A 1 77  ? 11.323  6.025   13.956  1.000 28.762 0 77  ASN A OD1 1 ? 
ATOM   641  N  ND2 . ASN A 1 77  ? 13.045  6.133   12.521  1.000 27.013 0 77  ASN A ND2 1 ? 
ATOM   642  N  N   . ILE A 1 78  ? 8.154   6.406   10.964  1.000 13.282 0 78  ILE A N   1 ? 
ATOM   643  C  CA  . ILE A 1 78  ? 7.727   7.561   10.199  1.000 13.446 0 78  ILE A CA  1 ? 
ATOM   644  C  C   . ILE A 1 78  ? 6.430   8.104   10.762  1.000 12.557 0 78  ILE A C   1 ? 
ATOM   645  O  O   . ILE A 1 78  ? 5.631   7.345   11.290  1.000 12.536 0 78  ILE A O   1 ? 
ATOM   646  C  CB  . ILE A 1 78  ? 7.463   7.248   8.712   1.000 15.729 0 78  ILE A CB  1 ? 
ATOM   647  C  CG1 . ILE A 1 78  ? 6.542   6.028   8.578   1.000 15.556 0 78  ILE A CG1 1 ? 
ATOM   648  C  CG2 . ILE A 1 78  ? 8.747   7.142   7.897   1.000 16.755 0 78  ILE A CG2 1 ? 
ATOM   649  C  CD1 . ILE A 1 78  ? 6.029   5.778   7.190   1.000 18.522 0 78  ILE A CD1 1 ? 
ATOM   650  N  N   . PRO A 1 79  ? 6.166   9.415   10.640  1.000 12.071 0 79  PRO A N   1 ? 
ATOM   651  C  CA  . PRO A 1 79  ? 4.821   9.905   10.906  1.000 11.277 0 79  PRO A CA  1 ? 
ATOM   652  C  C   . PRO A 1 79  ? 3.916   9.387   9.794   1.000 9.881  0 79  PRO A C   1 ? 
ATOM   653  O  O   . PRO A 1 79  ? 4.277   9.333   8.618   1.000 10.866 0 79  PRO A O   1 ? 
ATOM   654  C  CB  . PRO A 1 79  ? 4.987   11.438  10.808  1.000 12.641 0 79  PRO A CB  1 ? 
ATOM   655  C  CG  . PRO A 1 79  ? 6.126   11.587  9.808   1.000 14.816 0 79  PRO A CG  1 ? 
ATOM   656  C  CD  . PRO A 1 79  ? 7.075   10.477  10.182  1.000 13.537 0 79  PRO A CD  1 ? 
ATOM   657  N  N   . CYS A 1 80  ? 2.680   9.057   10.129  1.000 9.303  0 80  CYS A N   1 ? 
ATOM   658  C  CA  . CYS A 1 80  ? 1.750   8.530   9.152   1.000 9.084  0 80  CYS A CA  1 ? 
ATOM   659  C  C   . CYS A 1 80  ? 1.512   9.556   8.053   1.000 9.268  0 80  CYS A C   1 ? 
ATOM   660  O  O   . CYS A 1 80  ? 1.272   9.147   6.908   1.000 9.593  0 80  CYS A O   1 ? 
ATOM   661  C  CB  . CYS A 1 80  ? 0.445   8.137   9.810   1.000 9.103  0 80  CYS A CB  1 ? 
ATOM   662  S  SG  . CYS A 1 80  ? 0.592   6.791   11.031  1.000 9.661  0 80  CYS A SG  1 ? 
ATOM   663  N  N   . SER A 1 81  ? 1.611   10.877  8.333   1.000 10.061 0 81  SER A N   1 ? 
ATOM   664  C  CA  . SER A 1 81  ? 1.447   11.886  7.289   1.000 11.017 0 81  SER A CA  1 ? 
ATOM   665  C  C   . SER A 1 81  ? 2.445   11.711  6.131   1.000 11.778 0 81  SER A C   1 ? 
ATOM   666  O  O   . SER A 1 81  ? 2.146   12.113  5.012   1.000 13.062 0 81  SER A O   1 ? 
ATOM   667  C  CB  . SER A 1 81  ? 1.563   13.267  7.886   1.000 12.497 0 81  SER A CB  1 ? 
ATOM   668  O  OG  . SER A 1 81  ? 2.863   13.449  8.408   1.000 14.048 0 81  SER A OG  1 ? 
ATOM   669  N  N   . ALA A 1 82  ? 3.609   11.115  6.392   1.000 11.986 0 82  ALA A N   1 ? 
ATOM   670  C  CA  . ALA A 1 82  ? 4.588   10.862  5.330   1.000 13.296 0 82  ALA A CA  1 ? 
ATOM   671  C  C   . ALA A 1 82  ? 4.038   9.940   4.258   1.000 12.476 0 82  ALA A C   1 ? 
ATOM   672  O  O   . ALA A 1 82  ? 4.535   9.956   3.113   1.000 14.117 0 82  ALA A O   1 ? 
ATOM   673  C  CB  . ALA A 1 82  ? 5.844   10.224  5.835   1.000 14.174 0 82  ALA A CB  1 ? 
ATOM   674  N  N   . LEU A 1 83  ? 3.085   9.096   4.664   1.000 11.620 0 83  LEU A N   1 ? 
ATOM   675  C  CA  . LEU A 1 83  ? 2.461   8.169   3.744   1.000 11.848 0 83  LEU A CA  1 ? 
ATOM   676  C  C   . LEU A 1 83  ? 1.400   8.835   2.883   1.000 11.394 0 83  LEU A C   1 ? 
ATOM   677  O  O   . LEU A 1 83  ? 0.760   8.142   2.070   1.000 12.327 0 83  LEU A O   1 ? 
ATOM   678  C  CB  . LEU A 1 83  ? 1.865   7.044   4.571   1.000 12.074 0 83  LEU A CB  1 ? 
ATOM   679  C  CG  . LEU A 1 83  ? 2.841   6.249   5.410   1.000 14.170 0 83  LEU A CG  1 ? 
ATOM   680  C  CD1 . LEU A 1 83  ? 2.080   5.347   6.343   1.000 14.811 0 83  LEU A CD1 1 ? 
ATOM   681  C  CD2 . LEU A 1 83  ? 3.726   5.420   4.504   1.000 17.079 0 83  LEU A CD2 1 ? 
ATOM   682  N  N   . LEU A 1 84  ? 1.149   10.157  3.010   1.000 11.415 0 84  LEU A N   1 ? 
ATOM   683  C  CA  . LEU A 1 84  ? 0.148   10.811  2.206   1.000 11.816 0 84  LEU A CA  1 ? 
ATOM   684  C  C   . LEU A 1 84  ? 0.786   11.660  1.106   1.000 12.642 0 84  LEU A C   1 ? 
ATOM   685  O  O   . LEU A 1 84  ? 0.099   12.259  0.295   1.000 13.742 0 84  LEU A O   1 ? 
ATOM   686  C  CB  . LEU A 1 84  ? -0.748  11.658  3.089   1.000 10.988 0 84  LEU A CB  1 ? 
ATOM   687  C  CG  . LEU A 1 84  ? -1.418  10.890  4.224   1.000 11.358 0 84  LEU A CG  1 ? 
ATOM   688  C  CD1 . LEU A 1 84  ? -2.260  11.804  5.111   1.000 13.143 0 84  LEU A CD1 1 ? 
ATOM   689  C  CD2 . LEU A 1 84  ? -2.269  9.723   3.731   1.000 10.821 0 84  LEU A CD2 1 ? 
ATOM   690  N  N   . SER A 1 85  ? 2.105   11.706  1.102   1.000 12.383 0 85  SER A N   1 ? 
ATOM   691  C  CA  . SER A 1 85  ? 2.851   12.543  0.167   1.000 13.338 0 85  SER A CA  1 ? 
ATOM   692  C  C   . SER A 1 85  ? 2.611   12.139  -1.276  1.000 13.760 0 85  SER A C   1 ? 
ATOM   693  O  O   . SER A 1 85  ? 2.379   10.976  -1.585  1.000 13.309 0 85  SER A O   1 ? 
ATOM   694  C  CB  . SER A 1 85  ? 4.318   12.423  0.506   1.000 15.165 0 85  SER A CB  1 ? 
ATOM   695  O  OG  . SER A 1 85  ? 5.102   13.211  -0.370  1.000 17.094 0 85  SER A OG  1 ? 
ATOM   696  N  N   . SER A 1 86  ? 2.764   13.107  -2.175  1.000 14.686 0 86  SER A N   1 ? 
ATOM   697  C  CA  . SER A 1 86  ? 2.821   12.778  -3.585  1.000 14.416 0 86  SER A CA  1 ? 
ATOM   698  C  C   . SER A 1 86  ? 4.051   11.931  -3.938  1.000 14.467 0 86  SER A C   1 ? 
ATOM   699  O  O   . SER A 1 86  ? 4.025   11.231  -4.947  1.000 17.137 0 86  SER A O   1 ? 
ATOM   700  C  CB  . SER A 1 86  ? 2.739   14.044  -4.393  1.000 15.872 0 86  SER A CB  1 ? 
ATOM   701  O  OG  . SER A 1 86  ? 3.786   14.922  -4.089  1.000 19.647 0 86  SER A OG  1 ? 
ATOM   702  N  N   . ASP A 1 87  ? 5.103   11.980  -3.142  1.000 15.233 0 87  ASP A N   1 ? 
ATOM   703  C  CA  . ASP A 1 87  ? 6.281   11.134  -3.295  1.000 15.782 0 87  ASP A CA  1 ? 
ATOM   704  C  C   . ASP A 1 87  ? 5.989   9.813   -2.590  1.000 14.862 0 87  ASP A C   1 ? 
ATOM   705  O  O   . ASP A 1 87  ? 5.903   9.811   -1.363  1.000 14.768 0 87  ASP A O   1 ? 
ATOM   706  C  CB  . ASP A 1 87  ? 7.483   11.845  -2.664  1.000 18.069 0 87  ASP A CB  1 ? 
ATOM   707  C  CG  . ASP A 1 87  ? 8.798   11.091  -2.740  1.000 20.342 0 87  ASP A CG  1 ? 
ATOM   708  O  OD1 . ASP A 1 87  ? 8.774   9.901   -3.011  1.000 20.974 0 87  ASP A OD1 1 ? 
ATOM   709  O  OD2 . ASP A 1 87  ? 9.847   11.719  -2.512  1.000 25.921 0 87  ASP A OD2 1 ? 
ATOM   710  N  N   . ILE A 1 88  ? 5.933   8.702   -3.342  1.000 13.039 0 88  ILE A N   1 ? 
ATOM   711  C  CA  . ILE A 1 88  ? 5.571   7.411   -2.764  1.000 13.222 0 88  ILE A CA  1 ? 
ATOM   712  C  C   . ILE A 1 88  ? 6.728   6.676   -2.113  1.000 12.486 0 88  ILE A C   1 ? 
ATOM   713  O  O   . ILE A 1 88  ? 6.464   5.579   -1.607  1.000 11.840 0 88  ILE A O   1 ? 
ATOM   714  C  CB  . ILE A 1 88  ? 4.837   6.499   -3.771  1.000 14.240 0 88  ILE A CB  1 ? 
ATOM   715  C  CG1 . ILE A 1 88  ? 5.734   6.013   -4.914  1.000 13.934 0 88  ILE A CG1 1 ? 
ATOM   716  C  CG2 . ILE A 1 88  ? 3.588   7.180   -4.280  1.000 15.465 0 88  ILE A CG2 1 ? 
ATOM   717  C  CD1 . ILE A 1 88  ? 5.193   4.844   -5.668  1.000 16.221 0 88  ILE A CD1 1 ? 
ATOM   718  N  N   . THR A 1 89  ? 7.923   7.290   -2.002  1.000 14.069 0 89  THR A N   1 ? 
ATOM   719  C  CA  . THR A 1 89  ? 9.066   6.611   -1.429  1.000 13.600 0 89  THR A CA  1 ? 
ATOM   720  C  C   . THR A 1 89  ? 8.731   5.986   -0.078  1.000 12.428 0 89  THR A C   1 ? 
ATOM   721  O  O   . THR A 1 89  ? 9.015   4.818   0.156   1.000 14.049 0 89  THR A O   1 ? 
ATOM   722  C  CB  . THR A 1 89  ? 10.279  7.550   -1.275  1.000 15.485 0 89  THR A CB  1 ? 
ATOM   723  O  OG1 . THR A 1 89  ? 10.632  8.059   -2.560  1.000 17.723 0 89  THR A OG1 1 ? 
ATOM   724  C  CG2 . THR A 1 89  ? 11.495  6.879   -0.691  1.000 17.181 0 89  THR A CG2 1 ? 
ATOM   725  N  N   . ALA A 1 90  ? 8.156   6.783   0.857   1.000 12.830 0 90  ALA A N   1 ? 
ATOM   726  C  CA  . ALA A 1 90  ? 7.930   6.296   2.197   1.000 12.683 0 90  ALA A CA  1 ? 
ATOM   727  C  C   . ALA A 1 90  ? 6.942   5.136   2.157   1.000 11.610 0 90  ALA A C   1 ? 
ATOM   728  O  O   . ALA A 1 90  ? 7.106   4.184   2.872   1.000 12.181 0 90  ALA A O   1 ? 
ATOM   729  C  CB  . ALA A 1 90  ? 7.463   7.406   3.115   1.000 14.188 0 90  ALA A CB  1 ? 
ATOM   730  N  N   . SER A 1 91  ? 5.863   5.271   1.407   1.000 10.815 0 91  SER A N   1 ? 
ATOM   731  C  CA  . SER A 1 91  ? 4.882   4.202   1.310   1.000 10.007 0 91  SER A CA  1 ? 
ATOM   732  C  C   . SER A 1 91  ? 5.496   2.913   0.767   1.000 9.774  0 91  SER A C   1 ? 
ATOM   733  O  O   . SER A 1 91  ? 5.220   1.845   1.279   1.000 9.543  0 91  SER A O   1 ? 
ATOM   734  C  CB  . SER A 1 91  ? 3.681   4.594   0.479   1.000 10.303 0 91  SER A CB  1 ? 
ATOM   735  O  OG  . SER A 1 91  ? 2.794   5.425   1.227   1.000 10.641 0 91  SER A OG  1 ? 
ATOM   736  N  N   . VAL A 1 92  ? 6.327   3.038   -0.266  1.000 9.710  0 92  VAL A N   1 ? 
ATOM   737  C  CA  . VAL A 1 92  ? 6.965   1.846   -0.803  1.000 10.098 0 92  VAL A CA  1 ? 
ATOM   738  C  C   . VAL A 1 92  ? 7.919   1.192   0.177   1.000 10.777 0 92  VAL A C   1 ? 
ATOM   739  O  O   . VAL A 1 92  ? 7.896   -0.016  0.354   1.000 11.157 0 92  VAL A O   1 ? 
ATOM   740  C  CB  . VAL A 1 92  ? 7.656   2.141   -2.136  1.000 12.094 0 92  VAL A CB  1 ? 
ATOM   741  C  CG1 . VAL A 1 92  ? 8.447   0.928   -2.595  1.000 12.167 0 92  VAL A CG1 1 ? 
ATOM   742  C  CG2 . VAL A 1 92  ? 6.624   2.514   -3.163  1.000 13.432 0 92  VAL A CG2 1 ? 
ATOM   743  N  N   . ASN A 1 93  ? 8.764   2.007   0.815   1.000 11.797 0 93  ASN A N   1 ? 
ATOM   744  C  CA  . ASN A 1 93  ? 9.744   1.469   1.731   1.000 13.175 0 93  ASN A CA  1 ? 
ATOM   745  C  C   . ASN A 1 93  ? 9.048   0.757   2.880   1.000 12.070 0 93  ASN A C   1 ? 
ATOM   746  O  O   . ASN A 1 93  ? 9.460   -0.287  3.345   1.000 13.320 0 93  ASN A O   1 ? 
ATOM   747  C  CB  . ASN A 1 93  ? 10.695  2.569   2.205   1.000 15.994 0 93  ASN A CB  1 ? 
ATOM   748  C  CG  . ASN A 1 93  ? 11.653  2.957   1.112   1.000 20.263 0 93  ASN A CG  1 ? 
ATOM   749  O  OD1 . ASN A 1 93  ? 11.867  2.192   0.172   1.000 26.230 0 93  ASN A OD1 1 ? 
ATOM   750  N  ND2 . ASN A 1 93  ? 12.241  4.133   1.239   1.000 22.990 0 93  ASN A ND2 1 ? 
ATOM   751  N  N   . CYS A 1 94  ? 7.951   1.344   3.349   1.000 11.044 0 94  CYS A N   1 ? 
ATOM   752  C  CA  . CYS A 1 94  ? 7.183   0.755   4.435   1.000 11.021 0 94  CYS A CA  1 ? 
ATOM   753  C  C   . CYS A 1 94  ? 6.446   -0.507  3.970   1.000 10.028 0 94  CYS A C   1 ? 
ATOM   754  O  O   . CYS A 1 94  ? 6.500   -1.522  4.656   1.000 10.100 0 94  CYS A O   1 ? 
ATOM   755  C  CB  . CYS A 1 94  ? 6.251   1.788   5.028   1.000 11.782 0 94  CYS A CB  1 ? 
ATOM   756  S  SG  . CYS A 1 94  ? 5.446   1.255   6.542   1.000 12.441 0 94  CYS A SG  1 ? 
ATOM   757  N  N   . ALA A 1 95  ? 5.900   -0.492  2.757   1.000 9.906  0 95  ALA A N   1 ? 
ATOM   758  C  CA  . ALA A 1 95  ? 5.249   -1.673  2.207   1.000 9.505  0 95  ALA A CA  1 ? 
ATOM   759  C  C   . ALA A 1 95  ? 6.217   -2.853  2.097   1.000 9.057  0 95  ALA A C   1 ? 
ATOM   760  O  O   . ALA A 1 95  ? 5.822   -4.025  2.322   1.000 9.595  0 95  ALA A O   1 ? 
ATOM   761  C  CB  . ALA A 1 95  ? 4.637   -1.371  0.852   1.000 9.944  0 95  ALA A CB  1 ? 
ATOM   762  N  N   . LYS A 1 96  ? 7.485   -2.561  1.751   1.000 9.395  0 96  LYS A N   1 ? 
ATOM   763  C  CA  . LYS A 1 96  ? 8.472   -3.637  1.736   1.000 11.326 0 96  LYS A CA  1 ? 
ATOM   764  C  C   . LYS A 1 96  ? 8.593   -4.322  3.095   1.000 11.438 0 96  LYS A C   1 ? 
ATOM   765  O  O   . LYS A 1 96  ? 8.768   -5.545  3.161   1.000 12.407 0 96  LYS A O   1 ? 
ATOM   766  C  CB  . LYS A 1 96  ? 9.823   -3.120  1.231   1.000 11.636 0 96  LYS A CB  1 ? 
ATOM   767  C  CG  . LYS A 1 96  ? 9.827   -2.799  -0.232  1.000 12.518 0 96  LYS A CG  1 ? 
ATOM   768  C  CD  . LYS A 1 96  ? 11.153  -2.242  -0.689  1.000 13.532 0 96  LYS A CD  1 ? 
ATOM   769  C  CE  . LYS A 1 96  ? 11.190  -1.931  -2.159  1.000 15.040 0 96  LYS A CE  1 ? 
ATOM   770  N  NZ  . LYS A 1 96  ? 12.490  -1.322  -2.514  1.000 18.156 0 96  LYS A NZ  1 ? 
ATOM   771  N  N   . LYS A 1 97  ? 8.605   -3.538  4.173   1.000 11.315 0 97  LYS A N   1 ? 
ATOM   772  C  CA  . LYS A 1 97  ? 8.654   -4.142  5.502   1.000 11.850 0 97  LYS A CA  1 ? 
ATOM   773  C  C   . LYS A 1 97  ? 7.374   -4.942  5.788   1.000 10.982 0 97  LYS A C   1 ? 
ATOM   774  O  O   . LYS A 1 97  ? 7.412   -6.030  6.345   1.000 12.501 0 97  LYS A O   1 ? 
ATOM   775  C  CB  . LYS A 1 97  ? 8.836   -3.072  6.577   1.000 12.357 0 97  LYS A CB  1 ? 
ATOM   776  C  CG  . LYS A 1 97  ? 10.153  -2.324  6.564   1.000 16.018 0 97  LYS A CG  1 ? 
ATOM   777  C  CD  . LYS A 1 97  ? 10.307  -1.486  7.834   1.000 19.226 0 97  LYS A CD  1 ? 
ATOM   778  C  CE  . LYS A 1 97  ? 11.651  -0.805  7.943   1.000 24.856 0 97  LYS A CE  1 ? 
ATOM   779  N  NZ  . LYS A 1 97  ? 11.902  0.071   6.781   1.000 26.010 0 97  LYS A NZ  1 ? 
ATOM   780  N  N   . ILE A 1 98  ? 6.219   -4.377  5.443   1.000 10.122 0 98  ILE A N   1 ? 
ATOM   781  C  CA  . ILE A 1 98  ? 4.963   -5.048  5.723   1.000 9.620  0 98  ILE A CA  1 ? 
ATOM   782  C  C   . ILE A 1 98  ? 4.913   -6.417  5.036   1.000 9.998  0 98  ILE A C   1 ? 
ATOM   783  O  O   . ILE A 1 98  ? 4.500   -7.418  5.643   1.000 10.703 0 98  ILE A O   1 ? 
ATOM   784  C  CB  . ILE A 1 98  ? 3.775   -4.173  5.284   1.000 9.750  0 98  ILE A CB  1 ? 
ATOM   785  C  CG1 . ILE A 1 98  ? 3.747   -2.885  6.112   1.000 9.740  0 98  ILE A CG1 1 ? 
ATOM   786  C  CG2 . ILE A 1 98  ? 2.453   -4.940  5.381   1.000 10.525 0 98  ILE A CG2 1 ? 
ATOM   787  C  CD1 . ILE A 1 98  ? 2.808   -1.844  5.633   1.000 10.918 0 98  ILE A CD1 1 ? 
ATOM   788  N  N   . VAL A 1 99  ? 5.264   -6.450  3.748   1.000 9.033  0 99  VAL A N   1 ? 
ATOM   789  C  CA  . VAL A 1 99  ? 5.099   -7.670  2.966   1.000 9.225  0 99  VAL A CA  1 ? 
ATOM   790  C  C   . VAL A 1 99  ? 6.116   -8.719  3.383   1.000 10.032 0 99  VAL A C   1 ? 
ATOM   791  O  O   . VAL A 1 99  ? 5.994   -9.890  3.020   1.000 11.769 0 99  VAL A O   1 ? 
ATOM   792  C  CB  . VAL A 1 99  ? 5.181   -7.376  1.461   1.000 9.125  0 99  VAL A CB  1 ? 
ATOM   793  C  CG1 . VAL A 1 99  ? 6.597   -7.076  0.970   1.000 9.302  0 99  VAL A CG1 1 ? 
ATOM   794  C  CG2 . VAL A 1 99  ? 4.548   -8.461  0.593   1.000 8.658  0 99  VAL A CG2 1 ? 
ATOM   795  N  N   . SER A 1 100 ? 7.160   -8.292  4.112   1.000 11.913 0 100 SER A N   1 ? 
ATOM   796  C  CA  . SER A 1 100 ? 8.165   -9.157  4.713   1.000 13.999 0 100 SER A CA  1 ? 
ATOM   797  C  C   . SER A 1 100 ? 7.795   -9.642  6.126   1.000 15.402 0 100 SER A C   1 ? 
ATOM   798  O  O   . SER A 1 100 ? 8.559   -10.446 6.693   1.000 18.449 0 100 SER A O   1 ? 
ATOM   799  C  CB  . SER A 1 100 ? 9.498   -8.465  4.710   1.000 15.343 0 100 SER A CB  1 ? 
ATOM   800  O  OG  . SER A 1 100 ? 9.871   -8.080  3.409   1.000 15.592 0 100 SER A OG  1 ? 
ATOM   801  N  N   . ASP A 1 101 ? 6.664   -9.229  6.691   1.000 15.064 0 101 ASP A N   1 ? 
ATOM   802  C  CA  . ASP A 1 101 ? 6.287   -9.458  8.093   1.000 16.205 0 101 ASP A CA  1 ? 
ATOM   803  C  C   . ASP A 1 101 ? 5.887   -10.901 8.379   1.000 17.109 0 101 ASP A C   1 ? 
ATOM   804  O  O   . ASP A 1 101 ? 5.807   -11.269 9.564   1.000 21.078 0 101 ASP A O   1 ? 
ATOM   805  C  CB  . ASP A 1 101 ? 5.147   -8.494  8.491   1.000 19.061 0 101 ASP A CB  1 ? 
ATOM   806  C  CG  . ASP A 1 101 ? 4.622   -8.575  9.923   1.000 20.320 0 101 ASP A CG  1 ? 
ATOM   807  O  OD1 . ASP A 1 101 ? 5.403   -8.237  10.825  1.000 21.721 0 101 ASP A OD1 1 ? 
ATOM   808  O  OD2 . ASP A 1 101 ? 3.410   -8.843  10.120  1.000 21.828 0 101 ASP A OD2 1 ? 
ATOM   809  N  N   . GLY A 1 102 ? 5.594   -11.701 7.343   1.000 15.174 0 102 GLY A N   1 ? 
ATOM   810  C  CA  . GLY A 1 102 ? 5.189   -13.090 7.566   1.000 15.328 0 102 GLY A CA  1 ? 
ATOM   811  C  C   . GLY A 1 102 ? 4.016   -13.545 6.681   1.000 14.084 0 102 GLY A C   1 ? 
ATOM   812  O  O   . GLY A 1 102 ? 3.963   -14.702 6.261   1.000 16.471 0 102 GLY A O   1 ? 
ATOM   813  N  N   . ASN A 1 103 ? 3.028   -12.653 6.459   1.000 13.179 0 103 ASN A N   1 ? 
ATOM   814  C  CA  . ASN A 1 103 ? 1.805   -13.004 5.755   1.000 13.209 0 103 ASN A CA  1 ? 
ATOM   815  C  C   . ASN A 1 103 ? 1.780   -12.508 4.313   1.000 10.355 0 103 ASN A C   1 ? 
ATOM   816  O  O   . ASN A 1 103 ? 0.753   -12.605 3.650   1.000 9.858  0 103 ASN A O   1 ? 
ATOM   817  C  CB  . ASN A 1 103 ? 0.585   -12.493 6.519   1.000 18.071 0 103 ASN A CB  1 ? 
ATOM   818  C  CG  . ASN A 1 103 ? 0.514   -13.127 7.897   1.000 24.380 0 103 ASN A CG  1 ? 
ATOM   819  O  OD1 . ASN A 1 103 ? 0.645   -14.340 8.022   1.000 31.969 0 103 ASN A OD1 1 ? 
ATOM   820  N  ND2 . ASN A 1 103 ? 0.368   -12.320 8.938   1.000 28.017 0 103 ASN A ND2 1 ? 
ATOM   821  N  N   . GLY A 1 104 ? 2.892   -11.989 3.858   1.000 10.266 0 104 GLY A N   1 ? 
ATOM   822  C  CA  . GLY A 1 104 ? 2.977   -11.536 2.493   1.000 9.567  0 104 GLY A CA  1 ? 
ATOM   823  C  C   . GLY A 1 104 ? 1.930   -10.451 2.217   1.000 8.147  0 104 GLY A C   1 ? 
ATOM   824  O  O   . GLY A 1 104 ? 1.669   -9.623  3.094   1.000 9.131  0 104 GLY A O   1 ? 
ATOM   825  N  N   . MET A 1 105 ? 1.324   -10.487 1.037   1.000 7.144  0 105 MET A N   1 ? 
ATOM   826  C  CA  . MET A 1 105 ? 0.403   -9.429  0.686   1.000 6.684  0 105 MET A CA  1 ? 
ATOM   827  C  C   . MET A 1 105 ? -0.967  -9.621  1.323   1.000 7.333  0 105 MET A C   1 ? 
ATOM   828  O  O   . MET A 1 105 ? -1.836  -8.734  1.191   1.000 7.105  0 105 MET A O   1 ? 
ATOM   829  C  CB  . MET A 1 105 ? 0.270   -9.249  -0.831  1.000 7.348  0 105 MET A CB  1 ? 
ATOM   830  C  CG  . MET A 1 105 ? 1.492   -8.596  -1.428  1.000 6.786  0 105 MET A CG  1 ? 
ATOM   831  S  SD  . MET A 1 105 ? 1.195   -7.964  -3.127  1.000 7.923  0 105 MET A SD  1 ? 
ATOM   832  C  CE  . MET A 1 105 ? 0.215   -6.489  -2.807  1.000 8.482  0 105 MET A CE  1 ? 
ATOM   833  N  N   . ASN A 1 106 ? -1.173  -10.694 2.085   1.000 7.909  0 106 ASN A N   1 ? 
ATOM   834  C  CA  . ASN A 1 106 ? -2.424  -10.854 2.816   1.000 7.672  0 106 ASN A CA  1 ? 
ATOM   835  C  C   . ASN A 1 106 ? -2.592  -9.764  3.879   1.000 7.856  0 106 ASN A C   1 ? 
ATOM   836  O  O   . ASN A 1 106 ? -3.728  -9.585  4.336   1.000 9.768  0 106 ASN A O   1 ? 
ATOM   837  C  CB  . ASN A 1 106 ? -2.513  -12.233 3.495   1.000 8.750  0 106 ASN A CB  1 ? 
ATOM   838  C  CG  . ASN A 1 106 ? -2.517  -13.343 2.461   1.000 8.122  0 106 ASN A CG  1 ? 
ATOM   839  O  OD1 . ASN A 1 106 ? -3.490  -13.507 1.720   1.000 8.718  0 106 ASN A OD1 1 ? 
ATOM   840  N  ND2 . ASN A 1 106 ? -1.458  -14.120 2.413   1.000 9.815  0 106 ASN A ND2 1 ? 
ATOM   841  N  N   . ALA A 1 107 ? -1.533  -9.014  4.200   1.000 8.406  0 107 ALA A N   1 ? 
ATOM   842  C  CA  . ALA A 1 107 ? -1.637  -7.809  5.023   1.000 9.013  0 107 ALA A CA  1 ? 
ATOM   843  C  C   . ALA A 1 107 ? -2.587  -6.769  4.449   1.000 8.235  0 107 ALA A C   1 ? 
ATOM   844  O  O   . ALA A 1 107 ? -3.076  -5.916  5.204   1.000 9.863  0 107 ALA A O   1 ? 
ATOM   845  C  CB  . ALA A 1 107 ? -0.261  -7.236  5.248   1.000 10.735 0 107 ALA A CB  1 ? 
ATOM   846  N  N   . TRP A 1 108 ? -2.773  -6.763  3.139   1.000 7.411  0 108 TRP A N   1 ? 
ATOM   847  C  CA  . TRP A 1 108 ? -3.684  -5.838  2.456   1.000 7.110  0 108 TRP A CA  1 ? 
ATOM   848  C  C   . TRP A 1 108 ? -4.986  -6.587  2.201   1.000 6.986  0 108 TRP A C   1 ? 
ATOM   849  O  O   . TRP A 1 108 ? -5.057  -7.447  1.307   1.000 6.955  0 108 TRP A O   1 ? 
ATOM   850  C  CB  . TRP A 1 108 ? -3.038  -5.330  1.177   1.000 7.211  0 108 TRP A CB  1 ? 
ATOM   851  C  CG  . TRP A 1 108 ? -1.931  -4.348  1.427   1.000 7.085  0 108 TRP A CG  1 ? 
ATOM   852  C  CD1 . TRP A 1 108 ? -2.095  -3.035  1.755   1.000 7.753  0 108 TRP A CD1 1 ? 
ATOM   853  C  CD2 . TRP A 1 108 ? -0.531  -4.615  1.505   1.000 6.903  0 108 TRP A CD2 1 ? 
ATOM   854  N  NE1 . TRP A 1 108 ? -0.887  -2.469  2.004   1.000 8.614  0 108 TRP A NE1 1 ? 
ATOM   855  C  CE2 . TRP A 1 108 ? 0.098   -3.410  1.870   1.000 7.203  0 108 TRP A CE2 1 ? 
ATOM   856  C  CE3 . TRP A 1 108 ? 0.238   -5.756  1.333   1.000 7.529  0 108 TRP A CE3 1 ? 
ATOM   857  C  CZ2 . TRP A 1 108 ? 1.462   -3.301  2.035   1.000 7.775  0 108 TRP A CZ2 1 ? 
ATOM   858  C  CZ3 . TRP A 1 108 ? 1.598   -5.648  1.481   1.000 7.932  0 108 TRP A CZ3 1 ? 
ATOM   859  C  CH2 . TRP A 1 108 ? 2.202   -4.426  1.789   1.000 8.106  0 108 TRP A CH2 1 ? 
ATOM   860  N  N   . VAL A 1 109 ? -6.004  -6.231  2.970   1.000 7.744  0 109 VAL A N   1 ? 
ATOM   861  C  CA  . VAL A 1 109 ? -7.263  -6.946  2.878   1.000 8.625  0 109 VAL A CA  1 ? 
ATOM   862  C  C   . VAL A 1 109 ? -7.932  -6.762  1.512   1.000 7.958  0 109 VAL A C   1 ? 
ATOM   863  O  O   . VAL A 1 109 ? -8.540  -7.725  1.013   1.000 8.502  0 109 VAL A O   1 ? 
ATOM   864  C  CB  A VAL A 1 109 ? -8.131  -6.525  4.076   0.520 9.664  0 109 VAL A CB  1 ? 
ATOM   865  C  CB  B VAL A 1 109 ? -8.166  -6.628  4.065   0.480 9.765  0 109 VAL A CB  1 ? 
ATOM   866  C  CG1 A VAL A 1 109 ? -9.577  -6.994  3.956   0.520 10.596 0 109 VAL A CG1 1 ? 
ATOM   867  C  CG1 B VAL A 1 109 ? -8.741  -5.247  3.900   0.480 9.308  0 109 VAL A CG1 1 ? 
ATOM   868  C  CG2 A VAL A 1 109 ? -7.421  -6.959  5.387   0.520 8.831  0 109 VAL A CG2 1 ? 
ATOM   869  C  CG2 B VAL A 1 109 ? -9.206  -7.713  4.261   0.480 10.691 0 109 VAL A CG2 1 ? 
ATOM   870  N  N   . ALA A 1 110 ? -7.780  -5.601  0.887   1.000 8.406  0 110 ALA A N   1 ? 
ATOM   871  C  CA  . ALA A 1 110 ? -8.380  -5.443  -0.432  1.000 9.506  0 110 ALA A CA  1 ? 
ATOM   872  C  C   . ALA A 1 110 ? -7.620  -6.310  -1.445  1.000 8.175  0 110 ALA A C   1 ? 
ATOM   873  O  O   . ALA A 1 110 ? -8.227  -6.839  -2.382  1.000 8.444  0 110 ALA A O   1 ? 
ATOM   874  C  CB  . ALA A 1 110 ? -8.429  -3.964  -0.800  1.000 10.365 0 110 ALA A CB  1 ? 
ATOM   875  N  N   . TRP A 1 111 ? -6.307  -6.453  -1.295  1.000 8.424  0 111 TRP A N   1 ? 
ATOM   876  C  CA  . TRP A 1 111 ? -5.566  -7.357  -2.175  1.000 7.870  0 111 TRP A CA  1 ? 
ATOM   877  C  C   . TRP A 1 111 ? -6.079  -8.783  -1.998  1.000 7.604  0 111 TRP A C   1 ? 
ATOM   878  O  O   . TRP A 1 111 ? -6.378  -9.462  -2.986  1.000 7.827  0 111 TRP A O   1 ? 
ATOM   879  C  CB  . TRP A 1 111 ? -4.066  -7.304  -1.904  1.000 8.314  0 111 TRP A CB  1 ? 
ATOM   880  C  CG  . TRP A 1 111 ? -3.326  -8.301  -2.766  1.000 7.958  0 111 TRP A CG  1 ? 
ATOM   881  C  CD1 . TRP A 1 111 ? -2.845  -8.125  -4.029  1.000 7.546  0 111 TRP A CD1 1 ? 
ATOM   882  C  CD2 . TRP A 1 111 ? -2.963  -9.648  -2.391  1.000 8.312  0 111 TRP A CD2 1 ? 
ATOM   883  N  NE1 . TRP A 1 111 ? -2.258  -9.271  -4.487  1.000 7.967  0 111 TRP A NE1 1 ? 
ATOM   884  C  CE2 . TRP A 1 111 ? -2.319  -10.235 -3.496  1.000 8.051  0 111 TRP A CE2 1 ? 
ATOM   885  C  CE3 . TRP A 1 111 ? -3.119  -10.408 -1.211  1.000 8.823  0 111 TRP A CE3 1 ? 
ATOM   886  C  CZ2 . TRP A 1 111 ? -1.816  -11.525 -3.446  1.000 8.520  0 111 TRP A CZ2 1 ? 
ATOM   887  C  CZ3 . TRP A 1 111 ? -2.621  -11.676 -1.162  1.000 9.689  0 111 TRP A CZ3 1 ? 
ATOM   888  C  CH2 . TRP A 1 111 ? -1.979  -12.229 -2.267  1.000 9.935  0 111 TRP A CH2 1 ? 
ATOM   889  N  N   A ARG A 1 112 ? -6.232  -9.208  -0.760  0.500 7.821  0 112 ARG A N   1 ? 
ATOM   890  N  N   B ARG A 1 112 ? -6.238  -9.231  -0.750  0.500 8.231  0 112 ARG A N   1 ? 
ATOM   891  C  CA  A ARG A 1 112 ? -6.714  -10.546 -0.534  0.500 8.021  0 112 ARG A CA  1 ? 
ATOM   892  C  CA  B ARG A 1 112 ? -6.640  -10.608 -0.545  0.500 8.839  0 112 ARG A CA  1 ? 
ATOM   893  C  C   A ARG A 1 112 ? -8.062  -10.783 -1.204  0.500 7.984  0 112 ARG A C   1 ? 
ATOM   894  C  C   B ARG A 1 112 ? -8.036  -10.871 -1.100  0.500 8.290  0 112 ARG A C   1 ? 
ATOM   895  O  O   A ARG A 1 112 ? -8.318  -11.699 -1.962  0.500 8.138  0 112 ARG A O   1 ? 
ATOM   896  O  O   B ARG A 1 112 ? -8.233  -11.997 -1.592  0.500 8.146  0 112 ARG A O   1 ? 
ATOM   897  C  CB  A ARG A 1 112 ? -6.808  -10.703 0.985   0.500 9.569  0 112 ARG A CB  1 ? 
ATOM   898  C  CB  B ARG A 1 112 ? -6.528  -11.033 0.929   0.500 11.182 0 112 ARG A CB  1 ? 
ATOM   899  C  CG  A ARG A 1 112 ? -6.712  -12.151 1.421   0.500 11.092 0 112 ARG A CG  1 ? 
ATOM   900  C  CG  B ARG A 1 112 ? -7.113  -12.412 1.188   0.500 13.413 0 112 ARG A CG  1 ? 
ATOM   901  C  CD  A ARG A 1 112 ? -6.685  -12.343 2.938   0.500 14.580 0 112 ARG A CD  1 ? 
ATOM   902  C  CD  B ARG A 1 112 ? -6.977  -12.867 2.628   0.500 17.227 0 112 ARG A CD  1 ? 
ATOM   903  N  NE  A ARG A 1 112 ? -6.035  -11.304 3.712   0.500 18.631 0 112 ARG A NE  1 ? 
ATOM   904  N  NE  B ARG A 1 112 ? -7.609  -11.928 3.551   0.500 18.962 0 112 ARG A NE  1 ? 
ATOM   905  C  CZ  A ARG A 1 112 ? -6.642  -10.639 4.690   0.500 22.172 0 112 ARG A CZ  1 ? 
ATOM   906  C  CZ  B ARG A 1 112 ? -8.911  -11.898 3.827   0.500 22.791 0 112 ARG A CZ  1 ? 
ATOM   907  N  NH1 A ARG A 1 112 ? -7.949  -10.729 4.814   0.500 22.374 0 112 ARG A NH1 1 ? 
ATOM   908  N  NH1 B ARG A 1 112 ? -9.771  -12.677 3.177   0.500 21.266 0 112 ARG A NH1 1 ? 
ATOM   909  N  NH2 A ARG A 1 112 ? -5.967  -9.878  5.521   0.500 26.235 0 112 ARG A NH2 1 ? 
ATOM   910  N  NH2 B ARG A 1 112 ? -9.350  -11.083 4.774   0.500 24.517 0 112 ARG A NH2 1 ? 
ATOM   911  N  N   . ASN A 1 113 ? -8.956  -9.876  -0.966  1.000 7.889  0 113 ASN A N   1 ? 
ATOM   912  C  CA  . ASN A 1 113 ? -10.329 -10.083 -1.347  1.000 7.950  0 113 ASN A CA  1 ? 
ATOM   913  C  C   . ASN A 1 113 ? -10.596 -9.771  -2.802  1.000 7.513  0 113 ASN A C   1 ? 
ATOM   914  O  O   . ASN A 1 113 ? -11.624 -10.267 -3.348  1.000 9.668  0 113 ASN A O   1 ? 
ATOM   915  C  CB  . ASN A 1 113 ? -11.266 -9.282  -0.457  1.000 8.252  0 113 ASN A CB  1 ? 
ATOM   916  C  CG  . ASN A 1 113 ? -11.337 -9.890  0.921   1.000 9.599  0 113 ASN A CG  1 ? 
ATOM   917  O  OD1 . ASN A 1 113 ? -11.124 -11.078 1.084   1.000 12.218 0 113 ASN A OD1 1 ? 
ATOM   918  N  ND2 . ASN A 1 113 ? -11.612 -9.063  1.908   1.000 9.762  0 113 ASN A ND2 1 ? 
ATOM   919  N  N   . ARG A 1 114 ? -9.766  -8.955  -3.475  1.000 7.985  0 114 ARG A N   1 ? 
ATOM   920  C  CA  . ARG A 1 114 ? -10.096 -8.487  -4.816  1.000 8.987  0 114 ARG A CA  1 ? 
ATOM   921  C  C   . ARG A 1 114 ? -8.993  -8.718  -5.822  1.000 8.481  0 114 ARG A C   1 ? 
ATOM   922  O  O   . ARG A 1 114 ? -9.287  -8.596  -7.012  1.000 10.225 0 114 ARG A O   1 ? 
ATOM   923  C  CB  . ARG A 1 114 ? -10.438 -7.012  -4.734  1.000 8.925  0 114 ARG A CB  1 ? 
ATOM   924  C  CG  . ARG A 1 114 ? -11.543 -6.745  -3.719  1.000 9.041  0 114 ARG A CG  1 ? 
ATOM   925  C  CD  . ARG A 1 114 ? -11.959 -5.297  -3.626  1.000 9.193  0 114 ARG A CD  1 ? 
ATOM   926  N  NE  . ARG A 1 114 ? -12.700 -4.895  -4.796  1.000 9.574  0 114 ARG A NE  1 ? 
ATOM   927  C  CZ  . ARG A 1 114 ? -13.218 -3.703  -4.951  1.000 9.891  0 114 ARG A CZ  1 ? 
ATOM   928  N  NH1 . ARG A 1 114 ? -13.062 -2.769  -4.021  1.000 10.702 0 114 ARG A NH1 1 ? 
ATOM   929  N  NH2 . ARG A 1 114 ? -13.926 -3.448  -6.027  1.000 11.765 0 114 ARG A NH2 1 ? 
ATOM   930  N  N   . CYS A 1 115 ? -7.779  -9.070  -5.414  1.000 7.384  0 115 CYS A N   1 ? 
ATOM   931  C  CA  . CYS A 1 115 ? -6.664  -9.246  -6.348  1.000 7.218  0 115 CYS A CA  1 ? 
ATOM   932  C  C   . CYS A 1 115 ? -6.132  -10.661 -6.319  1.000 7.179  0 115 CYS A C   1 ? 
ATOM   933  O  O   . CYS A 1 115 ? -5.802  -11.219 -7.365  1.000 8.368  0 115 CYS A O   1 ? 
ATOM   934  C  CB  . CYS A 1 115 ? -5.536  -8.286  -6.005  1.000 7.557  0 115 CYS A CB  1 ? 
ATOM   935  S  SG  . CYS A 1 115 ? -6.002  -6.546  -6.010  1.000 7.315  0 115 CYS A SG  1 ? 
ATOM   936  N  N   . LYS A 1 116 ? -5.957  -11.248 -5.133  1.000 8.029  0 116 LYS A N   1 ? 
ATOM   937  C  CA  . LYS A 1 116 ? -5.358  -12.557 -4.985  1.000 8.303  0 116 LYS A CA  1 ? 
ATOM   938  C  C   . LYS A 1 116 ? -6.138  -13.574 -5.832  1.000 8.707  0 116 LYS A C   1 ? 
ATOM   939  O  O   . LYS A 1 116 ? -7.347  -13.658 -5.752  1.000 9.351  0 116 LYS A O   1 ? 
ATOM   940  C  CB  . LYS A 1 116 ? -5.376  -12.917 -3.498  1.000 8.300  0 116 LYS A CB  1 ? 
ATOM   941  C  CG  . LYS A 1 116 ? -4.733  -14.250 -3.141  1.000 8.056  0 116 LYS A CG  1 ? 
ATOM   942  C  CD  . LYS A 1 116 ? -4.847  -14.518 -1.661  1.000 8.177  0 116 LYS A CD  1 ? 
ATOM   943  C  CE  . LYS A 1 116 ? -4.043  -15.712 -1.239  1.000 9.449  0 116 LYS A CE  1 ? 
ATOM   944  N  NZ  . LYS A 1 116 ? -4.155  -15.963 0.226   1.000 9.237  0 116 LYS A NZ  1 ? 
ATOM   945  N  N   . GLY A 1 117 ? -5.388  -14.343 -6.634  1.000 11.255 0 117 GLY A N   1 ? 
ATOM   946  C  CA  . GLY A 1 117 ? -5.987  -15.368 -7.466  1.000 11.662 0 117 GLY A CA  1 ? 
ATOM   947  C  C   . GLY A 1 117 ? -6.631  -14.850 -8.743  1.000 12.078 0 117 GLY A C   1 ? 
ATOM   948  O  O   . GLY A 1 117 ? -7.168  -15.669 -9.501  1.000 16.373 0 117 GLY A O   1 ? 
ATOM   949  N  N   . THR A 1 118 ? -6.519  -13.552 -9.019  1.000 10.415 0 118 THR A N   1 ? 
ATOM   950  C  CA  . THR A 1 118 ? -7.114  -13.002 -10.227 1.000 10.844 0 118 THR A CA  1 ? 
ATOM   951  C  C   . THR A 1 118 ? -5.986  -12.765 -11.237 1.000 10.954 0 118 THR A C   1 ? 
ATOM   952  O  O   . THR A 1 118 ? -4.808  -12.900 -10.947 1.000 11.318 0 118 THR A O   1 ? 
ATOM   953  C  CB  . THR A 1 118 ? -7.862  -11.693 -9.942  1.000 10.370 0 118 THR A CB  1 ? 
ATOM   954  O  OG1 . THR A 1 118 ? -6.955  -10.614 -9.700  1.000 10.094 0 118 THR A OG1 1 ? 
ATOM   955  C  CG2 . THR A 1 118 ? -8.839  -11.804 -8.798  1.000 12.221 0 118 THR A CG2 1 ? 
ATOM   956  N  N   . ASP A 1 119 ? -6.370  -12.326 -12.435 1.000 12.888 0 119 ASP A N   1 ? 
ATOM   957  C  CA  . ASP A 1 119 ? -5.418  -12.051 -13.499 1.000 13.111 0 119 ASP A CA  1 ? 
ATOM   958  C  C   . ASP A 1 119 ? -4.780  -10.680 -13.280 1.000 12.830 0 119 ASP A C   1 ? 
ATOM   959  O  O   . ASP A 1 119 ? -5.107  -9.687  -13.957 1.000 14.865 0 119 ASP A O   1 ? 
ATOM   960  C  CB  . ASP A 1 119 ? -6.112  -12.169 -14.852 1.000 17.235 0 119 ASP A CB  1 ? 
ATOM   961  C  CG  . ASP A 1 119 ? -5.271  -11.790 -16.052 1.000 25.488 0 119 ASP A CG  1 ? 
ATOM   962  O  OD1 . ASP A 1 119 ? -4.024  -11.826 -15.949 1.000 30.412 0 119 ASP A OD1 1 ? 
ATOM   963  O  OD2 . ASP A 1 119 ? -5.881  -11.458 -17.080 1.000 27.714 0 119 ASP A OD2 1 ? 
ATOM   964  N  N   . VAL A 1 120 ? -3.874  -10.583 -12.309 1.000 11.700 0 120 VAL A N   1 ? 
ATOM   965  C  CA  . VAL A 1 120 ? -3.353  -9.288  -11.905 1.000 12.282 0 120 VAL A CA  1 ? 
ATOM   966  C  C   . VAL A 1 120 ? -2.439  -8.655  -12.954 1.000 12.529 0 120 VAL A C   1 ? 
ATOM   967  O  O   . VAL A 1 120 ? -2.285  -7.449  -12.927 1.000 12.156 0 120 VAL A O   1 ? 
ATOM   968  C  CB  . VAL A 1 120 ? -2.604  -9.359  -10.567 1.000 12.580 0 120 VAL A CB  1 ? 
ATOM   969  C  CG1 . VAL A 1 120 ? -3.571  -9.683  -9.442  1.000 12.401 0 120 VAL A CG1 1 ? 
ATOM   970  C  CG2 . VAL A 1 120 ? -1.474  -10.345 -10.590 1.000 13.623 0 120 VAL A CG2 1 ? 
ATOM   971  N  N   A GLN A 1 121 ? -1.934  -9.393  -13.944 0.500 13.621 0 121 GLN A N   1 ? 
ATOM   972  N  N   B GLN A 1 121 ? -1.954  -9.467  -13.908 0.500 13.873 0 121 GLN A N   1 ? 
ATOM   973  C  CA  A GLN A 1 121 ? -1.119  -8.741  -14.966 0.500 14.608 0 121 GLN A CA  1 ? 
ATOM   974  C  CA  B GLN A 1 121 ? -1.187  -8.993  -15.054 0.500 15.371 0 121 GLN A CA  1 ? 
ATOM   975  C  C   A GLN A 1 121 ? -1.987  -7.802  -15.814 0.500 12.726 0 121 GLN A C   1 ? 
ATOM   976  C  C   B GLN A 1 121 ? -1.962  -7.908  -15.797 0.500 13.053 0 121 GLN A C   1 ? 
ATOM   977  O  O   A GLN A 1 121 ? -1.516  -6.821  -16.426 0.500 11.676 0 121 GLN A O   1 ? 
ATOM   978  O  O   B GLN A 1 121 ? -1.345  -6.998  -16.359 0.500 14.103 0 121 GLN A O   1 ? 
ATOM   979  C  CB  A GLN A 1 121 ? -0.392  -9.776  -15.826 0.500 17.903 0 121 GLN A CB  1 ? 
ATOM   980  C  CB  B GLN A 1 121 ? -0.878  -10.128 -16.047 0.500 18.690 0 121 GLN A CB  1 ? 
ATOM   981  C  CG  A GLN A 1 121 ? 0.494   -9.161  -16.911 0.500 20.959 0 121 GLN A CG  1 ? 
ATOM   982  C  CG  B GLN A 1 121 ? 0.003   -9.740  -17.238 0.500 22.430 0 121 GLN A CG  1 ? 
ATOM   983  C  CD  A GLN A 1 121 ? -0.268  -8.691  -18.132 0.500 23.851 0 121 GLN A CD  1 ? 
ATOM   984  C  CD  B GLN A 1 121 ? 1.484   -9.889  -16.969 0.500 25.274 0 121 GLN A CD  1 ? 
ATOM   985  O  OE1 A GLN A 1 121 ? -1.214  -9.328  -18.588 0.500 26.844 0 121 GLN A OE1 1 ? 
ATOM   986  O  OE1 B GLN A 1 121 ? 1.977   -10.984 -16.704 0.500 30.705 0 121 GLN A OE1 1 ? 
ATOM   987  N  NE2 A GLN A 1 121 ? 0.145   -7.556  -18.682 0.500 23.807 0 121 GLN A NE2 1 ? 
ATOM   988  N  NE2 B GLN A 1 121 ? 2.216   -8.788  -17.064 0.500 26.473 0 121 GLN A NE2 1 ? 
ATOM   989  N  N   . ALA A 1 122 ? -3.306  -7.989  -15.791 1.000 12.137 0 122 ALA A N   1 ? 
ATOM   990  C  CA  . ALA A 1 122 ? -4.170  -7.035  -16.482 1.000 11.911 0 122 ALA A CA  1 ? 
ATOM   991  C  C   . ALA A 1 122 ? -3.915  -5.604  -16.006 1.000 11.320 0 122 ALA A C   1 ? 
ATOM   992  O  O   . ALA A 1 122 ? -4.173  -4.645  -16.722 1.000 12.469 0 122 ALA A O   1 ? 
ATOM   993  C  CB  . ALA A 1 122 ? -5.644  -7.371  -16.317 1.000 14.658 0 122 ALA A CB  1 ? 
ATOM   994  N  N   . TRP A 1 123 ? -3.526  -5.419  -14.728 1.000 10.619 0 123 TRP A N   1 ? 
ATOM   995  C  CA  . TRP A 1 123 ? -3.351  -4.097  -14.174 1.000 10.149 0 123 TRP A CA  1 ? 
ATOM   996  C  C   . TRP A 1 123 ? -2.186  -3.328  -14.765 1.000 9.988  0 123 TRP A C   1 ? 
ATOM   997  O  O   . TRP A 1 123 ? -2.131  -2.129  -14.587 1.000 11.536 0 123 TRP A O   1 ? 
ATOM   998  C  CB  . TRP A 1 123 ? -3.254  -4.194  -12.659 1.000 9.435  0 123 TRP A CB  1 ? 
ATOM   999  C  CG  . TRP A 1 123 ? -4.567  -4.532  -12.058 1.000 10.475 0 123 TRP A CG  1 ? 
ATOM   1000 C  CD1 . TRP A 1 123 ? -4.980  -5.780  -11.726 1.000 11.583 0 123 TRP A CD1 1 ? 
ATOM   1001 C  CD2 . TRP A 1 123 ? -5.658  -3.653  -11.855 1.000 11.243 0 123 TRP A CD2 1 ? 
ATOM   1002 N  NE1 . TRP A 1 123 ? -6.279  -5.725  -11.317 1.000 12.731 0 123 TRP A NE1 1 ? 
ATOM   1003 C  CE2 . TRP A 1 123 ? -6.734  -4.458  -11.405 1.000 11.235 0 123 TRP A CE2 1 ? 
ATOM   1004 C  CE3 . TRP A 1 123 ? -5.826  -2.296  -12.076 1.000 13.234 0 123 TRP A CE3 1 ? 
ATOM   1005 C  CZ2 . TRP A 1 123 ? -7.955  -3.882  -11.103 1.000 15.647 0 123 TRP A CZ2 1 ? 
ATOM   1006 C  CZ3 . TRP A 1 123 ? -7.068  -1.739  -11.818 1.000 16.260 0 123 TRP A CZ3 1 ? 
ATOM   1007 C  CH2 . TRP A 1 123 ? -8.111  -2.548  -11.346 1.000 15.579 0 123 TRP A CH2 1 ? 
ATOM   1008 N  N   . ILE A 1 124 ? -1.294  -4.015  -15.480 1.000 9.899  0 124 ILE A N   1 ? 
ATOM   1009 C  CA  . ILE A 1 124 ? -0.207  -3.312  -16.152 1.000 10.902 0 124 ILE A CA  1 ? 
ATOM   1010 C  C   . ILE A 1 124 ? -0.312  -3.410  -17.675 1.000 11.540 0 124 ILE A C   1 ? 
ATOM   1011 O  O   . ILE A 1 124 ? 0.627   -2.976  -18.369 1.000 12.065 0 124 ILE A O   1 ? 
ATOM   1012 C  CB  . ILE A 1 124 ? 1.162   -3.779  -15.663 1.000 12.951 0 124 ILE A CB  1 ? 
ATOM   1013 C  CG1 . ILE A 1 124 ? 1.439   -5.258  -15.929 1.000 16.055 0 124 ILE A CG1 1 ? 
ATOM   1014 C  CG2 . ILE A 1 124 ? 1.288   -3.404  -14.183 1.000 14.071 0 124 ILE A CG2 1 ? 
ATOM   1015 C  CD1 . ILE A 1 124 ? 2.903   -5.612  -15.815 1.000 19.480 0 124 ILE A CD1 1 ? 
ATOM   1016 N  N   . ARG A 1 125 ? -1.462  -3.856  -18.152 1.000 12.682 0 125 ARG A N   1 ? 
ATOM   1017 C  CA  . ARG A 1 125 ? -1.608  -4.068  -19.576 1.000 13.982 0 125 ARG A CA  1 ? 
ATOM   1018 C  C   . ARG A 1 125 ? -1.608  -2.689  -20.193 1.000 14.914 0 125 ARG A C   1 ? 
ATOM   1019 O  O   . ARG A 1 125 ? -2.182  -1.729  -19.701 1.000 16.689 0 125 ARG A O   1 ? 
ATOM   1020 C  CB  . ARG A 1 125 ? -2.888  -4.851  -19.903 1.000 19.504 0 125 ARG A CB  1 ? 
ATOM   1021 C  CG  . ARG A 1 125 ? -3.020  -5.162  -21.392 1.000 27.229 0 125 ARG A CG  1 ? 
ATOM   1022 C  CD  . ARG A 1 125 ? -4.374  -5.611  -21.940 1.000 39.126 0 125 ARG A CD  1 ? 
ATOM   1023 N  NE  . ARG A 1 125 ? -4.291  -5.680  -23.410 1.000 50.192 0 125 ARG A NE  1 ? 
ATOM   1024 C  CZ  . ARG A 1 125 ? -5.239  -6.133  -24.235 1.000 61.415 0 125 ARG A CZ  1 ? 
ATOM   1025 N  NH1 . ARG A 1 125 ? -6.398  -6.559  -23.759 1.000 67.729 0 125 ARG A NH1 1 ? 
ATOM   1026 N  NH2 . ARG A 1 125 ? -5.029  -6.146  -25.545 1.000 62.407 0 125 ARG A NH2 1 ? 
ATOM   1027 N  N   . GLY A 1 126 ? -0.893  -2.550  -21.320 1.000 14.386 0 126 GLY A N   1 ? 
ATOM   1028 C  CA  . GLY A 1 126 ? -0.846  -1.282  -22.020 1.000 16.793 0 126 GLY A CA  1 ? 
ATOM   1029 C  C   . GLY A 1 126 ? 0.195   -0.289  -21.515 1.000 17.682 0 126 GLY A C   1 ? 
ATOM   1030 O  O   . GLY A 1 126 ? 0.452   0.735   -22.150 1.000 23.807 0 126 GLY A O   1 ? 
ATOM   1031 N  N   . CYS A 1 127 ? 0.846   -0.590  -20.401 1.000 14.012 0 127 CYS A N   1 ? 
ATOM   1032 C  CA  . CYS A 1 127 ? 1.840   0.305   -19.831 1.000 13.299 0 127 CYS A CA  1 ? 
ATOM   1033 C  C   . CYS A 1 127 ? 3.181   0.053   -20.492 1.000 13.577 0 127 CYS A C   1 ? 
ATOM   1034 O  O   . CYS A 1 127 ? 3.570   -1.094  -20.711 1.000 14.773 0 127 CYS A O   1 ? 
ATOM   1035 C  CB  . CYS A 1 127 ? 1.941   0.134   -18.322 1.000 12.766 0 127 CYS A CB  1 ? 
ATOM   1036 S  SG  . CYS A 1 127 ? 0.376   0.319   -17.413 1.000 14.052 0 127 CYS A SG  1 ? 
ATOM   1037 N  N   . ARG A 1 128 ? 3.884   1.165   -20.754 1.000 15.443 0 128 ARG A N   1 ? 
ATOM   1038 C  CA  . ARG A 1 128 ? 5.196   1.110   -21.332 1.000 17.029 0 128 ARG A CA  1 ? 
ATOM   1039 C  C   . ARG A 1 128 ? 6.107   1.162   -20.125 1.000 17.805 0 128 ARG A C   1 ? 
ATOM   1040 O  O   . ARG A 1 128 ? 6.219   2.195   -19.438 1.000 21.124 0 128 ARG A O   1 ? 
ATOM   1041 C  CB  . ARG A 1 128 ? 5.350   2.276   -22.309 1.000 21.856 0 128 ARG A CB  1 ? 
ATOM   1042 C  CG  . ARG A 1 128 ? 6.605   2.213   -23.151 1.000 25.228 0 128 ARG A CG  1 ? 
ATOM   1043 C  CD  . ARG A 1 128 ? 6.509   3.206   -24.295 1.000 29.633 0 128 ARG A CD  1 ? 
ATOM   1044 N  NE  . ARG A 1 128 ? 6.179   2.558   -25.566 1.000 39.391 0 128 ARG A NE  1 ? 
ATOM   1045 C  CZ  . ARG A 1 128 ? 7.020   2.470   -26.584 1.000 39.583 0 128 ARG A CZ  1 ? 
ATOM   1046 N  NH1 . ARG A 1 128 ? 8.198   3.070   -26.511 1.000 36.466 0 128 ARG A NH1 1 ? 
ATOM   1047 N  NH2 . ARG A 1 128 ? 6.688   1.784   -27.665 1.000 45.360 0 128 ARG A NH2 1 ? 
ATOM   1048 N  N   . LEU A 1 129 ? 6.647   -0.007  -19.808 1.000 17.586 0 129 LEU A N   1 ? 
ATOM   1049 C  CA  . LEU A 1 129 ? 7.343   -0.222  -18.552 1.000 22.057 0 129 LEU A CA  1 ? 
ATOM   1050 C  C   . LEU A 1 129 ? 8.691   -0.873  -18.820 1.000 25.570 0 129 LEU A C   1 ? 
ATOM   1051 O  O   . LEU A 1 129 ? 9.580   -0.608  -17.978 1.000 32.580 0 129 LEU A O   1 ? 
ATOM   1052 C  CB  . LEU A 1 129 ? 6.550   -1.180  -17.669 1.000 19.251 0 129 LEU A CB  1 ? 
ATOM   1053 C  CG  . LEU A 1 129 ? 5.286   -0.620  -17.041 1.000 17.285 0 129 LEU A CG  1 ? 
ATOM   1054 C  CD1 . LEU A 1 129 ? 4.494   -1.755  -16.430 1.000 16.466 0 129 LEU A CD1 1 ? 
ATOM   1055 C  CD2 . LEU A 1 129 ? 5.613   0.390   -15.952 1.000 21.094 0 129 LEU A CD2 1 ? 
ATOM   1056 O  OXT . LEU A 1 129 ? 8.791   -1.639  -19.819 1.000 32.557 0 129 LEU A OXT 1 ? 
HETATM 1057 NA NA  . NA  B 2 .   ? 1.570   3.782   15.533  1.000 12.653 0 201 NA  A NA  1 ? 
HETATM 1058 N  N1  . EPE C 3 .   ? -8.034  -3.159  8.748   0.700 12.082 0 202 EPE A N1  1 ? 
HETATM 1059 C  C2  . EPE C 3 .   ? -8.367  -2.840  7.336   0.700 10.791 0 202 EPE A C2  1 ? 
HETATM 1060 C  C3  . EPE C 3 .   ? -7.235  -3.154  6.392   0.700 9.225  0 202 EPE A C3  1 ? 
HETATM 1061 N  N4  . EPE C 3 .   ? -5.998  -2.480  6.850   0.700 9.496  0 202 EPE A N4  1 ? 
HETATM 1062 C  C5  . EPE C 3 .   ? -5.688  -2.844  8.260   0.700 11.013 0 202 EPE A C5  1 ? 
HETATM 1063 C  C6  . EPE C 3 .   ? -6.819  -2.462  9.157   0.700 12.553 0 202 EPE A C6  1 ? 
HETATM 1064 C  C7  . EPE C 3 .   ? -4.835  -2.796  6.007   0.700 9.157  0 202 EPE A C7  1 ? 
HETATM 1065 C  C8  . EPE C 3 .   ? -5.023  -2.461  4.545   0.700 8.714  0 202 EPE A C8  1 ? 
HETATM 1066 O  O8  . EPE C 3 .   ? -5.724  -3.496  3.878   0.700 7.516  0 202 EPE A O8  1 ? 
HETATM 1067 C  C9  . EPE C 3 .   ? -9.074  -2.800  9.721   0.700 12.253 0 202 EPE A C9  1 ? 
HETATM 1068 C  C10 . EPE C 3 .   ? -10.424 -3.452  9.505   0.700 14.071 0 202 EPE A C10 1 ? 
HETATM 1069 S  S   . EPE C 3 .   ? -11.606 -3.076  10.790  0.700 14.204 0 202 EPE A S   1 ? 
HETATM 1070 O  O1S . EPE C 3 .   ? -12.782 -3.771  10.367  0.700 15.199 0 202 EPE A O1S 1 ? 
HETATM 1071 O  O2S . EPE C 3 .   ? -11.756 -1.653  10.806  0.700 14.298 0 202 EPE A O2S 1 ? 
HETATM 1072 O  O3S . EPE C 3 .   ? -10.998 -3.674  12.061  0.700 19.834 0 202 EPE A O3S 1 ? 
HETATM 1073 C  C   . FMT D 4 .   ? 1.741   -8.471  -13.026 1.000 17.690 0 203 FMT A C   1 ? 
HETATM 1074 O  O1  . FMT D 4 .   ? 1.581   -9.659  -12.809 1.000 31.278 0 203 FMT A O1  1 ? 
HETATM 1075 O  O2  . FMT D 4 .   ? 2.860   -7.862  -13.147 1.000 20.192 0 203 FMT A O2  1 ? 
HETATM 1076 C  C   . FMT E 4 .   ? -12.021 -5.447  1.398   1.000 22.551 0 204 FMT A C   1 ? 
HETATM 1077 O  O1  . FMT E 4 .   ? -12.534 -6.485  1.004   1.000 15.103 0 204 FMT A O1  1 ? 
HETATM 1078 O  O2  . FMT E 4 .   ? -11.208 -4.624  0.639   1.000 31.471 0 204 FMT A O2  1 ? 
HETATM 1079 C  C2  . YJT F 5 .   ? 0.538   -9.117  14.187  0.350 18.687 0 205 YJT A C2  1 ? 
HETATM 1080 C  C4  . YJT F 5 .   ? -1.674  -8.208  14.022  0.350 20.063 0 205 YJT A C4  1 ? 
HETATM 1081 O  O4  . YJT F 5 .   ? 4.196   -6.328  12.727  0.350 16.750 0 205 YJT A O4  1 ? 
HETATM 1082 C  C5  . YJT F 5 .   ? -2.215  -9.380  14.444  0.350 20.579 0 205 YJT A C5  1 ? 
HETATM 1083 C  C6  . YJT F 5 .   ? -1.414  -10.427 14.728  0.350 20.522 0 205 YJT A C6  1 ? 
HETATM 1084 N  N2  . YJT F 5 .   ? 4.043   -8.364  14.736  0.350 17.563 0 205 YJT A N2  1 ? 
HETATM 1085 C  C3  . YJT F 5 .   ? -0.317  -8.078  13.882  0.350 19.231 0 205 YJT A C3  1 ? 
HETATM 1086 O  O3  . YJT F 5 .   ? 2.074   -6.949  11.987  0.350 13.445 0 205 YJT A O3  1 ? 
HETATM 1087 C  C1  . YJT F 5 .   ? 2.788   -8.684  14.971  0.350 16.996 0 205 YJT A C1  1 ? 
HETATM 1088 O  O1  . YJT F 5 .   ? 3.329   -10.801 12.232  0.350 15.445 0 205 YJT A O1  1 ? 
HETATM 1089 RU RU1 . YJT F 5 .   ? 2.607   -8.894  12.081  0.350 14.380 0 205 YJT A RU1 1 ? 
HETATM 1090 RU RU2 . YJT F 5 .   ? 4.697   -8.287  12.822  0.350 15.405 0 205 YJT A RU2 1 ? 
HETATM 1091 F  F1  . YJT F 5 .   ? -3.553  -9.475  14.573  0.350 19.599 0 205 YJT A F1  1 ? 
HETATM 1092 F  F2  . YJT F 5 .   ? 6.963   -6.491  19.050  0.350 25.296 0 205 YJT A F2  1 ? 
HETATM 1093 O  O2  . YJT F 5 .   ? 5.417   -10.183 12.950  0.350 16.836 0 205 YJT A O2  1 ? 
HETATM 1094 N  N1  . YJT F 5 .   ? 1.949   -8.966  13.976  0.350 16.900 0 205 YJT A N1  1 ? 
HETATM 1095 C  C7  . YJT F 5 .   ? -0.048  -10.312 14.598  0.350 18.624 0 205 YJT A C7  1 ? 
HETATM 1096 C  C14 . YJT F 5 .   ? 4.535   -11.092 12.597  0.350 15.342 0 205 YJT A C14 1 ? 
HETATM 1097 C  C11 . YJT F 5 .   ? 6.239   -6.977  18.000  0.350 22.467 0 205 YJT A C11 1 ? 
HETATM 1098 C  C8  . YJT F 5 .   ? 4.786   -7.918  15.873  0.350 19.405 0 205 YJT A C8  1 ? 
HETATM 1099 C  C10 . YJT F 5 .   ? 6.120   -6.190  16.894  0.350 20.705 0 205 YJT A C10 1 ? 
HETATM 1100 C  C9  . YJT F 5 .   ? 5.398   -6.672  15.835  0.350 20.799 0 205 YJT A C9  1 ? 
HETATM 1101 C  C12 . YJT F 5 .   ? 5.667   -8.233  18.098  0.350 21.628 0 205 YJT A C12 1 ? 
HETATM 1102 C  C13 . YJT F 5 .   ? 4.932   -8.702  17.011  0.350 20.776 0 205 YJT A C13 1 ? 
HETATM 1103 O  O7  . YJT F 5 .   ? 4.887   -12.277 12.687  0.350 17.765 0 205 YJT A O7  1 ? 
HETATM 1104 RU RU1 . YJT G 5 .   ? -3.868  -8.035  10.722  0.200 15.502 0 206 YJT A RU1 1 ? 
HETATM 1105 RU RU2 . YJT G 5 .   ? -1.779  -8.530  9.783   0.200 14.514 0 206 YJT A RU2 1 ? 
HETATM 1106 RU RU1 . YJT H 5 .   ? -15.744 3.997   7.963   0.200 16.154 0 207 YJT A RU1 1 ? 
HETATM 1107 RU RU2 . YJT H 5 .   ? -16.420 5.199   9.792   0.200 17.906 0 207 YJT A RU2 1 ? 
HETATM 1108 O  O   . HOH I 6 .   ? 4.794   2.097   -28.825 1.000 29.254 0 301 HOH A O   1 ? 
HETATM 1109 O  O   . HOH I 6 .   ? -0.067  -7.079  -20.865 1.000 36.755 0 302 HOH A O   1 ? 
HETATM 1110 O  O   . HOH I 6 .   ? 4.185   10.833  -11.866 1.000 21.276 0 303 HOH A O   1 ? 
HETATM 1111 O  O   . HOH I 6 .   ? -8.729  -1.155  2.612   1.000 19.732 0 304 HOH A O   1 ? 
HETATM 1112 O  O   . HOH I 6 .   ? 0.685   4.209   23.674  0.500 31.547 0 305 HOH A O   1 ? 
HETATM 1113 O  O   . HOH I 6 .   ? 10.965  3.489   -1.726  1.000 32.500 0 306 HOH A O   1 ? 
HETATM 1114 O  O   . HOH I 6 .   ? 5.050   11.206  14.392  1.000 36.936 0 307 HOH A O   1 ? 
HETATM 1115 O  O   . HOH I 6 .   ? -2.049  -12.365 -14.459 1.000 29.738 0 308 HOH A O   1 ? 
HETATM 1116 O  O   . HOH I 6 .   ? 7.403   -11.930 -9.141  1.000 28.694 0 309 HOH A O   1 ? 
HETATM 1117 O  O   . HOH I 6 .   ? -8.896  -14.438 -1.291  1.000 28.687 0 310 HOH A O   1 ? 
HETATM 1118 O  O   . HOH I 6 .   ? 2.616   -11.058 9.071   1.000 35.526 0 311 HOH A O   1 ? 
HETATM 1119 O  O   . HOH I 6 .   ? -9.504  -2.354  13.705  1.000 15.474 0 312 HOH A O   1 ? 
HETATM 1120 O  O   . HOH I 6 .   ? 5.259   -7.593  -14.127 1.000 29.303 0 313 HOH A O   1 ? 
HETATM 1121 O  O   . HOH I 6 .   ? -7.426  5.648   18.911  1.000 27.995 0 314 HOH A O   1 ? 
HETATM 1122 O  O   . HOH I 6 .   ? -6.547  -4.519  16.264  1.000 26.396 0 315 HOH A O   1 ? 
HETATM 1123 O  O   . HOH I 6 .   ? 2.734   8.402   -1.138  1.000 16.312 0 316 HOH A O   1 ? 
HETATM 1124 O  O   . HOH I 6 .   ? 2.850   -3.504  -19.695 1.000 18.357 0 317 HOH A O   1 ? 
HETATM 1125 O  O   A HOH I 6 .   ? -11.349 -8.076  -8.588  0.500 9.052  0 318 HOH A O   1 ? 
HETATM 1126 O  O   B HOH I 6 .   ? -12.617 -6.724  -9.224  0.500 17.360 0 318 HOH A O   1 ? 
HETATM 1127 O  O   A HOH I 6 .   ? 0.848   6.882   -0.257  0.500 8.276  0 319 HOH A O   1 ? 
HETATM 1128 O  O   B HOH I 6 .   ? 0.266   7.698   -0.219  0.500 15.122 0 319 HOH A O   1 ? 
HETATM 1129 O  O   . HOH I 6 .   ? 9.585   8.425   -6.241  1.000 19.521 0 320 HOH A O   1 ? 
HETATM 1130 O  O   . HOH I 6 .   ? 5.715   -12.033 4.581   1.000 15.253 0 321 HOH A O   1 ? 
HETATM 1131 O  O   . HOH I 6 .   ? -5.787  6.607   14.276  1.000 10.118 0 322 HOH A O   1 ? 
HETATM 1132 O  O   . HOH I 6 .   ? 2.868   15.475  10.156  1.000 15.636 0 323 HOH A O   1 ? 
HETATM 1133 O  O   . HOH I 6 .   ? 10.418  -3.433  -9.605  1.000 19.195 0 324 HOH A O   1 ? 
HETATM 1134 O  O   . HOH I 6 .   ? 2.758   -9.463  5.729   1.000 14.634 0 325 HOH A O   1 ? 
HETATM 1135 O  O   A HOH I 6 .   ? -8.277  0.844   4.642   0.500 11.651 0 326 HOH A O   1 ? 
HETATM 1136 O  O   B HOH I 6 .   ? -9.060  1.385   3.279   0.500 15.808 0 326 HOH A O   1 ? 
HETATM 1137 O  O   . HOH I 6 .   ? 12.082  -0.890  3.406   1.000 29.016 0 327 HOH A O   1 ? 
HETATM 1138 O  O   . HOH I 6 .   ? -10.455 -0.733  0.313   1.000 19.049 0 328 HOH A O   1 ? 
HETATM 1139 O  O   . HOH I 6 .   ? -1.407  11.937  -11.408 1.000 25.961 0 329 HOH A O   1 ? 
HETATM 1140 O  O   . HOH I 6 .   ? -8.184  11.118  3.411   1.000 9.591  0 330 HOH A O   1 ? 
HETATM 1141 O  O   . HOH I 6 .   ? 5.461   -13.587 -9.243  1.000 23.602 0 331 HOH A O   1 ? 
HETATM 1142 O  O   . HOH I 6 .   ? -6.731  2.981   19.061  1.000 35.090 0 332 HOH A O   1 ? 
HETATM 1143 O  O   . HOH I 6 .   ? -2.502  4.769   -16.988 1.000 21.031 0 333 HOH A O   1 ? 
HETATM 1144 O  O   . HOH I 6 .   ? -3.851  -6.029  7.829   1.000 25.982 0 334 HOH A O   1 ? 
HETATM 1145 O  O   . HOH I 6 .   ? -6.583  7.355   -11.509 1.000 18.345 0 335 HOH A O   1 ? 
HETATM 1146 O  O   . HOH I 6 .   ? 9.301   -6.895  8.141   1.000 26.712 0 336 HOH A O   1 ? 
HETATM 1147 O  O   . HOH I 6 .   ? -6.795  -16.734 0.413   1.000 20.038 0 337 HOH A O   1 ? 
HETATM 1148 O  O   . HOH I 6 .   ? -4.907  13.445  -3.815  1.000 12.103 0 338 HOH A O   1 ? 
HETATM 1149 O  O   . HOH I 6 .   ? -7.735  -8.891  -13.684 1.000 22.989 0 339 HOH A O   1 ? 
HETATM 1150 O  O   . HOH I 6 .   ? -7.635  -8.275  -10.998 1.000 14.981 0 340 HOH A O   1 ? 
HETATM 1151 O  O   . HOH I 6 .   ? 6.854   -15.180 -7.677  1.000 19.520 0 341 HOH A O   1 ? 
HETATM 1152 O  O   . HOH I 6 .   ? 7.928   9.688   0.521   1.000 19.345 0 342 HOH A O   1 ? 
HETATM 1153 O  O   . HOH I 6 .   ? -9.569  9.536   8.193   0.500 13.257 0 343 HOH A O   1 ? 
HETATM 1154 O  O   . HOH I 6 .   ? 0.085   11.020  21.218  1.000 32.709 0 344 HOH A O   1 ? 
HETATM 1155 O  O   . HOH I 6 .   ? -3.108  -14.033 -9.062  1.000 18.270 0 345 HOH A O   1 ? 
HETATM 1156 O  O   . HOH I 6 .   ? 7.001   11.134  2.590   1.000 18.945 0 346 HOH A O   1 ? 
HETATM 1157 O  O   . HOH I 6 .   ? 14.702  0.145   -6.848  1.000 29.453 0 347 HOH A O   1 ? 
HETATM 1158 O  O   . HOH I 6 .   ? -11.286 -13.627 -0.045  1.000 32.294 0 348 HOH A O   1 ? 
HETATM 1159 O  O   . HOH I 6 .   ? -5.405  5.244   -14.981 1.000 30.854 0 349 HOH A O   1 ? 
HETATM 1160 O  O   . HOH I 6 .   ? 2.068   14.524  3.590   1.000 22.687 0 350 HOH A O   1 ? 
HETATM 1161 O  O   . HOH I 6 .   ? 14.522  -3.257  -2.301  1.000 33.618 0 351 HOH A O   1 ? 
HETATM 1162 O  O   . HOH I 6 .   ? 2.827   9.022   19.633  1.000 35.245 0 352 HOH A O   1 ? 
HETATM 1163 O  O   . HOH I 6 .   ? -13.205 -5.154  13.010  1.000 43.077 0 353 HOH A O   1 ? 
HETATM 1164 O  O   . HOH I 6 .   ? -11.119 1.618   -6.047  1.000 25.778 0 354 HOH A O   1 ? 
HETATM 1165 O  O   . HOH I 6 .   ? -8.361  6.790   -9.448  1.000 21.206 0 355 HOH A O   1 ? 
HETATM 1166 O  O   . HOH I 6 .   ? -9.405  -15.213 -6.913  1.000 23.333 0 356 HOH A O   1 ? 
HETATM 1167 O  O   . HOH I 6 .   ? -0.701  15.363  -3.106  1.000 22.806 0 357 HOH A O   1 ? 
HETATM 1168 O  O   . HOH I 6 .   ? 4.788   8.161   0.663   1.000 16.869 0 358 HOH A O   1 ? 
HETATM 1169 O  O   . HOH I 6 .   ? 6.903   -7.731  13.187  0.350 24.878 0 359 HOH A O   1 ? 
HETATM 1170 O  O   . HOH I 6 .   ? 14.661  6.473   -8.057  1.000 30.031 0 360 HOH A O   1 ? 
HETATM 1171 O  O   . HOH I 6 .   ? -11.818 -2.775  -1.440  1.000 16.428 0 361 HOH A O   1 ? 
HETATM 1172 O  O   . HOH I 6 .   ? -9.117  -12.479 -13.177 1.000 19.601 0 362 HOH A O   1 ? 
HETATM 1173 O  O   . HOH I 6 .   ? -2.180  -12.836 -6.824  1.000 14.044 0 363 HOH A O   1 ? 
HETATM 1174 O  O   . HOH I 6 .   ? 4.975   14.166  6.631   1.000 26.154 0 364 HOH A O   1 ? 
HETATM 1175 O  O   . HOH I 6 .   ? 0.377   3.900   1.837   1.000 9.806  0 365 HOH A O   1 ? 
HETATM 1176 O  O   A HOH I 6 .   ? -9.146  1.665   20.760  0.500 18.141 0 366 HOH A O   1 ? 
HETATM 1177 O  O   B HOH I 6 .   ? -9.911  3.257   20.566  0.500 25.088 0 366 HOH A O   1 ? 
HETATM 1178 O  O   . HOH I 6 .   ? -9.280  7.656   -2.374  1.000 15.781 0 367 HOH A O   1 ? 
HETATM 1179 O  O   . HOH I 6 .   ? -9.503  -12.146 -4.534  1.000 12.554 0 368 HOH A O   1 ? 
HETATM 1180 O  O   . HOH I 6 .   ? 8.835   4.465   5.142   1.000 19.233 0 369 HOH A O   1 ? 
HETATM 1181 O  O   A HOH I 6 .   ? -4.976  -2.334  13.240  0.500 17.348 0 370 HOH A O   1 ? 
HETATM 1182 O  O   B HOH I 6 .   ? -6.403  -2.433  12.943  0.500 17.108 0 370 HOH A O   1 ? 
HETATM 1183 O  O   . HOH I 6 .   ? -0.275  6.971   18.139  1.000 17.557 0 371 HOH A O   1 ? 
HETATM 1184 O  O   . HOH I 6 .   ? 9.531   1.619   -16.144 0.500 24.963 0 372 HOH A O   1 ? 
HETATM 1185 O  O   . HOH I 6 .   ? 2.486   12.217  17.377  1.000 16.016 0 373 HOH A O   1 ? 
HETATM 1186 O  O   . HOH I 6 .   ? -9.722  4.219   0.435   1.000 27.160 0 374 HOH A O   1 ? 
HETATM 1187 O  O   . HOH I 6 .   ? 7.789   0.850   17.161  1.000 26.279 0 375 HOH A O   1 ? 
HETATM 1188 O  O   . HOH I 6 .   ? -8.351  12.617  16.284  1.000 19.566 0 376 HOH A O   1 ? 
HETATM 1189 O  O   . HOH I 6 .   ? 11.073  -5.307  -12.107 1.000 67.655 0 377 HOH A O   1 ? 
HETATM 1190 O  O   . HOH I 6 .   ? 0.737   -9.458  11.057  0.350 19.006 0 378 HOH A O   1 ? 
HETATM 1191 O  O   . HOH I 6 .   ? 2.950   3.846   -20.169 1.000 23.591 0 379 HOH A O   1 ? 
HETATM 1192 O  O   . HOH I 6 .   ? 10.129  3.964   15.614  1.000 30.611 0 380 HOH A O   1 ? 
HETATM 1193 O  O   . HOH I 6 .   ? -13.222 -6.587  -7.097  1.000 12.469 0 381 HOH A O   1 ? 
HETATM 1194 O  O   A HOH I 6 .   ? -1.285  -3.629  5.143   0.500 10.814 0 382 HOH A O   1 ? 
HETATM 1195 O  O   B HOH I 6 .   ? -1.566  -2.291  4.844   0.500 20.425 0 382 HOH A O   1 ? 
HETATM 1196 O  O   . HOH I 6 .   ? -9.470  -6.144  11.969  1.000 42.779 0 383 HOH A O   1 ? 
HETATM 1197 O  O   . HOH I 6 .   ? 12.268  -9.908  -2.413  1.000 31.918 0 384 HOH A O   1 ? 
HETATM 1198 O  O   . HOH I 6 .   ? 2.892   15.812  -1.109  1.000 22.850 0 385 HOH A O   1 ? 
HETATM 1199 O  O   . HOH I 6 .   ? -0.651  -4.501  9.128   1.000 31.633 0 386 HOH A O   1 ? 
HETATM 1200 O  O   . HOH I 6 .   ? 1.380   -9.249  8.056   1.000 21.775 0 387 HOH A O   1 ? 
HETATM 1201 O  O   . HOH I 6 .   ? 0.902   -12.957 -9.355  1.000 19.988 0 388 HOH A O   1 ? 
HETATM 1202 O  O   . HOH I 6 .   ? 0.274   5.889   15.925  1.000 14.040 0 389 HOH A O   1 ? 
HETATM 1203 O  O   A HOH I 6 .   ? -11.661 7.788   8.179   0.300 8.002  0 390 HOH A O   1 ? 
HETATM 1204 O  O   B HOH I 6 .   ? -12.798 6.674   8.264   0.500 11.132 0 390 HOH A O   1 ? 
HETATM 1205 O  O   . HOH I 6 .   ? -1.131  6.629   -16.055 1.000 18.293 0 391 HOH A O   1 ? 
HETATM 1206 O  O   . HOH I 6 .   ? 6.802   9.078   -6.126  1.000 25.706 0 392 HOH A O   1 ? 
HETATM 1207 O  O   . HOH I 6 .   ? 3.346   -12.702 -8.549  1.000 12.461 0 393 HOH A O   1 ? 
HETATM 1208 O  O   . HOH I 6 .   ? 10.244  2.109   -13.694 1.000 19.703 0 394 HOH A O   1 ? 
HETATM 1209 O  O   . HOH I 6 .   ? 7.082   6.726   17.226  1.000 30.028 0 395 HOH A O   1 ? 
HETATM 1210 O  O   . HOH I 6 .   ? 14.399  -4.324  0.822   1.000 40.302 0 396 HOH A O   1 ? 
HETATM 1211 O  O   . HOH I 6 .   ? -3.598  14.258  -8.702  1.000 23.824 0 397 HOH A O   1 ? 
HETATM 1212 O  O   . HOH I 6 .   ? 8.591   6.950   -11.434 1.000 20.034 0 398 HOH A O   1 ? 
HETATM 1213 O  O   A HOH I 6 .   ? 6.040   7.158   -12.409 0.500 12.951 0 399 HOH A O   1 ? 
HETATM 1214 O  O   B HOH I 6 .   ? 4.996   7.999   -12.027 0.500 11.373 0 399 HOH A O   1 ? 
HETATM 1215 O  O   . HOH I 6 .   ? -7.278  -15.948 -12.473 1.000 40.907 0 400 HOH A O   1 ? 
HETATM 1216 O  O   . HOH I 6 .   ? 12.108  -6.619  -6.180  1.000 33.605 0 401 HOH A O   1 ? 
HETATM 1217 O  O   A HOH I 6 .   ? -0.780  -2.006  7.323   0.500 11.365 0 402 HOH A O   1 ? 
HETATM 1218 O  O   B HOH I 6 .   ? -1.754  -1.636  6.808   0.500 13.186 0 402 HOH A O   1 ? 
HETATM 1219 O  O   . HOH I 6 .   ? -3.872  -16.681 3.170   1.000 29.039 0 403 HOH A O   1 ? 
HETATM 1220 O  O   . HOH I 6 .   ? 7.206   -4.715  -15.352 1.000 32.874 0 404 HOH A O   1 ? 
HETATM 1221 O  O   . HOH I 6 .   ? -4.451  12.466  19.584  1.000 29.494 0 405 HOH A O   1 ? 
HETATM 1222 O  O   . HOH I 6 .   ? 3.159   5.057   16.822  1.000 16.644 0 406 HOH A O   1 ? 
HETATM 1223 O  O   . HOH I 6 .   ? 10.265  2.682   6.451   1.000 26.798 0 407 HOH A O   1 ? 
HETATM 1224 O  O   . HOH I 6 .   ? 12.882  -7.916  -10.995 1.000 34.719 0 408 HOH A O   1 ? 
HETATM 1225 O  O   . HOH I 6 .   ? 3.714   2.977   -17.600 1.000 28.439 0 409 HOH A O   1 ? 
HETATM 1226 O  O   . HOH I 6 .   ? -5.309  0.267   18.067  1.000 31.180 0 410 HOH A O   1 ? 
HETATM 1227 O  O   A HOH I 6 .   ? 8.354   8.855   13.317  0.500 17.986 0 411 HOH A O   1 ? 
HETATM 1228 O  O   B HOH I 6 .   ? 7.370   10.031  14.206  0.500 31.081 0 411 HOH A O   1 ? 
HETATM 1229 O  O   . HOH I 6 .   ? 5.370   -8.511  -16.534 1.000 39.192 0 412 HOH A O   1 ? 
HETATM 1230 O  O   . HOH I 6 .   ? -2.822  -4.055  9.365   1.000 37.871 0 413 HOH A O   1 ? 
HETATM 1231 O  O   . HOH I 6 .   ? 11.103  -4.176  16.468  1.000 37.530 0 414 HOH A O   1 ? 
HETATM 1232 O  O   . HOH I 6 .   ? 6.911   9.245   -8.409  1.000 24.690 0 415 HOH A O   1 ? 
HETATM 1233 O  O   . HOH I 6 .   ? 0.176   4.012   -21.262 1.000 35.455 0 416 HOH A O   1 ? 
HETATM 1234 O  O   . HOH I 6 .   ? 0.017   7.162   20.323  1.000 31.624 0 417 HOH A O   1 ? 
HETATM 1235 O  O   . HOH I 6 .   ? 16.337  5.103   13.357  1.000 33.612 0 418 HOH A O   1 ? 
HETATM 1236 O  O   . HOH I 6 .   ? 6.934   -1.356  22.224  1.000 35.226 0 419 HOH A O   1 ? 
HETATM 1237 O  O   . HOH I 6 .   ? -17.404 -3.005  16.579  1.000 38.578 0 420 HOH A O   1 ? 
HETATM 1238 O  O   . HOH I 6 .   ? -5.996  -17.297 -4.697  1.000 18.646 0 421 HOH A O   1 ? 
HETATM 1239 O  O   . HOH I 6 .   ? 4.964   4.477   18.490  1.000 31.807 0 422 HOH A O   1 ? 
HETATM 1240 O  O   . HOH I 6 .   ? -0.435  -13.727 -16.865 1.000 30.295 0 423 HOH A O   1 ? 
HETATM 1241 O  O   . HOH I 6 .   ? -9.827  -6.690  -10.574 1.000 22.611 0 424 HOH A O   1 ? 
HETATM 1242 O  O   . HOH I 6 .   ? 3.399   15.787  1.775   1.000 34.874 0 425 HOH A O   1 ? 
HETATM 1243 O  O   . HOH I 6 .   ? 8.608   -6.251  12.221  1.000 51.684 0 426 HOH A O   1 ? 
HETATM 1244 O  O   . HOH I 6 .   ? -7.812  -3.818  -15.008 1.000 35.057 0 427 HOH A O   1 ? 
HETATM 1245 O  O   . HOH I 6 .   ? 5.781   13.944  3.989   1.000 36.364 0 428 HOH A O   1 ? 
HETATM 1246 O  O   . HOH I 6 .   ? -10.647 -14.441 -11.636 1.000 37.148 0 429 HOH A O   1 ? 
HETATM 1247 O  O   . HOH I 6 .   ? -3.064  -16.837 -9.382  1.000 26.232 0 430 HOH A O   1 ? 
HETATM 1248 O  O   . HOH I 6 .   ? 5.589   8.982   -10.464 1.000 28.637 0 431 HOH A O   1 ? 
HETATM 1249 O  O   . HOH I 6 .   ? -7.574  -16.740 -2.329  1.000 25.032 0 432 HOH A O   1 ? 
HETATM 1250 O  O   . HOH I 6 .   ? -11.497 -1.429  -11.520 1.000 30.839 0 433 HOH A O   1 ? 
HETATM 1251 O  O   . HOH I 6 .   ? 2.267   11.622  20.090  1.000 30.853 0 434 HOH A O   1 ? 
HETATM 1252 O  O   . HOH I 6 .   ? 10.713  6.319   4.924   1.000 31.275 0 435 HOH A O   1 ? 
HETATM 1253 O  O   . HOH I 6 .   ? 9.131   -4.560  10.361  1.000 32.515 0 436 HOH A O   1 ? 
HETATM 1254 O  O   . HOH I 6 .   ? -6.020  -19.070 -13.368 1.000 42.182 0 437 HOH A O   1 ? 
# 
